data_5MZO
#
_entry.id   5MZO
#
_cell.length_a   163.570
_cell.length_b   163.570
_cell.length_c   248.584
_cell.angle_alpha   90.00
_cell.angle_beta   90.00
_cell.angle_gamma   120.00
#
_symmetry.space_group_name_H-M   'P 61 2 2'
#
loop_
_entity.id
_entity.type
_entity.pdbx_description
1 polymer 'UDP-glucose-glycoprotein glucosyltransferase-like protein'
2 branched 2-acetamido-2-deoxy-beta-D-glucopyranose-(1-4)-2-acetamido-2-deoxy-beta-D-glucopyranose
3 branched alpha-D-mannopyranose-(1-6)-alpha-D-mannopyranose-(1-3)-beta-D-mannopyranose-(1-4)-2-acetamido-2-deoxy-beta-D-glucopyranose-(1-4)-2-acetamido-2-deoxy-beta-D-glucopyranose
4 non-polymer 2-acetamido-2-deoxy-beta-D-glucopyranose
5 non-polymer 'CALCIUM ION'
6 non-polymer 1,2-ETHANEDIOL
7 water water
#
_entity_poly.entity_id   1
_entity_poly.type   'polypeptide(L)'
_entity_poly.pdbx_seq_one_letter_code
;ETGQVAASPSINVALKAAFPSPPYLVELLETAASDNTTIYYSLLDRIAKGHFAEATTDKALYEKFLEVLRDDGHMDPEAL
SAFKLALSLRTATPRVEAHYQYYTATVEPSLSGTQEGCDQWFLIDGEQYCSPTLDTSHGKVKGEDQLRTLPFDRKFGVGS
RDVILYADITSKSFAPFHEVAMDLAKKGKASYRVRYRRSPSHSRESLSVNGYGVELVLKRTDYIVIDDRDTGAAAKPAEE
NDQKPLVGHETVLDDGEEIADIKPLEKSELAALGMKAASFVMQSEKPFEALLKLTQDFPKYSNSLGSQNVSAEFEAEHRG
NREVFLPEGSNVLWLNGLHLIDRQIQPFGLVDLLTRERKLIKSVLDLGLTGQQAVDLLGHAEVAHAKSGDDEPRRFDWRD
DIEEGQVIIWLNNLEKDKRYKSFSPSIWVLIHHFGHGLPQIRRDVFNLVVPVDLTKADDVKIVVEGLLSFVKRLIPVRFG
FVPLTPTGQAIDQAKVVYYLLENYGLAAATAYLEKSYEEQSTGQPNERIFNEVIKDKSLRPDGVELSFKDIFISEKHEKQ
IHLSKHWVERLRAGGDVPTVFFDGFPIPREDNWLRVMNHRLMQDLQALQQAGYFGMLNESMWLPGFFLEKALSRRNTLIF
PEDKNELTVLNVNKIYIENHDLMSKVPVIEASKESTRDDWAALTVVADLDDIEGQELVYYALRFRKSNDGVRLDIVHNPK
DTSRSPSVLAQRLKSREDKLLDFTRFLDLETALETGEFEPDVAYDASLANFLASSNMKAGDNFVILNGRVLGPITSADDF
KKEDFEVFLQAERRTRILPVYKALEDLGLDDKVSGPLSAAKLTSVTALSTISDLPQGIFDNAPTVRTTLFKQWNSTYTSF
EVGDASTATIFFVAVINPASEIGQRWVAVLKVLSELEGVHLRVFLNPTVMIEELPVKRFYRYVLSSSPSFDESGKVKALS
ARFTGVPRETLLVVGMDVPPAWLVTSKVAVDDLDNLRIKDIKAKRGTEHVEAIYELEHILIEGHSREIPGAHAPRGVQLV
LETENNPHFADTIIMANLGYFQFKANPGVYNIRLKEGRSSEIFTLESVGAKGWGPIPGDDNTEVVLMDFQGTTLYPRLRR
KPGMEEEDVLEPSTKSGEESGSGARNLVSRGIKFAEGLLGRGNKAAEATKSVSKTEHAEINIFSVASGHLYERMLNIMMA
SVMHHTNHTVKFWFIEQFLSPSFKDFIPHMAAEYGFKYEMVTYKWPHWLRQQKEKQREIWGYKILFLDVLFPLSLDKVIF
VDADQIVRTDMYDLVEHPLDGAPYGFAPMCDSRVEMEGYRFWKTGYWANYLKGKPYHISALYVVDLQRFRELAAGDRLRQ
QYHALSADPNSLANLDQDLPNHMQFTIPIATLPQEWLWCETWCSDETLKDARTIDLCNNPMTKEPKLDRARRQVPEWTKY
DEEIAELARRVREEKPKKKEEEKVQKNPKSRRLDGDEEEVKTVREGTKHHHHHH
;
_entity_poly.pdbx_strand_id   A
#
# COMPACT_ATOMS: atom_id res chain seq x y z
N ALA A 7 -1.69 30.35 36.04
CA ALA A 7 -0.80 30.47 37.19
C ALA A 7 0.30 29.41 37.20
N SER A 8 -0.06 28.14 36.84
CA SER A 8 0.84 26.98 36.80
C SER A 8 1.96 27.09 35.76
N PRO A 9 3.17 26.47 35.98
CA PRO A 9 4.20 26.51 34.94
C PRO A 9 3.77 25.65 33.75
N SER A 10 3.71 26.26 32.56
CA SER A 10 3.19 25.60 31.37
C SER A 10 4.17 25.48 30.22
N ILE A 11 3.89 24.54 29.31
CA ILE A 11 4.63 24.33 28.06
C ILE A 11 3.62 24.31 26.92
N ASN A 12 3.82 25.18 25.93
CA ASN A 12 2.94 25.32 24.78
C ASN A 12 3.67 25.07 23.47
N VAL A 13 3.13 24.14 22.67
CA VAL A 13 3.69 23.77 21.38
C VAL A 13 2.65 23.85 20.25
N ALA A 14 3.00 24.57 19.18
CA ALA A 14 2.16 24.79 18.00
C ALA A 14 2.89 24.43 16.72
N LEU A 15 2.12 23.99 15.69
CA LEU A 15 2.66 23.63 14.38
C LEU A 15 2.02 24.47 13.30
N LYS A 16 2.86 24.98 12.40
CA LYS A 16 2.46 25.83 11.29
C LYS A 16 3.01 25.25 9.99
N ALA A 17 2.20 25.25 8.92
CA ALA A 17 2.58 24.72 7.62
C ALA A 17 3.61 25.59 6.88
N ALA A 18 4.21 25.06 5.79
CA ALA A 18 5.23 25.76 4.99
C ALA A 18 4.63 26.58 3.85
N PHE A 19 3.32 26.80 3.91
CA PHE A 19 2.60 27.59 2.93
C PHE A 19 1.60 28.53 3.61
N PRO A 20 1.38 29.75 3.08
CA PRO A 20 0.42 30.67 3.71
C PRO A 20 -0.99 30.15 3.71
N SER A 21 -1.78 30.65 4.67
CA SER A 21 -3.16 30.24 4.84
C SER A 21 -4.03 30.75 3.71
N PRO A 22 -4.70 29.84 2.97
CA PRO A 22 -5.61 30.27 1.91
C PRO A 22 -6.82 30.98 2.51
N PRO A 23 -7.50 31.86 1.73
CA PRO A 23 -8.68 32.55 2.27
C PRO A 23 -9.73 31.56 2.75
N TYR A 24 -10.31 31.83 3.92
CA TYR A 24 -11.30 30.94 4.50
C TYR A 24 -12.48 30.61 3.60
N LEU A 25 -12.97 31.59 2.81
CA LEU A 25 -14.09 31.38 1.90
C LEU A 25 -13.89 30.20 1.00
N VAL A 26 -12.78 30.22 0.24
CA VAL A 26 -12.43 29.17 -0.72
C VAL A 26 -12.22 27.82 -0.01
N GLU A 27 -11.67 27.83 1.23
CA GLU A 27 -11.48 26.63 2.04
C GLU A 27 -12.80 25.94 2.38
N LEU A 28 -13.84 26.74 2.71
CA LEU A 28 -15.16 26.23 3.05
C LEU A 28 -15.86 25.65 1.85
N LEU A 29 -15.63 26.23 0.66
CA LEU A 29 -16.21 25.76 -0.58
C LEU A 29 -15.72 24.33 -0.84
N GLU A 30 -14.39 24.14 -0.76
CA GLU A 30 -13.70 22.89 -0.99
C GLU A 30 -14.02 21.81 0.03
N THR A 31 -14.00 22.18 1.32
CA THR A 31 -14.33 21.21 2.36
C THR A 31 -15.75 20.72 2.13
N ALA A 32 -16.70 21.69 1.94
CA ALA A 32 -18.12 21.46 1.76
C ALA A 32 -18.48 20.51 0.65
N ALA A 33 -17.90 20.72 -0.52
CA ALA A 33 -18.15 19.85 -1.65
C ALA A 33 -16.93 18.94 -1.76
N SER A 34 -16.93 17.84 -0.99
CA SER A 34 -15.77 16.95 -0.96
C SER A 34 -15.41 16.44 -2.34
N ASP A 35 -16.36 15.78 -2.97
CA ASP A 35 -16.18 15.17 -4.29
C ASP A 35 -17.47 15.19 -5.09
N ASN A 36 -18.51 15.81 -4.51
CA ASN A 36 -19.74 15.97 -5.24
C ASN A 36 -19.56 17.33 -5.89
N THR A 37 -19.64 17.36 -7.23
CA THR A 37 -19.47 18.58 -8.01
C THR A 37 -20.71 19.44 -7.92
N THR A 38 -21.89 18.81 -7.90
CA THR A 38 -23.13 19.56 -7.86
C THR A 38 -23.10 20.50 -6.67
N ILE A 39 -22.66 20.02 -5.48
CA ILE A 39 -22.52 20.84 -4.26
C ILE A 39 -21.55 22.00 -4.49
N TYR A 40 -20.50 21.76 -5.27
CA TYR A 40 -19.47 22.75 -5.54
C TYR A 40 -20.01 23.94 -6.31
N TYR A 41 -20.56 23.70 -7.51
CA TYR A 41 -21.08 24.76 -8.35
C TYR A 41 -22.35 25.36 -7.80
N SER A 42 -23.17 24.57 -7.09
CA SER A 42 -24.39 25.06 -6.44
C SER A 42 -24.04 26.08 -5.37
N LEU A 43 -22.83 25.96 -4.78
CA LEU A 43 -22.33 26.89 -3.78
C LEU A 43 -21.62 28.02 -4.47
N LEU A 44 -20.96 27.74 -5.60
CA LEU A 44 -20.26 28.75 -6.38
C LEU A 44 -21.22 29.78 -6.94
N ASP A 45 -22.48 29.36 -7.21
CA ASP A 45 -23.54 30.24 -7.65
C ASP A 45 -23.86 31.20 -6.51
N ARG A 46 -24.10 30.64 -5.31
CA ARG A 46 -24.45 31.36 -4.08
C ARG A 46 -23.51 32.49 -3.74
N ILE A 47 -22.20 32.30 -3.93
CA ILE A 47 -21.20 33.33 -3.61
C ILE A 47 -21.04 34.34 -4.74
N ALA A 48 -21.43 33.95 -5.97
CA ALA A 48 -21.37 34.84 -7.11
C ALA A 48 -22.61 35.72 -7.17
N LYS A 49 -23.62 35.43 -6.33
CA LYS A 49 -24.83 36.24 -6.15
C LYS A 49 -24.33 37.50 -5.45
N GLY A 50 -23.35 37.26 -4.58
CA GLY A 50 -22.77 38.22 -3.65
C GLY A 50 -23.43 37.91 -2.33
N HIS A 51 -23.94 36.68 -2.23
CA HIS A 51 -24.66 36.17 -1.08
C HIS A 51 -23.75 36.09 0.15
N PHE A 52 -22.50 35.67 -0.05
CA PHE A 52 -21.57 35.54 1.05
C PHE A 52 -20.72 36.81 1.29
N ALA A 53 -21.16 37.96 0.74
CA ALA A 53 -20.46 39.24 0.88
C ALA A 53 -20.74 39.91 2.20
N GLU A 54 -21.92 39.67 2.75
CA GLU A 54 -22.39 40.32 3.99
C GLU A 54 -21.79 39.71 5.27
N ALA A 55 -21.01 38.61 5.14
CA ALA A 55 -20.35 37.96 6.25
C ALA A 55 -18.93 38.48 6.31
N THR A 56 -18.65 39.26 7.36
CA THR A 56 -17.38 39.93 7.63
C THR A 56 -16.29 39.03 8.20
N THR A 57 -16.65 38.10 9.10
CA THR A 57 -15.68 37.26 9.79
C THR A 57 -15.82 35.79 9.48
N ASP A 58 -14.71 35.06 9.67
CA ASP A 58 -14.60 33.63 9.45
C ASP A 58 -15.69 32.85 10.14
N LYS A 59 -15.99 33.21 11.40
CA LYS A 59 -17.06 32.59 12.17
C LYS A 59 -18.39 32.76 11.48
N ALA A 60 -18.74 34.02 11.11
CA ALA A 60 -19.98 34.40 10.44
C ALA A 60 -20.12 33.65 9.12
N LEU A 61 -19.03 33.60 8.37
CA LEU A 61 -18.90 32.92 7.10
C LEU A 61 -19.14 31.43 7.28
N TYR A 62 -18.52 30.83 8.31
CA TYR A 62 -18.68 29.43 8.65
C TYR A 62 -20.12 29.19 9.06
N GLU A 63 -20.69 30.10 9.88
CA GLU A 63 -22.07 30.05 10.37
C GLU A 63 -23.03 30.02 9.22
N LYS A 64 -22.79 30.86 8.20
CA LYS A 64 -23.61 30.97 7.01
C LYS A 64 -23.66 29.68 6.21
N PHE A 65 -22.53 29.00 6.06
CA PHE A 65 -22.47 27.73 5.34
C PHE A 65 -23.34 26.64 5.91
N LEU A 66 -23.42 26.55 7.25
CA LEU A 66 -24.25 25.56 7.96
C LEU A 66 -25.72 25.69 7.59
N GLU A 67 -26.25 26.93 7.64
CA GLU A 67 -27.64 27.25 7.30
C GLU A 67 -27.92 26.87 5.84
N VAL A 68 -27.02 27.27 4.92
CA VAL A 68 -27.09 26.99 3.48
C VAL A 68 -27.16 25.51 3.15
N LEU A 69 -26.18 24.72 3.65
CA LEU A 69 -26.10 23.28 3.41
C LEU A 69 -27.36 22.57 3.87
N ARG A 70 -27.81 22.86 5.10
CA ARG A 70 -29.03 22.30 5.68
C ARG A 70 -30.27 22.73 4.88
N ASP A 71 -30.38 24.03 4.52
CA ASP A 71 -31.50 24.59 3.76
C ASP A 71 -31.62 24.08 2.33
N ASP A 72 -30.48 23.86 1.64
CA ASP A 72 -30.51 23.40 0.27
C ASP A 72 -30.53 21.86 0.11
N GLY A 73 -30.56 21.15 1.24
CA GLY A 73 -30.64 19.69 1.30
C GLY A 73 -29.35 18.94 1.00
N HIS A 74 -28.22 19.67 0.98
CA HIS A 74 -26.88 19.15 0.69
C HIS A 74 -26.36 18.17 1.75
N MET A 75 -26.56 18.50 3.04
CA MET A 75 -26.09 17.68 4.14
C MET A 75 -27.17 17.41 5.15
N ASP A 76 -27.08 16.25 5.77
CA ASP A 76 -27.94 15.77 6.83
C ASP A 76 -27.12 15.91 8.13
N PRO A 77 -27.65 15.54 9.33
CA PRO A 77 -26.86 15.68 10.55
C PRO A 77 -25.49 15.00 10.48
N GLU A 78 -25.46 13.74 9.99
CA GLU A 78 -24.26 12.92 9.85
C GLU A 78 -23.19 13.59 9.02
N ALA A 79 -23.58 14.09 7.84
CA ALA A 79 -22.66 14.73 6.91
C ALA A 79 -22.20 16.09 7.38
N LEU A 80 -23.08 16.84 8.08
CA LEU A 80 -22.76 18.16 8.61
C LEU A 80 -21.69 18.04 9.66
N SER A 81 -21.85 17.06 10.55
CA SER A 81 -20.92 16.76 11.65
C SER A 81 -19.54 16.38 11.13
N ALA A 82 -19.52 15.61 10.03
CA ALA A 82 -18.31 15.19 9.33
C ALA A 82 -17.64 16.38 8.67
N PHE A 83 -18.45 17.35 8.19
CA PHE A 83 -17.97 18.59 7.58
C PHE A 83 -17.19 19.42 8.60
N LYS A 84 -17.75 19.61 9.82
CA LYS A 84 -17.12 20.39 10.90
C LYS A 84 -15.74 19.85 11.25
N LEU A 85 -15.62 18.53 11.49
CA LEU A 85 -14.35 17.89 11.81
C LEU A 85 -13.32 18.05 10.70
N ALA A 86 -13.72 17.80 9.46
CA ALA A 86 -12.82 17.94 8.32
C ALA A 86 -12.40 19.39 8.15
N LEU A 87 -13.29 20.33 8.47
CA LEU A 87 -13.01 21.76 8.40
C LEU A 87 -12.00 22.16 9.50
N SER A 88 -12.09 21.51 10.70
CA SER A 88 -11.16 21.78 11.79
C SER A 88 -9.81 21.35 11.36
N LEU A 89 -9.72 20.12 10.84
CA LEU A 89 -8.49 19.52 10.35
C LEU A 89 -7.80 20.30 9.26
N ARG A 90 -8.54 21.21 8.59
CA ARG A 90 -8.07 22.09 7.52
C ARG A 90 -7.61 21.22 6.35
N THR A 91 -8.37 20.15 6.08
CA THR A 91 -8.11 19.15 5.05
C THR A 91 -8.07 19.71 3.62
N ALA A 92 -8.86 20.76 3.37
CA ALA A 92 -8.94 21.38 2.06
C ALA A 92 -7.81 22.35 1.75
N THR A 93 -7.09 22.90 2.77
CA THR A 93 -6.00 23.87 2.57
C THR A 93 -4.90 23.34 1.62
N PRO A 94 -4.35 22.10 1.71
CA PRO A 94 -3.35 21.67 0.73
C PRO A 94 -3.90 21.53 -0.68
N ARG A 95 -5.20 21.22 -0.81
CA ARG A 95 -5.90 21.09 -2.10
C ARG A 95 -5.93 22.45 -2.83
N VAL A 96 -6.08 23.56 -2.08
CA VAL A 96 -6.14 24.92 -2.60
C VAL A 96 -4.74 25.39 -2.96
N GLU A 97 -3.74 25.04 -2.14
CA GLU A 97 -2.33 25.37 -2.36
C GLU A 97 -1.79 24.66 -3.59
N ALA A 98 -2.44 23.56 -4.00
CA ALA A 98 -2.07 22.81 -5.19
C ALA A 98 -2.32 23.71 -6.38
N HIS A 99 -3.45 24.43 -6.35
CA HIS A 99 -3.84 25.37 -7.38
C HIS A 99 -2.80 26.47 -7.50
N TYR A 100 -2.42 27.08 -6.37
CA TYR A 100 -1.46 28.17 -6.29
C TYR A 100 -0.12 27.79 -6.80
N GLN A 101 0.44 26.64 -6.32
CA GLN A 101 1.74 26.17 -6.78
C GLN A 101 1.70 25.92 -8.26
N TYR A 102 0.60 25.34 -8.74
CA TYR A 102 0.42 25.10 -10.17
C TYR A 102 0.40 26.41 -10.91
N TYR A 103 -0.37 27.36 -10.41
CA TYR A 103 -0.49 28.69 -10.99
C TYR A 103 0.85 29.44 -11.00
N THR A 104 1.60 29.42 -9.88
CA THR A 104 2.88 30.12 -9.73
C THR A 104 3.96 29.56 -10.61
N ALA A 105 4.00 28.22 -10.75
CA ALA A 105 5.05 27.51 -11.49
C ALA A 105 4.78 27.17 -12.96
N THR A 106 3.53 27.02 -13.38
CA THR A 106 3.29 26.67 -14.78
C THR A 106 2.51 27.76 -15.51
N VAL A 107 1.56 28.46 -14.85
CA VAL A 107 0.74 29.47 -15.50
C VAL A 107 1.50 30.76 -15.78
N GLU A 108 2.01 31.44 -14.73
CA GLU A 108 2.70 32.73 -14.83
C GLU A 108 3.87 32.75 -15.82
N PRO A 109 4.79 31.76 -15.84
CA PRO A 109 5.90 31.83 -16.81
C PRO A 109 5.55 31.46 -18.25
N SER A 110 4.36 30.88 -18.47
CA SER A 110 3.87 30.44 -19.77
C SER A 110 2.82 31.38 -20.34
N LEU A 111 2.62 32.47 -19.61
CA LEU A 111 1.70 33.52 -19.96
C LEU A 111 2.49 34.81 -20.18
N SER A 112 3.09 34.91 -21.37
CA SER A 112 3.88 36.06 -21.76
C SER A 112 2.99 37.22 -22.14
N GLY A 113 3.48 38.41 -21.82
CA GLY A 113 2.82 39.69 -22.04
C GLY A 113 2.93 40.59 -20.82
N THR A 114 2.12 41.65 -20.79
CA THR A 114 2.07 42.61 -19.69
C THR A 114 0.68 42.50 -19.09
N GLN A 115 0.58 41.96 -17.88
CA GLN A 115 -0.71 41.75 -17.22
C GLN A 115 -1.10 42.97 -16.39
N GLU A 116 -2.24 43.57 -16.73
CA GLU A 116 -2.83 44.75 -16.09
C GLU A 116 -4.33 44.63 -16.29
N GLY A 117 -5.05 44.45 -15.17
CA GLY A 117 -6.50 44.29 -15.16
C GLY A 117 -6.95 42.86 -15.32
N CYS A 118 -5.98 41.95 -15.60
CA CYS A 118 -6.23 40.53 -15.79
C CYS A 118 -6.21 39.77 -14.48
N ASP A 119 -7.03 40.19 -13.51
CA ASP A 119 -7.10 39.51 -12.22
C ASP A 119 -7.70 38.12 -12.43
N GLN A 120 -8.72 38.03 -13.25
CA GLN A 120 -9.35 36.77 -13.64
C GLN A 120 -9.26 36.68 -15.14
N TRP A 121 -9.19 35.45 -15.69
CA TRP A 121 -9.14 35.23 -17.14
C TRP A 121 -9.38 33.80 -17.54
N PHE A 122 -10.26 33.64 -18.49
CA PHE A 122 -10.55 32.36 -19.09
C PHE A 122 -9.41 31.98 -19.99
N LEU A 123 -9.20 30.69 -20.16
CA LEU A 123 -8.24 30.17 -21.10
C LEU A 123 -9.06 29.33 -22.09
N ILE A 124 -9.13 29.74 -23.36
CA ILE A 124 -9.86 29.02 -24.40
C ILE A 124 -8.92 28.74 -25.55
N ASP A 125 -8.76 27.47 -25.96
CA ASP A 125 -7.91 27.03 -27.08
C ASP A 125 -6.48 27.62 -27.04
N GLY A 126 -5.87 27.65 -25.85
CA GLY A 126 -4.54 28.23 -25.66
C GLY A 126 -4.53 29.72 -25.93
N GLU A 127 -5.67 30.39 -25.63
CA GLU A 127 -5.87 31.83 -25.82
C GLU A 127 -6.42 32.39 -24.51
N GLN A 128 -5.83 33.48 -24.01
CA GLN A 128 -6.24 34.10 -22.76
C GLN A 128 -7.19 35.26 -23.00
N TYR A 129 -8.32 35.33 -22.25
CA TYR A 129 -9.28 36.44 -22.35
C TYR A 129 -9.53 37.08 -20.98
N CYS A 130 -9.03 38.29 -20.78
CA CYS A 130 -9.16 39.02 -19.51
C CYS A 130 -10.51 39.66 -19.27
N SER A 131 -11.43 39.52 -20.23
CA SER A 131 -12.76 40.12 -20.16
C SER A 131 -13.86 39.11 -20.38
N PRO A 132 -15.04 39.25 -19.71
CA PRO A 132 -16.15 38.34 -19.98
C PRO A 132 -16.71 38.51 -21.40
N THR A 133 -16.72 39.76 -21.91
CA THR A 133 -17.20 40.10 -23.25
C THR A 133 -16.44 39.33 -24.37
N LEU A 134 -15.27 38.72 -24.03
CA LEU A 134 -14.46 37.82 -24.85
C LEU A 134 -13.97 38.39 -26.23
N ASP A 135 -13.87 39.71 -26.31
CA ASP A 135 -13.49 40.53 -27.47
C ASP A 135 -12.13 40.20 -28.07
N THR A 136 -11.05 40.35 -27.30
CA THR A 136 -9.69 40.13 -27.80
C THR A 136 -8.92 39.17 -26.87
N SER A 137 -7.97 38.44 -27.48
CA SER A 137 -7.08 37.48 -26.84
C SER A 137 -5.64 37.96 -26.80
N HIS A 138 -5.12 38.04 -25.57
CA HIS A 138 -3.75 38.44 -25.27
C HIS A 138 -2.72 37.46 -25.79
N GLY A 139 -2.98 36.16 -25.73
CA GLY A 139 -1.97 35.28 -26.27
C GLY A 139 -2.20 33.83 -26.59
N LYS A 140 -1.19 33.28 -27.29
CA LYS A 140 -0.94 31.88 -27.58
C LYS A 140 -0.06 31.56 -26.36
N VAL A 141 -0.59 30.77 -25.41
CA VAL A 141 0.14 30.50 -24.17
C VAL A 141 1.23 29.47 -24.41
N LYS A 142 2.46 29.83 -24.04
CA LYS A 142 3.64 29.00 -24.20
C LYS A 142 3.63 27.82 -23.21
N GLY A 143 4.52 26.85 -23.38
CA GLY A 143 4.59 25.70 -22.48
C GLY A 143 3.63 24.57 -22.79
N GLU A 144 3.55 23.56 -21.89
CA GLU A 144 2.70 22.36 -22.04
C GLU A 144 1.20 22.70 -22.02
N ASP A 145 0.32 21.81 -22.56
CA ASP A 145 -1.12 22.09 -22.57
C ASP A 145 -1.67 22.10 -21.18
N GLN A 146 -2.45 23.14 -20.88
CA GLN A 146 -3.05 23.28 -19.56
C GLN A 146 -4.41 22.66 -19.52
N LEU A 147 -4.88 22.17 -20.66
CA LEU A 147 -6.18 21.53 -20.75
C LEU A 147 -6.17 20.12 -20.22
N ARG A 148 -5.00 19.65 -19.70
CA ARG A 148 -4.86 18.33 -19.08
C ARG A 148 -5.81 18.30 -17.88
N THR A 149 -6.74 17.31 -17.83
CA THR A 149 -7.61 17.19 -16.67
C THR A 149 -6.79 16.55 -15.57
N LEU A 150 -6.64 17.28 -14.48
CA LEU A 150 -5.81 16.81 -13.39
C LEU A 150 -6.61 16.64 -12.07
N PRO A 151 -6.03 15.92 -11.07
CA PRO A 151 -6.77 15.54 -9.86
C PRO A 151 -7.66 16.55 -9.18
N PHE A 152 -7.22 17.82 -9.07
CA PHE A 152 -8.05 18.79 -8.36
C PHE A 152 -9.14 19.45 -9.22
N ASP A 153 -9.23 19.09 -10.51
CA ASP A 153 -10.23 19.67 -11.39
C ASP A 153 -11.63 19.20 -11.07
N ARG A 154 -12.58 19.99 -11.56
CA ARG A 154 -14.01 19.75 -11.54
C ARG A 154 -14.51 20.14 -12.89
N LYS A 155 -15.51 19.46 -13.42
CA LYS A 155 -16.06 19.84 -14.70
C LYS A 155 -17.52 20.03 -14.53
N PHE A 156 -18.02 21.08 -15.17
CA PHE A 156 -19.42 21.41 -15.19
C PHE A 156 -19.86 21.39 -16.63
N GLY A 157 -20.78 20.47 -16.92
CA GLY A 157 -21.35 20.33 -18.25
C GLY A 157 -20.43 19.68 -19.26
N VAL A 158 -21.03 19.31 -20.39
CA VAL A 158 -20.40 18.69 -21.55
C VAL A 158 -20.41 19.76 -22.62
N GLY A 159 -19.28 19.89 -23.30
CA GLY A 159 -19.13 20.85 -24.37
C GLY A 159 -17.93 20.54 -25.21
N SER A 160 -18.07 20.72 -26.54
CA SER A 160 -17.01 20.50 -27.51
C SER A 160 -15.79 21.37 -27.12
N ARG A 161 -16.04 22.67 -26.90
CA ARG A 161 -14.99 23.59 -26.47
C ARG A 161 -14.71 23.43 -24.97
N ASP A 162 -13.43 23.59 -24.57
CA ASP A 162 -13.07 23.44 -23.16
C ASP A 162 -12.63 24.79 -22.63
N VAL A 163 -13.29 25.25 -21.55
CA VAL A 163 -13.03 26.55 -20.94
C VAL A 163 -12.57 26.44 -19.48
N ILE A 164 -11.52 27.21 -19.11
CA ILE A 164 -10.92 27.26 -17.77
C ILE A 164 -10.87 28.68 -17.28
N LEU A 165 -11.34 28.93 -16.05
CA LEU A 165 -11.33 30.25 -15.44
C LEU A 165 -10.41 30.25 -14.22
N TYR A 166 -9.34 31.08 -14.25
CA TYR A 166 -8.38 31.23 -13.13
C TYR A 166 -8.88 32.41 -12.35
N ALA A 167 -9.50 32.14 -11.20
CA ALA A 167 -10.11 33.21 -10.45
C ALA A 167 -9.63 33.41 -9.04
N ASP A 168 -9.73 34.67 -8.62
CA ASP A 168 -9.54 35.07 -7.25
C ASP A 168 -10.97 35.30 -6.86
N ILE A 169 -11.54 34.32 -6.17
CA ILE A 169 -12.94 34.33 -5.76
C ILE A 169 -13.27 35.48 -4.80
N THR A 170 -12.33 35.79 -3.86
CA THR A 170 -12.46 36.79 -2.80
C THR A 170 -13.14 38.10 -3.23
N SER A 171 -12.68 38.69 -4.35
CA SER A 171 -13.21 39.95 -4.86
C SER A 171 -14.55 39.78 -5.56
N LYS A 172 -15.20 40.92 -5.83
CA LYS A 172 -16.49 41.03 -6.51
C LYS A 172 -16.28 40.93 -8.02
N SER A 173 -15.05 41.19 -8.49
CA SER A 173 -14.61 41.16 -9.89
C SER A 173 -14.85 39.79 -10.53
N PHE A 174 -15.02 38.76 -9.70
CA PHE A 174 -15.21 37.38 -10.11
C PHE A 174 -16.59 37.09 -10.70
N ALA A 175 -17.67 37.38 -9.93
CA ALA A 175 -19.09 37.12 -10.22
C ALA A 175 -19.49 37.23 -11.71
N PRO A 176 -19.25 38.34 -12.49
CA PRO A 176 -19.68 38.36 -13.89
C PRO A 176 -19.00 37.34 -14.78
N PHE A 177 -17.68 37.10 -14.60
CA PHE A 177 -16.91 36.12 -15.38
C PHE A 177 -17.49 34.71 -15.24
N HIS A 178 -17.78 34.30 -14.00
CA HIS A 178 -18.35 33.01 -13.65
C HIS A 178 -19.62 32.75 -14.44
N GLU A 179 -20.60 33.66 -14.31
CA GLU A 179 -21.92 33.63 -14.96
C GLU A 179 -21.87 33.50 -16.46
N VAL A 180 -20.82 34.06 -17.08
CA VAL A 180 -20.57 34.01 -18.52
C VAL A 180 -20.36 32.57 -18.95
N ALA A 181 -19.53 31.83 -18.21
CA ALA A 181 -19.24 30.44 -18.52
C ALA A 181 -20.18 29.44 -17.87
N MET A 182 -20.87 29.82 -16.78
CA MET A 182 -21.82 28.92 -16.15
C MET A 182 -22.97 28.73 -17.14
N ASP A 183 -23.51 29.86 -17.68
CA ASP A 183 -24.60 29.91 -18.66
C ASP A 183 -24.17 29.23 -19.95
N LEU A 184 -22.94 29.51 -20.41
CA LEU A 184 -22.35 28.94 -21.62
C LEU A 184 -22.31 27.40 -21.53
N ALA A 185 -22.06 26.87 -20.31
CA ALA A 185 -22.05 25.43 -20.01
C ALA A 185 -23.48 24.92 -19.92
N LYS A 186 -24.40 25.71 -19.29
CA LYS A 186 -25.82 25.38 -19.15
C LYS A 186 -26.47 25.19 -20.52
N LYS A 187 -26.05 26.02 -21.50
CA LYS A 187 -26.49 25.95 -22.90
C LYS A 187 -25.94 24.69 -23.55
N GLY A 188 -24.63 24.48 -23.41
CA GLY A 188 -23.92 23.31 -23.94
C GLY A 188 -22.82 23.63 -24.92
N LYS A 189 -22.45 24.93 -25.02
CA LYS A 189 -21.41 25.43 -25.93
C LYS A 189 -20.04 24.87 -25.58
N ALA A 190 -19.70 24.81 -24.27
CA ALA A 190 -18.44 24.30 -23.74
C ALA A 190 -18.57 23.79 -22.30
N SER A 191 -17.59 22.99 -21.82
CA SER A 191 -17.51 22.42 -20.46
C SER A 191 -16.66 23.32 -19.56
N TYR A 192 -17.19 23.65 -18.38
CA TYR A 192 -16.63 24.59 -17.40
C TYR A 192 -15.87 23.97 -16.25
N ARG A 193 -14.74 24.59 -15.88
CA ARG A 193 -13.94 24.21 -14.71
C ARG A 193 -13.16 25.39 -14.12
N VAL A 194 -13.07 25.43 -12.78
CA VAL A 194 -12.43 26.54 -12.04
C VAL A 194 -11.08 26.14 -11.44
N ARG A 195 -10.10 27.03 -11.61
CA ARG A 195 -8.75 26.91 -11.05
C ARG A 195 -8.50 28.17 -10.25
N TYR A 196 -7.63 28.09 -9.24
CA TYR A 196 -7.42 29.23 -8.33
C TYR A 196 -6.22 30.09 -8.60
N ARG A 197 -6.34 31.34 -8.14
CA ARG A 197 -5.33 32.35 -8.23
C ARG A 197 -5.10 32.87 -6.82
N ARG A 198 -3.81 32.95 -6.42
CA ARG A 198 -3.44 33.45 -5.10
C ARG A 198 -3.96 34.87 -4.99
N SER A 199 -4.84 35.10 -4.02
CA SER A 199 -5.51 36.37 -3.81
C SER A 199 -4.71 37.41 -3.01
N PRO A 200 -4.35 38.57 -3.63
CA PRO A 200 -3.57 39.60 -2.90
C PRO A 200 -4.32 40.39 -1.80
N SER A 201 -5.61 40.10 -1.56
CA SER A 201 -6.44 40.73 -0.51
C SER A 201 -6.03 40.13 0.84
N HIS A 202 -5.64 38.84 0.81
CA HIS A 202 -5.20 38.06 1.96
C HIS A 202 -3.73 38.31 2.25
N SER A 203 -3.35 38.16 3.52
CA SER A 203 -1.96 38.35 3.91
C SER A 203 -1.17 37.05 3.74
N ARG A 204 0.16 37.17 3.77
CA ARG A 204 1.10 36.06 3.67
C ARG A 204 1.42 35.49 5.05
N GLU A 205 0.38 35.33 5.90
CA GLU A 205 0.53 34.74 7.22
C GLU A 205 0.49 33.25 7.02
N SER A 206 1.32 32.52 7.78
CA SER A 206 1.38 31.08 7.67
C SER A 206 0.13 30.40 8.26
N LEU A 207 -0.08 29.14 7.88
CA LEU A 207 -1.21 28.32 8.28
C LEU A 207 -0.94 27.56 9.55
N SER A 208 -1.87 27.61 10.51
CA SER A 208 -1.74 26.86 11.75
C SER A 208 -2.47 25.55 11.58
N VAL A 209 -1.77 24.44 11.80
CA VAL A 209 -2.29 23.09 11.60
C VAL A 209 -2.62 22.38 12.92
N ASN A 210 -3.37 21.27 12.80
CA ASN A 210 -3.74 20.39 13.89
C ASN A 210 -3.95 19.00 13.32
N GLY A 211 -3.96 18.02 14.20
CA GLY A 211 -4.11 16.63 13.83
C GLY A 211 -2.86 15.84 14.13
N TYR A 212 -1.98 16.44 14.95
CA TYR A 212 -0.71 15.86 15.40
C TYR A 212 -0.70 15.71 16.93
N GLY A 213 0.36 15.09 17.43
CA GLY A 213 0.54 14.91 18.87
C GLY A 213 1.90 15.42 19.32
N VAL A 214 1.98 15.84 20.60
CA VAL A 214 3.23 16.30 21.21
C VAL A 214 3.49 15.39 22.40
N GLU A 215 4.75 15.05 22.60
CA GLU A 215 5.18 14.21 23.69
C GLU A 215 6.27 14.92 24.51
N LEU A 216 6.23 14.75 25.84
CA LEU A 216 7.25 15.24 26.76
C LEU A 216 7.86 14.00 27.40
N VAL A 217 9.01 13.59 26.86
CA VAL A 217 9.72 12.38 27.23
C VAL A 217 10.71 12.64 28.36
N LEU A 218 10.64 11.80 29.41
CA LEU A 218 11.56 11.81 30.54
C LEU A 218 12.88 11.24 30.01
N LYS A 219 13.98 12.04 30.06
CA LYS A 219 15.23 11.53 29.49
C LYS A 219 16.11 10.77 30.49
N ARG A 220 15.77 10.85 31.78
CA ARG A 220 16.41 10.04 32.81
C ARG A 220 15.33 9.10 33.35
N THR A 221 15.44 7.81 33.03
CA THR A 221 14.47 6.79 33.44
C THR A 221 15.03 5.87 34.55
N ASP A 222 16.37 5.93 34.75
CA ASP A 222 17.16 5.18 35.71
C ASP A 222 16.61 5.14 37.13
N TYR A 223 16.02 6.26 37.63
CA TYR A 223 15.50 6.28 39.00
C TYR A 223 14.13 5.61 39.11
N ILE A 224 14.10 4.56 39.96
CA ILE A 224 13.08 3.65 40.52
C ILE A 224 13.85 2.91 41.62
N VAL A 225 13.18 2.61 42.74
CA VAL A 225 13.78 1.92 43.89
C VAL A 225 13.93 0.40 43.66
N ILE A 259 2.83 22.64 40.41
CA ILE A 259 2.14 21.74 41.35
C ILE A 259 3.10 20.68 41.92
N ALA A 260 3.63 19.81 41.05
CA ALA A 260 4.51 18.67 41.35
C ALA A 260 5.98 19.10 41.34
N ASP A 261 6.87 18.39 42.05
CA ASP A 261 8.30 18.75 42.04
C ASP A 261 9.06 17.89 41.03
N ILE A 262 8.86 16.57 41.11
CA ILE A 262 9.41 15.50 40.28
C ILE A 262 8.57 14.27 40.56
N LYS A 263 8.49 13.33 39.60
CA LYS A 263 7.74 12.09 39.81
C LYS A 263 8.41 11.28 40.94
N PRO A 264 7.63 10.74 41.92
CA PRO A 264 8.24 9.92 42.99
C PRO A 264 8.36 8.46 42.55
N LEU A 265 9.59 7.97 42.45
CA LEU A 265 9.77 6.60 41.98
C LEU A 265 9.51 5.61 43.06
N GLU A 266 8.68 4.65 42.70
CA GLU A 266 8.12 3.65 43.59
C GLU A 266 8.78 2.29 43.36
N LYS A 267 8.95 1.54 44.45
CA LYS A 267 9.57 0.23 44.46
C LYS A 267 8.44 -0.75 44.45
N SER A 268 8.42 -1.75 43.57
CA SER A 268 9.03 -2.09 42.28
C SER A 268 8.07 -3.17 41.85
N GLU A 269 6.80 -2.84 42.08
CA GLU A 269 5.64 -3.62 41.77
C GLU A 269 4.94 -2.89 40.68
N LEU A 270 5.56 -3.01 39.53
CA LEU A 270 5.12 -2.44 38.29
C LEU A 270 3.94 -3.24 37.80
N ALA A 271 4.03 -4.59 37.89
CA ALA A 271 3.06 -5.56 37.44
C ALA A 271 1.58 -5.16 37.57
N ALA A 272 1.20 -4.48 38.67
CA ALA A 272 -0.19 -4.08 38.92
C ALA A 272 -0.63 -2.77 38.27
N LEU A 273 0.30 -1.95 37.74
CA LEU A 273 -0.01 -0.64 37.15
C LEU A 273 -1.13 -0.65 36.15
N GLY A 274 -1.03 -1.52 35.15
CA GLY A 274 -2.06 -1.63 34.13
C GLY A 274 -3.38 -2.00 34.76
N MET A 275 -3.36 -3.03 35.62
CA MET A 275 -4.53 -3.55 36.28
C MET A 275 -5.22 -2.55 37.19
N LYS A 276 -4.45 -1.84 38.04
CA LYS A 276 -4.98 -0.82 38.94
C LYS A 276 -5.44 0.38 38.13
N ALA A 277 -4.67 0.76 37.08
CA ALA A 277 -4.99 1.87 36.18
C ALA A 277 -6.33 1.67 35.48
N ALA A 278 -6.61 0.42 35.04
CA ALA A 278 -7.86 0.05 34.40
C ALA A 278 -9.07 0.24 35.34
N SER A 279 -8.91 -0.14 36.63
CA SER A 279 -9.92 -0.05 37.68
C SER A 279 -10.32 1.39 37.97
N PHE A 280 -9.29 2.29 38.11
CA PHE A 280 -9.41 3.72 38.41
C PHE A 280 -10.52 4.33 37.60
N VAL A 281 -10.49 4.04 36.31
CA VAL A 281 -11.37 4.50 35.26
C VAL A 281 -12.75 3.96 35.44
N MET A 282 -12.83 2.65 35.61
CA MET A 282 -14.09 1.96 35.75
C MET A 282 -14.88 2.53 36.92
N GLN A 283 -14.17 2.77 38.03
CA GLN A 283 -14.66 3.34 39.27
C GLN A 283 -15.21 4.76 39.11
N SER A 284 -14.47 5.62 38.39
CA SER A 284 -14.71 7.06 38.20
C SER A 284 -16.12 7.48 37.90
N GLU A 285 -16.75 6.79 36.94
CA GLU A 285 -18.11 7.07 36.48
C GLU A 285 -18.22 8.49 35.94
N LYS A 286 -17.51 8.64 34.83
CA LYS A 286 -17.27 9.62 33.75
C LYS A 286 -15.95 9.03 33.24
N PRO A 287 -16.03 7.76 32.78
CA PRO A 287 -14.83 6.98 32.49
C PRO A 287 -14.02 7.47 31.33
N PHE A 288 -14.70 7.97 30.30
CA PHE A 288 -14.14 8.49 29.07
C PHE A 288 -13.08 9.57 29.41
N GLU A 289 -13.50 10.53 30.22
CA GLU A 289 -12.69 11.66 30.63
C GLU A 289 -11.54 11.24 31.51
N ALA A 290 -11.75 10.24 32.39
CA ALA A 290 -10.71 9.75 33.30
C ALA A 290 -9.51 9.23 32.55
N LEU A 291 -9.75 8.37 31.55
CA LEU A 291 -8.73 7.72 30.73
C LEU A 291 -7.91 8.73 30.02
N LEU A 292 -8.54 9.76 29.49
CA LEU A 292 -7.86 10.83 28.83
C LEU A 292 -7.00 11.58 29.85
N LYS A 293 -7.60 11.96 30.99
CA LYS A 293 -6.91 12.70 32.04
C LYS A 293 -5.80 11.88 32.67
N LEU A 294 -6.00 10.58 32.81
CA LEU A 294 -5.01 9.67 33.37
C LEU A 294 -3.92 9.38 32.36
N THR A 295 -4.31 9.00 31.14
CA THR A 295 -3.38 8.62 30.11
C THR A 295 -2.49 9.79 29.63
N GLN A 296 -2.97 11.05 29.66
CA GLN A 296 -2.16 12.18 29.23
C GLN A 296 -1.01 12.51 30.20
N ASP A 297 -1.26 12.47 31.52
CA ASP A 297 -0.29 12.78 32.57
C ASP A 297 0.13 11.54 33.34
N PHE A 298 0.02 10.35 32.71
CA PHE A 298 0.32 9.06 33.30
C PHE A 298 1.62 8.96 34.13
N PRO A 299 2.82 9.43 33.70
CA PRO A 299 4.02 9.23 34.54
C PRO A 299 3.90 9.81 35.95
N LYS A 300 3.19 10.93 36.04
CA LYS A 300 2.87 11.70 37.23
C LYS A 300 1.96 10.92 38.21
N TYR A 301 1.05 10.09 37.67
CA TYR A 301 0.08 9.34 38.47
C TYR A 301 0.50 7.92 38.87
N SER A 302 1.74 7.49 38.54
CA SER A 302 2.23 6.14 38.86
C SER A 302 2.16 5.80 40.37
N ASN A 303 2.77 6.64 41.22
CA ASN A 303 2.77 6.46 42.66
C ASN A 303 1.36 6.68 43.28
N SER A 304 0.47 7.41 42.56
CA SER A 304 -0.91 7.71 42.97
C SER A 304 -1.85 6.52 42.69
N LEU A 305 -1.29 5.45 42.11
CA LEU A 305 -2.03 4.24 41.79
C LEU A 305 -1.71 3.10 42.74
N GLY A 306 -0.63 3.22 43.53
CA GLY A 306 -0.25 2.23 44.54
C GLY A 306 -1.39 1.94 45.52
N SER A 307 -2.40 2.82 45.49
CA SER A 307 -3.67 2.83 46.21
C SER A 307 -4.82 2.61 45.22
N GLN A 308 -5.79 1.76 45.58
CA GLN A 308 -6.96 1.49 44.74
C GLN A 308 -8.29 1.26 45.52
N ASN A 309 -8.30 0.93 46.86
CA ASN A 309 -7.20 0.59 47.78
C ASN A 309 -6.86 -0.88 47.55
N VAL A 310 -7.92 -1.70 47.32
CA VAL A 310 -7.86 -3.14 47.10
C VAL A 310 -8.03 -3.61 45.61
N SER A 311 -7.57 -2.85 44.56
CA SER A 311 -7.62 -3.26 43.14
C SER A 311 -9.03 -3.35 42.49
N ALA A 312 -10.10 -3.54 43.31
CA ALA A 312 -11.52 -3.70 42.92
C ALA A 312 -11.65 -4.71 41.79
N GLU A 313 -10.81 -5.74 41.89
CA GLU A 313 -10.67 -6.78 40.91
C GLU A 313 -11.85 -7.71 40.87
N PHE A 314 -12.93 -7.18 40.34
CA PHE A 314 -14.05 -8.00 39.99
C PHE A 314 -13.53 -8.52 38.65
N GLU A 315 -12.91 -7.60 37.86
CA GLU A 315 -12.35 -7.89 36.56
C GLU A 315 -10.96 -8.54 36.56
N ALA A 316 -10.96 -9.74 37.07
CA ALA A 316 -10.03 -10.83 36.89
C ALA A 316 -11.02 -11.78 36.22
N GLU A 317 -12.31 -11.37 36.19
CA GLU A 317 -13.35 -12.17 35.57
C GLU A 317 -13.19 -12.18 34.05
N HIS A 318 -12.84 -11.02 33.49
CA HIS A 318 -12.76 -10.78 32.07
C HIS A 318 -11.47 -11.25 31.41
N ARG A 319 -10.76 -12.18 32.04
CA ARG A 319 -9.60 -12.81 31.43
C ARG A 319 -10.15 -14.07 30.83
N GLY A 320 -11.46 -14.23 30.98
CA GLY A 320 -12.27 -15.22 30.31
C GLY A 320 -12.33 -14.66 28.91
N ASN A 321 -12.24 -13.31 28.83
CA ASN A 321 -12.12 -12.54 27.62
C ASN A 321 -10.75 -12.79 27.06
N ARG A 322 -9.72 -12.70 27.90
CA ARG A 322 -8.37 -12.96 27.41
C ARG A 322 -8.21 -14.37 26.94
N GLU A 323 -8.71 -15.35 27.71
CA GLU A 323 -8.59 -16.75 27.36
C GLU A 323 -9.06 -17.09 25.96
N VAL A 324 -10.14 -16.41 25.48
CA VAL A 324 -10.65 -16.67 24.14
C VAL A 324 -9.96 -15.88 23.03
N PHE A 325 -9.74 -14.56 23.18
CA PHE A 325 -9.30 -13.88 21.97
C PHE A 325 -7.96 -13.12 21.97
N LEU A 326 -7.77 -12.06 22.76
CA LEU A 326 -6.53 -11.32 22.59
C LEU A 326 -5.59 -11.32 23.77
N PRO A 327 -4.27 -11.38 23.46
CA PRO A 327 -3.26 -11.31 24.55
C PRO A 327 -3.23 -9.97 25.28
N GLU A 328 -2.95 -10.04 26.57
CA GLU A 328 -2.90 -8.90 27.46
C GLU A 328 -1.93 -7.79 27.02
N GLY A 329 -2.38 -6.55 27.19
CA GLY A 329 -1.63 -5.35 26.87
C GLY A 329 -1.45 -5.01 25.41
N SER A 330 -2.32 -5.57 24.55
CA SER A 330 -2.25 -5.35 23.11
C SER A 330 -3.31 -4.35 22.68
N ASN A 331 -2.91 -3.38 21.85
CA ASN A 331 -3.84 -2.38 21.34
C ASN A 331 -4.36 -2.82 19.99
N VAL A 332 -5.71 -2.89 19.84
CA VAL A 332 -6.36 -3.31 18.59
C VAL A 332 -7.62 -2.49 18.31
N LEU A 333 -7.70 -1.92 17.09
CA LEU A 333 -8.86 -1.14 16.68
C LEU A 333 -9.56 -1.75 15.50
N TRP A 334 -10.89 -1.69 15.55
CA TRP A 334 -11.78 -2.16 14.49
C TRP A 334 -12.73 -1.06 14.09
N LEU A 335 -13.00 -0.96 12.79
CA LEU A 335 -13.94 -0.03 12.21
C LEU A 335 -14.84 -0.85 11.33
N ASN A 336 -16.04 -1.18 11.84
CA ASN A 336 -17.04 -2.02 11.18
C ASN A 336 -16.45 -3.36 10.76
N GLY A 337 -15.68 -3.94 11.66
CA GLY A 337 -15.02 -5.21 11.44
C GLY A 337 -13.60 -5.08 10.92
N LEU A 338 -13.32 -3.99 10.16
CA LEU A 338 -12.00 -3.74 9.58
C LEU A 338 -10.94 -3.54 10.61
N HIS A 339 -9.91 -4.40 10.61
CA HIS A 339 -8.79 -4.31 11.50
C HIS A 339 -7.82 -3.27 10.94
N LEU A 340 -7.58 -2.19 11.71
CA LEU A 340 -6.73 -1.12 11.27
C LEU A 340 -5.34 -1.21 11.81
N ILE A 341 -4.38 -0.87 10.95
CA ILE A 341 -2.97 -0.81 11.34
C ILE A 341 -2.73 0.55 11.99
N ASP A 342 -1.61 0.68 12.70
CA ASP A 342 -1.28 1.89 13.43
C ASP A 342 -1.22 3.15 12.57
N ARG A 343 -0.65 3.03 11.38
CA ARG A 343 -0.51 4.13 10.45
C ARG A 343 -1.87 4.75 10.08
N GLN A 344 -2.93 3.96 10.13
CA GLN A 344 -4.25 4.46 9.72
C GLN A 344 -4.94 5.15 10.85
N ILE A 345 -4.27 5.28 12.00
CA ILE A 345 -4.92 5.80 13.18
C ILE A 345 -4.40 7.15 13.51
N GLN A 346 -4.83 8.08 12.70
CA GLN A 346 -4.58 9.48 12.82
C GLN A 346 -5.90 10.12 12.41
N PRO A 347 -6.03 11.45 12.56
CA PRO A 347 -7.30 12.09 12.21
C PRO A 347 -7.59 12.07 10.74
N PHE A 348 -6.56 12.22 9.91
CA PHE A 348 -6.72 12.24 8.46
C PHE A 348 -7.05 10.89 7.89
N GLY A 349 -6.35 9.87 8.38
CA GLY A 349 -6.54 8.50 7.97
C GLY A 349 -7.92 8.04 8.32
N LEU A 350 -8.42 8.47 9.50
CA LEU A 350 -9.72 8.10 9.99
C LEU A 350 -10.86 8.84 9.29
N VAL A 351 -10.68 10.11 8.89
CA VAL A 351 -11.71 10.88 8.16
C VAL A 351 -11.94 10.27 6.77
N ASP A 352 -10.86 9.83 6.11
CA ASP A 352 -10.98 9.22 4.80
C ASP A 352 -11.68 7.87 4.87
N LEU A 353 -11.49 7.13 5.95
CA LEU A 353 -12.13 5.83 6.12
C LEU A 353 -13.61 5.93 6.29
N LEU A 354 -14.09 6.94 7.07
CA LEU A 354 -15.52 7.17 7.30
C LEU A 354 -16.20 7.49 5.98
N THR A 355 -15.61 8.43 5.23
CA THR A 355 -16.05 8.91 3.92
C THR A 355 -16.32 7.72 2.98
N ARG A 356 -15.36 6.79 2.87
CA ARG A 356 -15.43 5.59 2.03
C ARG A 356 -16.47 4.60 2.57
N GLU A 357 -16.49 4.43 3.91
CA GLU A 357 -17.37 3.49 4.61
C GLU A 357 -18.85 3.85 4.57
N ARG A 358 -19.18 5.16 4.77
CA ARG A 358 -20.56 5.66 4.73
C ARG A 358 -21.18 5.44 3.35
N LYS A 359 -20.43 5.79 2.27
CA LYS A 359 -20.83 5.58 0.87
C LYS A 359 -21.28 4.14 0.66
N LEU A 360 -20.52 3.19 1.25
CA LEU A 360 -20.74 1.75 1.22
C LEU A 360 -21.99 1.33 2.00
N ILE A 361 -22.14 1.80 3.24
CA ILE A 361 -23.27 1.49 4.10
C ILE A 361 -24.58 2.09 3.60
N LYS A 362 -24.57 3.38 3.20
CA LYS A 362 -25.73 4.07 2.67
C LYS A 362 -26.30 3.27 1.49
N SER A 363 -25.40 2.70 0.64
CA SER A 363 -25.74 1.83 -0.48
C SER A 363 -26.56 0.64 0.01
N VAL A 364 -26.17 0.08 1.16
CA VAL A 364 -26.84 -1.05 1.79
C VAL A 364 -28.17 -0.65 2.41
N LEU A 365 -28.20 0.52 3.09
CA LEU A 365 -29.41 0.88 3.81
C LEU A 365 -30.51 1.53 2.96
N ASP A 366 -30.45 1.36 1.63
CA ASP A 366 -31.51 1.80 0.74
C ASP A 366 -32.44 0.61 0.54
N LEU A 367 -32.08 -0.53 1.18
CA LEU A 367 -32.82 -1.79 1.18
C LEU A 367 -33.50 -2.06 2.53
N GLY A 368 -33.61 -1.01 3.33
CA GLY A 368 -34.23 -1.04 4.65
C GLY A 368 -33.48 -1.83 5.71
N LEU A 369 -32.18 -1.59 5.84
CA LEU A 369 -31.36 -2.23 6.85
C LEU A 369 -30.81 -1.13 7.74
N THR A 370 -30.78 -1.37 9.06
CA THR A 370 -30.23 -0.36 9.96
C THR A 370 -28.72 -0.45 9.84
N GLY A 371 -28.03 0.63 10.18
CA GLY A 371 -26.58 0.66 10.19
C GLY A 371 -26.03 -0.52 10.96
N GLN A 372 -26.69 -0.84 12.09
CA GLN A 372 -26.36 -1.95 12.98
C GLN A 372 -26.50 -3.30 12.28
N GLN A 373 -27.62 -3.51 11.53
CA GLN A 373 -27.90 -4.73 10.78
C GLN A 373 -26.92 -4.88 9.63
N ALA A 374 -26.66 -3.77 8.91
CA ALA A 374 -25.76 -3.67 7.77
C ALA A 374 -24.35 -4.15 8.11
N VAL A 375 -23.76 -3.58 9.17
CA VAL A 375 -22.42 -3.91 9.64
C VAL A 375 -22.34 -5.38 10.09
N ASP A 376 -23.35 -5.84 10.86
CA ASP A 376 -23.48 -7.21 11.37
C ASP A 376 -23.39 -8.23 10.25
N LEU A 377 -24.02 -7.91 9.12
CA LEU A 377 -24.04 -8.75 7.91
C LEU A 377 -22.68 -8.75 7.23
N LEU A 378 -22.01 -7.57 7.15
CA LEU A 378 -20.70 -7.40 6.52
C LEU A 378 -19.59 -8.21 7.21
N GLY A 379 -19.62 -8.21 8.53
CA GLY A 379 -18.64 -8.93 9.32
C GLY A 379 -19.06 -10.31 9.79
N HIS A 380 -20.11 -10.87 9.22
CA HIS A 380 -20.59 -12.19 9.62
C HIS A 380 -19.57 -13.31 9.36
N ALA A 381 -19.56 -14.32 10.24
CA ALA A 381 -18.66 -15.47 10.24
C ALA A 381 -18.64 -16.22 8.92
N GLU A 382 -19.84 -16.47 8.35
CA GLU A 382 -19.97 -17.20 7.08
C GLU A 382 -19.33 -16.43 5.91
N VAL A 383 -19.36 -15.06 5.98
CA VAL A 383 -18.80 -14.15 4.97
C VAL A 383 -17.26 -14.23 4.98
N ALA A 384 -16.66 -14.01 6.16
CA ALA A 384 -15.21 -14.04 6.34
C ALA A 384 -14.62 -15.40 5.99
N HIS A 385 -15.36 -16.49 6.32
CA HIS A 385 -14.97 -17.88 6.02
C HIS A 385 -14.71 -18.04 4.52
N ALA A 386 -15.62 -17.49 3.68
CA ALA A 386 -15.53 -17.53 2.23
C ALA A 386 -14.27 -16.86 1.71
N LYS A 387 -13.91 -15.69 2.28
CA LYS A 387 -12.70 -15.00 1.85
C LYS A 387 -11.47 -15.85 2.13
N SER A 388 -11.39 -16.44 3.34
CA SER A 388 -10.31 -17.35 3.74
C SER A 388 -10.28 -18.58 2.80
N GLY A 389 -11.48 -19.10 2.47
CA GLY A 389 -11.68 -20.22 1.57
C GLY A 389 -11.07 -19.97 0.19
N ASP A 390 -11.33 -18.81 -0.43
CA ASP A 390 -10.72 -18.56 -1.73
C ASP A 390 -9.50 -17.64 -1.66
N ASP A 391 -8.78 -17.72 -0.55
CA ASP A 391 -7.48 -17.11 -0.41
C ASP A 391 -6.61 -18.31 -0.74
N GLU A 392 -7.16 -19.54 -0.50
CA GLU A 392 -6.54 -20.84 -0.77
C GLU A 392 -6.25 -21.08 -2.27
N PRO A 393 -5.16 -21.85 -2.60
CA PRO A 393 -4.80 -22.10 -4.02
C PRO A 393 -5.71 -23.07 -4.74
N ARG A 394 -5.93 -22.85 -6.05
CA ARG A 394 -6.94 -23.61 -6.78
C ARG A 394 -6.45 -24.76 -7.70
N ARG A 395 -7.25 -25.83 -7.63
CA ARG A 395 -7.08 -27.06 -8.36
C ARG A 395 -8.26 -27.36 -9.25
N PHE A 396 -7.98 -28.09 -10.33
CA PHE A 396 -8.96 -28.47 -11.33
C PHE A 396 -9.04 -29.97 -11.45
N ASP A 397 -10.24 -30.47 -11.65
CA ASP A 397 -10.61 -31.86 -11.70
C ASP A 397 -10.15 -32.52 -12.98
N TRP A 398 -9.05 -33.22 -12.91
CA TRP A 398 -8.33 -33.87 -14.00
C TRP A 398 -8.92 -35.20 -14.42
N ARG A 399 -10.02 -35.62 -13.80
CA ARG A 399 -10.60 -36.93 -14.02
C ARG A 399 -11.24 -37.18 -15.38
N ASP A 400 -11.32 -38.46 -15.71
CA ASP A 400 -11.86 -39.10 -16.90
C ASP A 400 -13.36 -39.23 -16.81
N ASP A 401 -13.91 -39.21 -15.58
CA ASP A 401 -15.32 -39.41 -15.22
C ASP A 401 -16.33 -38.74 -16.16
N ILE A 402 -16.06 -37.48 -16.56
CA ILE A 402 -16.91 -36.70 -17.49
C ILE A 402 -16.83 -37.32 -18.91
N GLU A 403 -15.64 -37.76 -19.30
CA GLU A 403 -15.36 -38.38 -20.60
C GLU A 403 -15.38 -39.90 -20.55
N GLU A 404 -16.12 -40.42 -19.56
CA GLU A 404 -16.42 -41.84 -19.34
C GLU A 404 -15.19 -42.79 -19.38
N GLY A 405 -14.10 -42.36 -18.74
CA GLY A 405 -12.86 -43.12 -18.59
C GLY A 405 -12.11 -43.53 -19.84
N GLN A 406 -12.38 -42.87 -20.96
CA GLN A 406 -11.76 -43.24 -22.23
C GLN A 406 -10.79 -42.19 -22.80
N VAL A 407 -10.19 -41.32 -21.96
CA VAL A 407 -9.28 -40.29 -22.49
C VAL A 407 -7.83 -40.38 -21.94
N ILE A 408 -7.64 -40.68 -20.64
CA ILE A 408 -6.29 -40.73 -20.08
C ILE A 408 -5.69 -42.11 -20.20
N ILE A 409 -4.47 -42.17 -20.74
CA ILE A 409 -3.79 -43.44 -20.88
C ILE A 409 -2.63 -43.52 -19.88
N TRP A 410 -2.96 -44.06 -18.71
CA TRP A 410 -2.07 -44.25 -17.57
C TRP A 410 -1.01 -45.28 -17.85
N LEU A 411 0.19 -45.04 -17.32
CA LEU A 411 1.34 -45.93 -17.44
C LEU A 411 1.47 -46.69 -16.12
N ASN A 412 0.59 -46.37 -15.17
CA ASN A 412 0.58 -46.90 -13.82
C ASN A 412 -0.81 -47.23 -13.30
N ASN A 413 -0.78 -47.94 -12.21
CA ASN A 413 -1.83 -48.26 -11.26
C ASN A 413 -1.03 -48.77 -10.09
N LEU A 414 -1.16 -48.09 -8.97
CA LEU A 414 -0.37 -48.44 -7.81
C LEU A 414 -1.07 -49.44 -6.93
N GLU A 415 -2.37 -49.63 -7.17
CA GLU A 415 -3.14 -50.56 -6.36
C GLU A 415 -3.20 -51.92 -7.00
N LYS A 416 -2.87 -52.00 -8.31
CA LYS A 416 -2.91 -53.24 -9.09
C LYS A 416 -1.81 -53.25 -10.17
N ASP A 417 -0.52 -53.25 -9.78
CA ASP A 417 0.49 -53.27 -10.85
C ASP A 417 1.54 -54.36 -10.73
N LYS A 418 1.59 -55.05 -9.59
CA LYS A 418 2.50 -56.18 -9.35
C LYS A 418 3.97 -55.80 -9.53
N ARG A 419 4.28 -54.57 -9.15
CA ARG A 419 5.61 -53.97 -9.13
C ARG A 419 5.71 -53.49 -7.69
N TYR A 420 4.58 -52.94 -7.25
CA TYR A 420 4.34 -52.36 -5.96
C TYR A 420 3.84 -53.40 -5.00
N LYS A 421 3.44 -54.58 -5.51
CA LYS A 421 2.94 -55.73 -4.74
C LYS A 421 3.64 -55.91 -3.38
N SER A 422 4.96 -55.69 -3.37
CA SER A 422 5.83 -55.79 -2.20
C SER A 422 5.44 -54.81 -1.09
N PHE A 423 5.05 -53.59 -1.48
CA PHE A 423 4.74 -52.44 -0.62
C PHE A 423 3.45 -52.49 0.14
N SER A 424 3.39 -51.73 1.24
CA SER A 424 2.22 -51.66 2.07
C SER A 424 1.22 -50.66 1.51
N PRO A 425 -0.05 -51.03 1.51
CA PRO A 425 -1.09 -50.07 1.14
C PRO A 425 -1.64 -49.42 2.44
N SER A 426 -0.78 -48.80 3.26
CA SER A 426 -1.25 -48.22 4.53
C SER A 426 -1.10 -46.72 4.58
N ILE A 427 -2.07 -46.08 5.24
CA ILE A 427 -2.06 -44.63 5.42
C ILE A 427 -0.89 -44.19 6.29
N TRP A 428 -0.62 -44.95 7.36
CA TRP A 428 0.44 -44.67 8.32
C TRP A 428 1.83 -44.66 7.70
N VAL A 429 1.95 -45.18 6.46
CA VAL A 429 3.18 -45.15 5.69
C VAL A 429 3.42 -43.69 5.32
N LEU A 430 2.36 -42.97 4.95
CA LEU A 430 2.44 -41.57 4.59
C LEU A 430 2.80 -40.75 5.77
N ILE A 431 1.98 -40.82 6.82
CA ILE A 431 2.10 -40.02 8.03
C ILE A 431 3.45 -40.17 8.74
N HIS A 432 4.02 -41.41 8.77
CA HIS A 432 5.31 -41.68 9.40
C HIS A 432 6.47 -41.52 8.40
N HIS A 433 6.64 -40.28 7.91
CA HIS A 433 7.66 -39.96 6.93
C HIS A 433 8.34 -38.67 7.21
N PHE A 434 9.67 -38.67 7.08
CA PHE A 434 10.48 -37.48 7.24
C PHE A 434 11.60 -37.53 6.24
N GLY A 435 12.03 -36.38 5.77
CA GLY A 435 13.06 -36.28 4.75
C GLY A 435 12.60 -35.69 3.45
N HIS A 436 13.43 -35.88 2.40
CA HIS A 436 13.23 -35.36 1.04
C HIS A 436 12.83 -36.49 0.07
N GLY A 437 12.68 -37.68 0.64
CA GLY A 437 12.35 -38.85 -0.11
C GLY A 437 10.90 -39.17 -0.31
N LEU A 438 10.62 -39.99 -1.28
CA LEU A 438 9.27 -40.41 -1.58
C LEU A 438 8.92 -41.76 -0.93
N PRO A 439 7.87 -41.75 -0.09
CA PRO A 439 7.48 -42.97 0.62
C PRO A 439 6.85 -44.00 -0.31
N GLN A 440 7.27 -45.25 -0.20
CA GLN A 440 6.68 -46.26 -1.06
C GLN A 440 5.43 -46.77 -0.41
N ILE A 441 4.40 -46.98 -1.23
CA ILE A 441 3.07 -47.36 -0.78
C ILE A 441 2.29 -47.99 -1.95
N ARG A 442 1.37 -48.92 -1.64
CA ARG A 442 0.49 -49.45 -2.67
C ARG A 442 -0.82 -48.75 -2.47
N ARG A 443 -0.91 -47.52 -2.93
CA ARG A 443 -2.13 -46.74 -2.81
C ARG A 443 -2.22 -45.71 -3.87
N ASP A 444 -3.41 -45.17 -4.07
CA ASP A 444 -3.60 -44.14 -5.05
C ASP A 444 -3.59 -42.85 -4.27
N VAL A 445 -2.59 -41.98 -4.52
CA VAL A 445 -2.54 -40.70 -3.79
C VAL A 445 -2.08 -39.51 -4.67
N PHE A 446 -1.04 -39.70 -5.47
CA PHE A 446 -0.56 -38.61 -6.31
C PHE A 446 -0.72 -38.95 -7.73
N ASN A 447 -1.15 -37.99 -8.53
CA ASN A 447 -1.38 -38.21 -9.95
C ASN A 447 -0.75 -37.13 -10.77
N LEU A 448 -0.25 -37.51 -11.94
CA LEU A 448 0.29 -36.54 -12.87
C LEU A 448 -0.21 -36.84 -14.26
N VAL A 449 -0.93 -35.88 -14.86
CA VAL A 449 -1.46 -36.01 -16.22
C VAL A 449 -0.76 -34.97 -17.10
N VAL A 450 -0.03 -35.44 -18.12
CA VAL A 450 0.70 -34.57 -19.03
C VAL A 450 0.16 -34.68 -20.47
N PRO A 451 -0.42 -33.61 -21.06
CA PRO A 451 -0.88 -33.71 -22.44
C PRO A 451 0.27 -33.67 -23.45
N VAL A 452 0.33 -34.67 -24.34
CA VAL A 452 1.44 -34.84 -25.26
C VAL A 452 0.97 -34.88 -26.74
N ASP A 453 1.71 -34.22 -27.65
CA ASP A 453 1.43 -34.23 -29.08
C ASP A 453 2.30 -35.34 -29.70
N LEU A 454 1.66 -36.33 -30.34
CA LEU A 454 2.39 -37.48 -30.88
C LEU A 454 3.07 -37.24 -32.26
N THR A 455 2.81 -36.07 -32.88
CA THR A 455 3.45 -35.65 -34.13
C THR A 455 4.87 -35.17 -33.79
N LYS A 456 4.98 -34.39 -32.68
CA LYS A 456 6.22 -33.79 -32.21
C LYS A 456 7.12 -34.75 -31.43
N ALA A 457 8.35 -34.90 -31.94
CA ALA A 457 9.43 -35.74 -31.39
C ALA A 457 9.75 -35.42 -29.93
N ASP A 458 9.93 -34.12 -29.61
CA ASP A 458 10.25 -33.61 -28.27
C ASP A 458 9.18 -34.02 -27.26
N ASP A 459 7.91 -33.95 -27.68
CA ASP A 459 6.74 -34.31 -26.88
C ASP A 459 6.72 -35.81 -26.59
N VAL A 460 6.94 -36.63 -27.65
CA VAL A 460 6.98 -38.09 -27.60
C VAL A 460 8.11 -38.56 -26.66
N LYS A 461 9.30 -37.92 -26.77
CA LYS A 461 10.51 -38.17 -25.96
C LYS A 461 10.24 -38.08 -24.44
N ILE A 462 9.34 -37.17 -24.05
CA ILE A 462 8.94 -36.96 -22.66
C ILE A 462 8.34 -38.22 -22.08
N VAL A 463 7.38 -38.79 -22.81
CA VAL A 463 6.72 -40.01 -22.38
C VAL A 463 7.72 -41.16 -22.27
N VAL A 464 8.45 -41.42 -23.36
CA VAL A 464 9.40 -42.52 -23.52
C VAL A 464 10.55 -42.48 -22.53
N GLU A 465 11.20 -41.33 -22.38
CA GLU A 465 12.34 -41.28 -21.48
C GLU A 465 11.88 -40.88 -20.11
N GLY A 466 11.30 -39.69 -20.03
CA GLY A 466 10.84 -39.07 -18.79
C GLY A 466 9.84 -39.88 -17.99
N LEU A 467 8.66 -40.11 -18.55
CA LEU A 467 7.59 -40.80 -17.83
C LEU A 467 7.93 -42.23 -17.42
N LEU A 468 8.55 -43.02 -18.31
CA LEU A 468 8.89 -44.42 -18.06
C LEU A 468 9.92 -44.65 -16.97
N SER A 469 11.01 -43.87 -16.95
CA SER A 469 12.05 -44.00 -15.93
C SER A 469 11.38 -43.99 -14.58
N PHE A 470 10.54 -42.98 -14.34
CA PHE A 470 9.77 -42.78 -13.13
C PHE A 470 8.98 -44.02 -12.75
N VAL A 471 8.39 -44.71 -13.74
CA VAL A 471 7.62 -45.93 -13.57
C VAL A 471 8.57 -47.01 -13.04
N LYS A 472 9.64 -47.32 -13.81
CA LYS A 472 10.67 -48.32 -13.51
C LYS A 472 11.25 -48.11 -12.11
N ARG A 473 11.46 -46.84 -11.72
CA ARG A 473 12.02 -46.39 -10.45
C ARG A 473 11.16 -46.65 -9.21
N LEU A 474 9.89 -47.10 -9.41
CA LEU A 474 8.91 -47.41 -8.35
C LEU A 474 8.60 -46.17 -7.50
N ILE A 475 8.40 -45.04 -8.19
CA ILE A 475 8.03 -43.76 -7.60
C ILE A 475 6.53 -43.90 -7.21
N PRO A 476 6.06 -43.34 -6.07
CA PRO A 476 4.65 -43.50 -5.65
C PRO A 476 3.68 -42.53 -6.33
N VAL A 477 3.96 -42.19 -7.58
CA VAL A 477 3.18 -41.29 -8.40
C VAL A 477 2.61 -42.03 -9.59
N ARG A 478 1.31 -41.84 -9.88
CA ARG A 478 0.66 -42.44 -11.04
C ARG A 478 0.87 -41.48 -12.22
N PHE A 479 1.35 -42.00 -13.33
CA PHE A 479 1.65 -41.19 -14.48
C PHE A 479 0.71 -41.43 -15.63
N GLY A 480 0.04 -40.36 -16.04
CA GLY A 480 -0.89 -40.39 -17.16
C GLY A 480 -0.51 -39.40 -18.22
N PHE A 481 -1.02 -39.59 -19.42
CA PHE A 481 -0.79 -38.68 -20.53
C PHE A 481 -1.92 -38.72 -21.48
N VAL A 482 -2.29 -37.56 -22.01
CA VAL A 482 -3.36 -37.46 -22.97
C VAL A 482 -2.86 -36.81 -24.22
N PRO A 483 -3.08 -37.48 -25.36
CA PRO A 483 -2.59 -36.92 -26.62
C PRO A 483 -3.28 -35.63 -27.04
N LEU A 484 -2.57 -34.80 -27.79
CA LEU A 484 -3.09 -33.56 -28.33
C LEU A 484 -3.42 -33.79 -29.78
N THR A 485 -4.59 -33.30 -30.21
CA THR A 485 -5.19 -33.53 -31.53
C THR A 485 -5.35 -32.25 -32.37
N PRO A 486 -4.27 -31.56 -32.80
CA PRO A 486 -4.47 -30.33 -33.56
C PRO A 486 -4.35 -30.48 -35.09
N THR A 487 -3.89 -31.64 -35.58
CA THR A 487 -3.69 -31.91 -37.01
C THR A 487 -4.17 -33.31 -37.35
N GLY A 488 -4.25 -33.60 -38.65
CA GLY A 488 -4.64 -34.91 -39.16
C GLY A 488 -3.78 -36.04 -38.63
N GLN A 489 -2.44 -35.96 -38.84
CA GLN A 489 -1.48 -36.98 -38.38
C GLN A 489 -1.63 -37.25 -36.88
N ALA A 490 -1.82 -36.18 -36.08
CA ALA A 490 -2.02 -36.24 -34.62
C ALA A 490 -3.26 -37.07 -34.29
N ILE A 491 -4.41 -36.79 -34.97
CA ILE A 491 -5.68 -37.50 -34.80
C ILE A 491 -5.48 -39.01 -35.02
N ASP A 492 -4.88 -39.38 -36.17
CA ASP A 492 -4.57 -40.76 -36.54
C ASP A 492 -3.73 -41.44 -35.48
N GLN A 493 -2.61 -40.81 -35.08
CA GLN A 493 -1.72 -41.41 -34.09
C GLN A 493 -2.33 -41.57 -32.72
N ALA A 494 -3.31 -40.74 -32.35
CA ALA A 494 -4.01 -40.93 -31.09
C ALA A 494 -4.79 -42.22 -31.25
N LYS A 495 -5.58 -42.35 -32.37
CA LYS A 495 -6.37 -43.54 -32.72
C LYS A 495 -5.52 -44.80 -32.60
N VAL A 496 -4.35 -44.81 -33.30
CA VAL A 496 -3.40 -45.93 -33.37
C VAL A 496 -3.00 -46.41 -31.98
N VAL A 497 -2.45 -45.49 -31.17
CA VAL A 497 -1.97 -45.74 -29.81
C VAL A 497 -3.11 -46.20 -28.90
N TYR A 498 -4.28 -45.52 -29.02
CA TYR A 498 -5.50 -45.82 -28.25
C TYR A 498 -5.95 -47.25 -28.53
N TYR A 499 -6.01 -47.64 -29.83
CA TYR A 499 -6.39 -48.98 -30.28
C TYR A 499 -5.46 -50.01 -29.68
N LEU A 500 -4.15 -49.82 -29.92
CA LEU A 500 -3.06 -50.67 -29.45
C LEU A 500 -3.09 -50.89 -27.94
N LEU A 501 -3.58 -49.91 -27.19
CA LEU A 501 -3.70 -50.05 -25.75
C LEU A 501 -4.90 -50.94 -25.45
N GLU A 502 -6.08 -50.59 -26.02
CA GLU A 502 -7.37 -51.23 -25.81
C GLU A 502 -7.32 -52.76 -25.91
N ASN A 503 -6.78 -53.32 -27.02
CA ASN A 503 -6.73 -54.76 -27.21
C ASN A 503 -5.45 -55.42 -26.71
N TYR A 504 -4.30 -54.96 -27.18
CA TYR A 504 -3.01 -55.56 -26.90
C TYR A 504 -2.38 -55.17 -25.56
N GLY A 505 -2.56 -53.93 -25.14
CA GLY A 505 -2.04 -53.49 -23.84
C GLY A 505 -0.99 -52.40 -23.87
N LEU A 506 -0.76 -51.85 -22.68
CA LEU A 506 0.18 -50.76 -22.42
C LEU A 506 1.57 -50.97 -23.00
N ALA A 507 2.20 -52.12 -22.68
CA ALA A 507 3.55 -52.47 -23.12
C ALA A 507 3.69 -52.41 -24.64
N ALA A 508 2.67 -52.88 -25.37
CA ALA A 508 2.64 -52.89 -26.83
C ALA A 508 2.56 -51.45 -27.36
N ALA A 509 1.71 -50.61 -26.75
CA ALA A 509 1.55 -49.20 -27.12
C ALA A 509 2.82 -48.44 -26.86
N THR A 510 3.37 -48.64 -25.64
CA THR A 510 4.63 -48.06 -25.23
C THR A 510 5.67 -48.46 -26.24
N ALA A 511 5.71 -49.75 -26.59
CA ALA A 511 6.61 -50.31 -27.58
C ALA A 511 6.56 -49.54 -28.89
N TYR A 512 5.35 -49.30 -29.46
CA TYR A 512 5.22 -48.54 -30.71
C TYR A 512 5.85 -47.18 -30.55
N LEU A 513 5.51 -46.48 -29.46
CA LEU A 513 6.05 -45.15 -29.18
C LEU A 513 7.56 -45.14 -29.13
N GLU A 514 8.17 -46.04 -28.33
CA GLU A 514 9.63 -46.15 -28.16
C GLU A 514 10.28 -46.33 -29.51
N LYS A 515 9.87 -47.39 -30.23
CA LYS A 515 10.39 -47.75 -31.54
C LYS A 515 10.27 -46.56 -32.48
N SER A 516 9.06 -45.95 -32.58
CA SER A 516 8.80 -44.82 -33.46
C SER A 516 9.77 -43.70 -33.22
N TYR A 517 9.99 -43.35 -31.94
CA TYR A 517 10.93 -42.30 -31.63
C TYR A 517 12.33 -42.61 -32.12
N GLU A 518 12.93 -43.73 -31.72
CA GLU A 518 14.30 -43.98 -32.17
C GLU A 518 14.36 -44.28 -33.66
N GLU A 519 13.59 -45.28 -34.08
CA GLU A 519 13.53 -45.88 -35.41
C GLU A 519 13.11 -44.94 -36.55
N GLN A 520 11.92 -44.32 -36.48
CA GLN A 520 11.44 -43.48 -37.58
C GLN A 520 11.70 -42.01 -37.38
N SER A 521 11.76 -41.58 -36.12
CA SER A 521 12.01 -40.20 -35.67
C SER A 521 11.02 -39.15 -36.24
N THR A 522 9.74 -39.54 -36.48
CA THR A 522 8.66 -38.62 -36.92
C THR A 522 7.28 -39.00 -36.34
N GLY A 523 6.39 -38.02 -36.31
CA GLY A 523 5.03 -38.19 -35.81
C GLY A 523 3.99 -38.61 -36.84
N GLN A 524 4.39 -39.15 -37.98
CA GLN A 524 3.44 -39.72 -38.93
C GLN A 524 3.45 -41.24 -38.63
N PRO A 525 2.27 -41.91 -38.60
CA PRO A 525 2.26 -43.37 -38.35
C PRO A 525 3.04 -44.17 -39.36
N ASN A 526 3.91 -45.06 -38.88
CA ASN A 526 4.75 -45.88 -39.73
C ASN A 526 4.40 -47.35 -39.53
N GLU A 527 3.87 -48.00 -40.56
CA GLU A 527 3.47 -49.41 -40.55
C GLU A 527 4.70 -50.27 -40.54
N ARG A 528 5.73 -49.89 -41.33
CA ARG A 528 6.99 -50.61 -41.31
C ARG A 528 7.38 -50.75 -39.87
N ILE A 529 7.20 -49.70 -39.05
CA ILE A 529 7.45 -49.74 -37.61
C ILE A 529 6.27 -50.38 -36.84
N PHE A 530 5.02 -50.07 -37.21
CA PHE A 530 3.80 -50.53 -36.56
C PHE A 530 3.63 -52.04 -36.63
N ASN A 531 3.71 -52.59 -37.84
CA ASN A 531 3.58 -54.03 -38.11
C ASN A 531 4.57 -54.89 -37.35
N GLU A 532 5.83 -54.44 -37.19
CA GLU A 532 6.88 -55.16 -36.45
C GLU A 532 6.45 -55.35 -35.01
N VAL A 533 5.88 -54.28 -34.43
CA VAL A 533 5.36 -54.26 -33.06
C VAL A 533 4.28 -55.33 -32.93
N ILE A 534 3.25 -55.30 -33.79
CA ILE A 534 2.21 -56.33 -33.74
C ILE A 534 2.81 -57.74 -34.00
N LYS A 535 3.74 -57.90 -34.95
CA LYS A 535 4.36 -59.21 -35.22
C LYS A 535 4.70 -59.99 -33.94
N ASP A 536 5.44 -59.38 -33.00
CA ASP A 536 5.78 -60.05 -31.75
C ASP A 536 4.83 -59.70 -30.60
N LYS A 537 4.58 -58.39 -30.41
CA LYS A 537 3.74 -57.79 -29.36
C LYS A 537 2.26 -58.12 -29.50
N SER A 538 1.85 -58.74 -30.64
CA SER A 538 0.48 -59.18 -30.94
C SER A 538 0.18 -60.57 -30.42
N LEU A 539 1.04 -61.04 -29.51
CA LEU A 539 0.81 -62.29 -28.81
C LEU A 539 -0.31 -61.98 -27.81
N ARG A 540 -1.30 -62.87 -27.78
CA ARG A 540 -2.47 -62.90 -26.90
C ARG A 540 -3.10 -61.51 -26.57
N PRO A 541 -3.61 -60.70 -27.55
CA PRO A 541 -4.27 -59.44 -27.16
C PRO A 541 -5.59 -59.80 -26.48
N ASP A 542 -5.63 -59.66 -25.15
CA ASP A 542 -6.75 -60.07 -24.29
C ASP A 542 -8.02 -59.20 -24.40
N GLY A 543 -9.00 -59.48 -23.55
CA GLY A 543 -10.29 -58.79 -23.54
C GLY A 543 -11.00 -58.93 -24.87
N VAL A 544 -11.58 -57.83 -25.39
CA VAL A 544 -12.22 -57.83 -26.72
C VAL A 544 -11.10 -57.89 -27.75
N GLU A 545 -11.30 -58.66 -28.78
CA GLU A 545 -10.22 -58.89 -29.71
C GLU A 545 -9.91 -57.71 -30.64
N LEU A 546 -8.68 -57.76 -31.13
CA LEU A 546 -8.07 -56.86 -32.09
C LEU A 546 -8.88 -56.85 -33.39
N SER A 547 -8.95 -55.73 -34.08
CA SER A 547 -9.62 -55.71 -35.37
C SER A 547 -8.61 -55.55 -36.50
N PHE A 548 -7.43 -54.99 -36.18
CA PHE A 548 -6.34 -54.64 -37.07
C PHE A 548 -6.64 -53.47 -37.99
N LYS A 549 -5.66 -53.20 -38.84
CA LYS A 549 -5.65 -52.03 -39.72
C LYS A 549 -6.67 -52.08 -40.87
N ASP A 550 -7.32 -50.93 -41.23
CA ASP A 550 -7.12 -49.55 -40.76
C ASP A 550 -8.19 -49.04 -39.80
N ILE A 551 -7.95 -47.88 -39.20
CA ILE A 551 -8.90 -47.31 -38.24
C ILE A 551 -9.67 -46.12 -38.73
N PHE A 552 -10.97 -46.21 -38.49
CA PHE A 552 -12.00 -45.21 -38.66
C PHE A 552 -13.19 -45.75 -37.85
N ILE A 553 -12.93 -46.36 -36.67
CA ILE A 553 -14.02 -46.91 -35.86
C ILE A 553 -14.99 -45.82 -35.52
N SER A 554 -16.27 -46.03 -35.85
CA SER A 554 -17.34 -45.07 -35.57
C SER A 554 -17.26 -44.61 -34.13
N GLU A 555 -16.95 -45.55 -33.23
CA GLU A 555 -16.83 -45.29 -31.81
C GLU A 555 -15.43 -44.90 -31.41
N LYS A 556 -14.43 -45.69 -31.82
CA LYS A 556 -13.05 -45.43 -31.45
C LYS A 556 -12.54 -44.11 -32.01
N HIS A 557 -12.77 -43.83 -33.28
CA HIS A 557 -12.36 -42.53 -33.82
C HIS A 557 -13.28 -41.45 -33.30
N GLU A 558 -14.60 -41.68 -33.28
CA GLU A 558 -15.44 -40.56 -32.88
C GLU A 558 -15.40 -40.32 -31.40
N LYS A 559 -15.97 -41.24 -30.60
CA LYS A 559 -16.00 -41.11 -29.15
C LYS A 559 -14.63 -40.82 -28.54
N GLN A 560 -13.64 -41.72 -28.68
CA GLN A 560 -12.32 -41.49 -28.06
C GLN A 560 -11.69 -40.16 -28.42
N ILE A 561 -11.52 -39.84 -29.73
CA ILE A 561 -10.90 -38.57 -30.15
C ILE A 561 -11.72 -37.36 -29.73
N HIS A 562 -13.03 -37.38 -29.92
CA HIS A 562 -13.82 -36.22 -29.55
C HIS A 562 -13.93 -36.06 -28.03
N LEU A 563 -13.92 -37.19 -27.26
CA LEU A 563 -13.91 -37.15 -25.79
C LEU A 563 -12.58 -36.54 -25.34
N SER A 564 -11.47 -36.93 -25.98
CA SER A 564 -10.14 -36.40 -25.68
C SER A 564 -10.11 -34.89 -25.89
N LYS A 565 -10.63 -34.42 -27.04
CA LYS A 565 -10.73 -33.01 -27.40
C LYS A 565 -11.53 -32.26 -26.35
N HIS A 566 -12.61 -32.89 -25.82
CA HIS A 566 -13.47 -32.34 -24.78
C HIS A 566 -12.71 -32.18 -23.47
N TRP A 567 -11.71 -33.04 -23.20
CA TRP A 567 -10.89 -32.96 -22.00
C TRP A 567 -9.89 -31.81 -22.10
N VAL A 568 -9.18 -31.70 -23.25
CA VAL A 568 -8.18 -30.65 -23.51
C VAL A 568 -8.82 -29.27 -23.49
N GLU A 569 -9.98 -29.14 -24.17
CA GLU A 569 -10.75 -27.90 -24.26
C GLU A 569 -11.22 -27.45 -22.87
N ARG A 570 -11.77 -28.41 -22.09
CA ARG A 570 -12.30 -28.22 -20.75
C ARG A 570 -11.31 -27.60 -19.77
N LEU A 571 -10.05 -28.04 -19.83
CA LEU A 571 -9.04 -27.55 -18.92
C LEU A 571 -8.01 -26.65 -19.60
N ARG A 572 -8.31 -26.18 -20.85
CA ARG A 572 -7.44 -25.32 -21.67
C ARG A 572 -5.98 -25.86 -21.55
N ALA A 573 -5.82 -27.16 -21.86
CA ALA A 573 -4.55 -27.87 -21.72
C ALA A 573 -3.73 -27.94 -23.01
N GLY A 574 -4.07 -27.12 -23.99
CA GLY A 574 -3.38 -27.14 -25.27
C GLY A 574 -2.86 -25.80 -25.76
N GLY A 575 -2.47 -25.80 -27.03
CA GLY A 575 -1.97 -24.63 -27.72
C GLY A 575 -0.47 -24.65 -27.94
N ASP A 576 0.11 -23.43 -28.06
CA ASP A 576 1.55 -23.22 -28.24
C ASP A 576 2.28 -23.75 -27.01
N VAL A 577 1.73 -23.45 -25.81
CA VAL A 577 2.25 -23.94 -24.54
C VAL A 577 1.18 -24.79 -23.83
N PRO A 578 1.34 -26.12 -23.82
CA PRO A 578 0.38 -26.98 -23.13
C PRO A 578 0.48 -26.87 -21.60
N THR A 579 -0.52 -27.42 -20.88
CA THR A 579 -0.61 -27.37 -19.42
C THR A 579 -0.65 -28.77 -18.78
N VAL A 580 0.26 -29.02 -17.83
CA VAL A 580 0.36 -30.27 -17.07
C VAL A 580 -0.42 -30.11 -15.78
N PHE A 581 -1.10 -31.18 -15.33
CA PHE A 581 -1.87 -31.15 -14.09
C PHE A 581 -1.38 -32.17 -13.12
N PHE A 582 -0.79 -31.69 -12.04
CA PHE A 582 -0.32 -32.52 -10.94
C PHE A 582 -1.27 -32.24 -9.78
N ASP A 583 -2.00 -33.27 -9.34
CA ASP A 583 -2.98 -33.18 -8.25
C ASP A 583 -4.01 -32.06 -8.49
N GLY A 584 -4.37 -31.85 -9.76
CA GLY A 584 -5.30 -30.81 -10.18
C GLY A 584 -4.68 -29.44 -10.15
N PHE A 585 -3.36 -29.37 -10.14
CA PHE A 585 -2.70 -28.09 -10.10
C PHE A 585 -2.05 -27.83 -11.45
N PRO A 586 -2.49 -26.77 -12.17
CA PRO A 586 -1.87 -26.48 -13.47
C PRO A 586 -0.43 -25.99 -13.40
N ILE A 587 0.45 -26.65 -14.17
CA ILE A 587 1.85 -26.31 -14.33
C ILE A 587 2.07 -26.28 -15.85
N PRO A 588 2.29 -25.12 -16.48
CA PRO A 588 2.52 -25.10 -17.94
C PRO A 588 3.78 -25.89 -18.30
N ARG A 589 3.74 -26.59 -19.45
CA ARG A 589 4.87 -27.39 -19.93
C ARG A 589 6.00 -26.51 -20.45
N GLU A 590 6.77 -25.94 -19.53
CA GLU A 590 7.89 -25.05 -19.80
C GLU A 590 8.93 -25.20 -18.71
N ASP A 591 10.15 -24.73 -19.01
CA ASP A 591 11.30 -24.68 -18.10
C ASP A 591 11.53 -26.06 -17.49
N ASN A 592 11.62 -26.11 -16.15
CA ASN A 592 11.77 -27.34 -15.42
C ASN A 592 10.51 -27.52 -14.64
N TRP A 593 9.45 -27.97 -15.32
CA TRP A 593 8.16 -28.18 -14.69
C TRP A 593 8.19 -29.29 -13.66
N LEU A 594 9.09 -30.29 -13.83
CA LEU A 594 9.23 -31.38 -12.86
C LEU A 594 9.74 -30.85 -11.54
N ARG A 595 10.61 -29.82 -11.60
CA ARG A 595 11.13 -29.14 -10.41
C ARG A 595 9.96 -28.53 -9.65
N VAL A 596 9.05 -27.86 -10.39
CA VAL A 596 7.81 -27.26 -9.86
C VAL A 596 6.90 -28.36 -9.29
N MET A 597 6.76 -29.48 -10.04
CA MET A 597 5.95 -30.64 -9.63
C MET A 597 6.45 -31.21 -8.30
N ASN A 598 7.77 -31.45 -8.18
CA ASN A 598 8.41 -31.99 -6.97
C ASN A 598 8.16 -31.10 -5.75
N HIS A 599 8.16 -29.77 -5.97
CA HIS A 599 7.90 -28.79 -4.92
C HIS A 599 6.47 -28.98 -4.37
N ARG A 600 5.48 -29.14 -5.26
CA ARG A 600 4.09 -29.35 -4.87
C ARG A 600 3.88 -30.74 -4.31
N LEU A 601 4.62 -31.73 -4.82
CA LEU A 601 4.56 -33.12 -4.36
C LEU A 601 4.90 -33.20 -2.87
N MET A 602 5.99 -32.51 -2.45
CA MET A 602 6.38 -32.46 -1.05
C MET A 602 5.38 -31.67 -0.24
N GLN A 603 4.91 -30.53 -0.80
CA GLN A 603 3.95 -29.63 -0.16
C GLN A 603 2.57 -30.29 0.05
N ASP A 604 2.18 -31.22 -0.84
CA ASP A 604 0.94 -31.99 -0.77
C ASP A 604 1.06 -33.08 0.27
N LEU A 605 2.25 -33.72 0.34
CA LEU A 605 2.55 -34.78 1.30
C LEU A 605 2.45 -34.23 2.73
N GLN A 606 3.06 -33.06 2.99
CA GLN A 606 3.02 -32.38 4.27
C GLN A 606 1.60 -31.96 4.60
N ALA A 607 0.76 -31.71 3.56
CA ALA A 607 -0.64 -31.34 3.71
C ALA A 607 -1.45 -32.55 4.19
N LEU A 608 -1.05 -33.78 3.76
CA LEU A 608 -1.70 -35.02 4.15
C LEU A 608 -1.34 -35.38 5.60
N GLN A 609 -0.03 -35.32 5.93
CA GLN A 609 0.51 -35.62 7.26
C GLN A 609 -0.20 -34.87 8.37
N GLN A 610 -0.34 -33.52 8.23
CA GLN A 610 -0.99 -32.67 9.24
C GLN A 610 -2.46 -33.04 9.47
N ALA A 611 -3.16 -33.55 8.42
CA ALA A 611 -4.55 -34.02 8.55
C ALA A 611 -4.54 -35.35 9.32
N GLY A 612 -3.50 -36.16 9.14
CA GLY A 612 -3.30 -37.42 9.84
C GLY A 612 -3.10 -37.25 11.33
N TYR A 613 -2.27 -36.26 11.74
CA TYR A 613 -1.97 -35.96 13.16
C TYR A 613 -3.21 -35.42 13.90
N PHE A 614 -4.18 -34.85 13.15
CA PHE A 614 -5.43 -34.36 13.71
C PHE A 614 -6.52 -35.43 13.57
N GLY A 615 -6.13 -36.58 13.03
CA GLY A 615 -6.97 -37.76 12.82
C GLY A 615 -8.08 -37.60 11.81
N MET A 616 -7.94 -36.62 10.88
CA MET A 616 -8.92 -36.32 9.83
C MET A 616 -9.06 -37.51 8.88
N LEU A 617 -7.93 -38.20 8.65
CA LEU A 617 -7.83 -39.32 7.73
C LEU A 617 -8.26 -40.66 8.30
N ASN A 618 -8.75 -41.57 7.41
CA ASN A 618 -9.19 -42.92 7.75
C ASN A 618 -8.80 -43.90 6.62
N GLU A 619 -8.73 -45.20 6.95
CA GLU A 619 -8.27 -46.28 6.05
C GLU A 619 -9.11 -46.52 4.79
N SER A 620 -10.42 -46.29 4.86
CA SER A 620 -11.27 -46.47 3.68
C SER A 620 -11.52 -45.07 3.12
N MET A 621 -10.59 -44.60 2.29
CA MET A 621 -10.64 -43.26 1.72
C MET A 621 -9.96 -43.19 0.38
N TRP A 622 -10.51 -42.40 -0.52
CA TRP A 622 -9.81 -42.16 -1.75
C TRP A 622 -9.00 -40.91 -1.47
N LEU A 623 -7.68 -41.10 -1.37
CA LEU A 623 -6.76 -40.03 -1.03
C LEU A 623 -6.68 -38.92 -2.08
N PRO A 624 -6.71 -39.18 -3.42
CA PRO A 624 -6.65 -38.06 -4.39
C PRO A 624 -7.82 -37.06 -4.30
N GLY A 625 -8.95 -37.51 -3.74
CA GLY A 625 -10.16 -36.71 -3.57
C GLY A 625 -10.14 -35.77 -2.38
N PHE A 626 -9.00 -35.73 -1.65
CA PHE A 626 -8.78 -34.83 -0.52
C PHE A 626 -8.52 -33.47 -1.14
N PHE A 627 -7.90 -33.49 -2.35
CA PHE A 627 -7.53 -32.33 -3.16
C PHE A 627 -8.66 -31.87 -4.06
N LEU A 628 -9.47 -32.83 -4.53
CA LEU A 628 -10.58 -32.65 -5.45
C LEU A 628 -11.86 -32.16 -4.79
N GLU A 629 -11.85 -32.00 -3.46
CA GLU A 629 -13.00 -31.55 -2.66
C GLU A 629 -13.53 -30.20 -3.19
N LYS A 630 -12.62 -29.23 -3.43
CA LYS A 630 -12.99 -27.90 -3.92
C LYS A 630 -12.65 -27.67 -5.41
N ALA A 631 -12.16 -28.70 -6.12
CA ALA A 631 -11.82 -28.59 -7.54
C ALA A 631 -13.01 -28.35 -8.46
N LEU A 632 -12.81 -27.51 -9.47
CA LEU A 632 -13.81 -27.16 -10.46
C LEU A 632 -13.64 -28.00 -11.68
N SER A 633 -14.77 -28.36 -12.31
CA SER A 633 -14.78 -29.15 -13.53
C SER A 633 -14.14 -28.39 -14.70
N ARG A 634 -14.54 -27.12 -14.91
CA ARG A 634 -14.01 -26.35 -16.03
C ARG A 634 -13.00 -25.30 -15.65
N ARG A 635 -11.93 -25.14 -16.47
CA ARG A 635 -10.86 -24.15 -16.26
C ARG A 635 -10.87 -23.01 -17.30
N ASN A 636 -11.31 -21.87 -16.87
CA ASN A 636 -11.46 -20.69 -17.68
C ASN A 636 -10.49 -19.66 -17.15
N THR A 637 -9.70 -19.07 -18.05
CA THR A 637 -8.68 -18.06 -17.72
C THR A 637 -9.35 -16.72 -17.33
N LEU A 638 -10.60 -16.50 -17.78
CA LEU A 638 -11.34 -15.30 -17.40
C LEU A 638 -11.84 -15.39 -15.96
N ILE A 639 -12.47 -16.52 -15.59
CA ILE A 639 -12.99 -16.72 -14.23
C ILE A 639 -11.85 -16.86 -13.25
N PHE A 640 -10.85 -17.64 -13.65
CA PHE A 640 -9.69 -17.96 -12.85
C PHE A 640 -8.48 -17.41 -13.54
N PRO A 641 -8.30 -16.09 -13.45
CA PRO A 641 -7.14 -15.47 -14.07
C PRO A 641 -5.90 -15.87 -13.29
N GLU A 642 -4.75 -15.92 -13.97
CA GLU A 642 -3.52 -16.28 -13.30
C GLU A 642 -3.01 -15.14 -12.44
N ASP A 643 -3.46 -13.90 -12.73
CA ASP A 643 -3.18 -12.80 -11.83
C ASP A 643 -4.38 -12.90 -10.92
N LYS A 644 -4.16 -13.39 -9.71
CA LYS A 644 -5.17 -13.64 -8.69
C LYS A 644 -5.94 -12.40 -8.24
N ASN A 645 -5.28 -11.25 -8.32
CA ASN A 645 -5.82 -9.97 -7.89
C ASN A 645 -6.91 -9.42 -8.77
N GLU A 646 -6.79 -9.70 -10.08
CA GLU A 646 -7.66 -9.27 -11.16
C GLU A 646 -9.08 -9.61 -10.80
N LEU A 647 -9.79 -8.60 -10.32
CA LEU A 647 -11.18 -8.70 -9.93
C LEU A 647 -11.83 -7.36 -9.98
N THR A 648 -12.98 -7.30 -10.64
CA THR A 648 -13.78 -6.10 -10.78
C THR A 648 -15.24 -6.39 -10.44
N VAL A 649 -15.80 -5.60 -9.53
CA VAL A 649 -17.18 -5.71 -9.07
C VAL A 649 -17.78 -4.31 -9.15
N LEU A 650 -19.03 -4.20 -9.57
CA LEU A 650 -19.72 -2.93 -9.66
C LEU A 650 -20.84 -2.90 -8.65
N ASN A 651 -21.27 -1.73 -8.17
CA ASN A 651 -22.44 -1.69 -7.29
C ASN A 651 -23.66 -1.85 -8.21
N VAL A 652 -24.43 -2.93 -7.98
CA VAL A 652 -25.61 -3.28 -8.77
C VAL A 652 -26.73 -2.26 -8.58
N ASN A 653 -26.99 -1.84 -7.34
CA ASN A 653 -28.03 -0.85 -7.06
C ASN A 653 -27.78 0.38 -7.90
N LYS A 654 -26.52 0.83 -7.92
CA LYS A 654 -26.05 1.96 -8.71
C LYS A 654 -26.40 1.76 -10.19
N ILE A 655 -26.05 0.59 -10.76
CA ILE A 655 -26.33 0.23 -12.17
C ILE A 655 -27.81 0.39 -12.56
N TYR A 656 -28.73 0.03 -11.66
CA TYR A 656 -30.16 0.13 -11.93
C TYR A 656 -30.78 1.45 -11.45
N ILE A 657 -29.97 2.33 -10.83
CA ILE A 657 -30.39 3.64 -10.38
C ILE A 657 -29.99 4.68 -11.43
N GLU A 658 -28.70 4.71 -11.81
CA GLU A 658 -28.14 5.66 -12.79
C GLU A 658 -28.74 5.47 -14.18
N ASN A 659 -28.93 4.21 -14.61
CA ASN A 659 -29.40 3.88 -15.95
C ASN A 659 -30.80 3.27 -15.98
N HIS A 660 -31.71 3.73 -15.09
CA HIS A 660 -33.10 3.26 -15.03
C HIS A 660 -33.80 3.37 -16.38
N ASP A 661 -33.49 4.44 -17.13
CA ASP A 661 -34.01 4.70 -18.46
C ASP A 661 -33.64 3.54 -19.39
N LEU A 662 -32.38 3.08 -19.31
CA LEU A 662 -31.84 1.97 -20.11
C LEU A 662 -32.37 0.61 -19.66
N MET A 663 -32.16 0.27 -18.38
CA MET A 663 -32.45 -1.03 -17.80
C MET A 663 -33.94 -1.38 -17.64
N SER A 664 -34.85 -0.43 -17.89
CA SER A 664 -36.31 -0.67 -17.84
C SER A 664 -36.82 -0.95 -19.26
N LYS A 665 -35.91 -0.87 -20.25
CA LYS A 665 -36.22 -1.06 -21.68
C LYS A 665 -35.31 -2.11 -22.36
N VAL A 666 -34.47 -2.84 -21.59
CA VAL A 666 -33.59 -3.91 -22.12
C VAL A 666 -34.38 -5.21 -22.15
N PRO A 667 -34.15 -6.16 -23.10
CA PRO A 667 -34.89 -7.44 -23.03
C PRO A 667 -34.50 -8.15 -21.73
N VAL A 668 -35.50 -8.43 -20.89
CA VAL A 668 -35.27 -9.05 -19.58
C VAL A 668 -36.02 -10.37 -19.48
N ILE A 669 -35.28 -11.44 -19.11
CA ILE A 669 -35.90 -12.73 -18.82
C ILE A 669 -35.92 -12.76 -17.32
N GLU A 670 -37.11 -12.63 -16.75
CA GLU A 670 -37.25 -12.68 -15.30
C GLU A 670 -36.94 -14.09 -14.91
N ALA A 671 -36.34 -14.25 -13.76
CA ALA A 671 -36.09 -15.56 -13.22
C ALA A 671 -37.42 -16.08 -12.70
N SER A 672 -37.68 -17.37 -12.92
CA SER A 672 -38.93 -18.07 -12.66
C SER A 672 -39.68 -17.73 -11.38
N LYS A 673 -41.00 -17.83 -11.47
CA LYS A 673 -41.96 -17.58 -10.40
C LYS A 673 -41.80 -18.55 -9.25
N GLU A 674 -41.46 -19.79 -9.59
CA GLU A 674 -41.39 -20.87 -8.64
C GLU A 674 -40.00 -21.45 -8.59
N SER A 675 -39.11 -20.69 -7.99
CA SER A 675 -37.70 -21.01 -7.78
C SER A 675 -37.32 -20.45 -6.43
N THR A 676 -36.28 -21.01 -5.85
CA THR A 676 -35.92 -20.66 -4.50
C THR A 676 -34.78 -19.69 -4.38
N ARG A 677 -34.80 -18.95 -3.25
CA ARG A 677 -33.83 -17.96 -2.86
C ARG A 677 -32.42 -18.46 -3.09
N ASP A 678 -32.13 -19.72 -2.77
CA ASP A 678 -30.83 -20.32 -2.98
C ASP A 678 -30.48 -20.39 -4.47
N ASP A 679 -31.47 -20.70 -5.31
CA ASP A 679 -31.31 -20.73 -6.75
C ASP A 679 -31.06 -19.36 -7.36
N TRP A 680 -31.64 -18.27 -6.78
CA TRP A 680 -31.55 -16.91 -7.29
C TRP A 680 -30.14 -16.38 -7.55
N ALA A 681 -29.99 -15.73 -8.71
CA ALA A 681 -28.78 -15.08 -9.25
C ALA A 681 -29.20 -14.15 -10.38
N ALA A 682 -28.43 -13.08 -10.59
CA ALA A 682 -28.73 -12.08 -11.63
C ALA A 682 -27.59 -11.97 -12.62
N LEU A 683 -27.90 -12.13 -13.91
CA LEU A 683 -26.93 -12.06 -14.99
C LEU A 683 -27.30 -10.98 -16.00
N THR A 684 -26.27 -10.27 -16.50
CA THR A 684 -26.39 -9.22 -17.50
C THR A 684 -25.30 -9.47 -18.54
N VAL A 685 -25.72 -9.54 -19.82
CA VAL A 685 -24.79 -9.78 -20.93
C VAL A 685 -24.67 -8.51 -21.76
N VAL A 686 -23.43 -8.05 -21.98
CA VAL A 686 -23.12 -6.87 -22.80
C VAL A 686 -22.42 -7.41 -24.04
N ALA A 687 -23.01 -7.19 -25.24
CA ALA A 687 -22.43 -7.72 -26.48
C ALA A 687 -22.74 -6.95 -27.74
N ASP A 688 -21.80 -7.04 -28.71
CA ASP A 688 -21.92 -6.43 -30.04
C ASP A 688 -22.72 -7.39 -30.90
N LEU A 689 -24.03 -7.12 -31.08
CA LEU A 689 -24.90 -7.99 -31.88
C LEU A 689 -24.71 -7.81 -33.41
N ASP A 690 -23.79 -6.90 -33.81
CA ASP A 690 -23.42 -6.65 -35.20
C ASP A 690 -22.18 -7.51 -35.58
N ASP A 691 -21.77 -8.41 -34.66
CA ASP A 691 -20.65 -9.35 -34.81
C ASP A 691 -21.09 -10.75 -34.43
N ILE A 692 -20.49 -11.76 -35.09
CA ILE A 692 -20.76 -13.18 -34.87
C ILE A 692 -20.51 -13.56 -33.40
N GLU A 693 -19.36 -13.11 -32.83
CA GLU A 693 -18.94 -13.38 -31.44
C GLU A 693 -19.94 -12.81 -30.43
N GLY A 694 -20.44 -11.62 -30.72
CA GLY A 694 -21.41 -10.94 -29.88
C GLY A 694 -22.73 -11.65 -29.78
N GLN A 695 -23.25 -12.16 -30.92
CA GLN A 695 -24.52 -12.88 -30.97
C GLN A 695 -24.37 -14.37 -30.58
N GLU A 696 -23.15 -14.95 -30.76
CA GLU A 696 -22.84 -16.33 -30.38
C GLU A 696 -22.92 -16.40 -28.86
N LEU A 697 -22.24 -15.45 -28.17
CA LEU A 697 -22.19 -15.30 -26.73
C LEU A 697 -23.58 -15.24 -26.08
N VAL A 698 -24.53 -14.49 -26.68
CA VAL A 698 -25.91 -14.35 -26.20
C VAL A 698 -26.67 -15.66 -26.34
N TYR A 699 -26.47 -16.39 -27.46
CA TYR A 699 -27.11 -17.69 -27.65
C TYR A 699 -26.79 -18.64 -26.51
N TYR A 700 -25.50 -18.69 -26.09
CA TYR A 700 -25.00 -19.49 -24.97
C TYR A 700 -25.61 -19.06 -23.64
N ALA A 701 -25.82 -17.75 -23.45
CA ALA A 701 -26.41 -17.18 -22.24
C ALA A 701 -27.87 -17.58 -22.15
N LEU A 702 -28.57 -17.58 -23.31
CA LEU A 702 -29.97 -17.98 -23.42
C LEU A 702 -30.12 -19.46 -23.13
N ARG A 703 -29.18 -20.28 -23.66
CA ARG A 703 -29.12 -21.74 -23.49
C ARG A 703 -28.96 -22.03 -22.01
N PHE A 704 -28.01 -21.33 -21.37
CA PHE A 704 -27.71 -21.43 -19.95
C PHE A 704 -28.94 -21.08 -19.10
N ARG A 705 -29.74 -20.10 -19.54
CA ARG A 705 -30.93 -19.68 -18.83
C ARG A 705 -32.02 -20.75 -18.85
N LYS A 706 -32.19 -21.51 -19.97
CA LYS A 706 -33.18 -22.60 -20.07
C LYS A 706 -32.97 -23.61 -18.96
N SER A 707 -31.69 -23.98 -18.73
CA SER A 707 -31.24 -24.95 -17.74
C SER A 707 -31.39 -24.44 -16.32
N ASN A 708 -31.03 -23.18 -16.06
CA ASN A 708 -31.08 -22.60 -14.71
C ASN A 708 -32.25 -21.62 -14.57
N ASP A 709 -33.37 -22.10 -14.00
CA ASP A 709 -34.61 -21.34 -13.83
C ASP A 709 -34.54 -20.23 -12.78
N GLY A 710 -33.51 -20.27 -11.96
CA GLY A 710 -33.30 -19.27 -10.92
C GLY A 710 -32.70 -17.96 -11.39
N VAL A 711 -31.93 -17.97 -12.50
CA VAL A 711 -31.24 -16.80 -13.08
C VAL A 711 -32.22 -15.79 -13.70
N ARG A 712 -31.91 -14.49 -13.58
CA ARG A 712 -32.65 -13.39 -14.18
C ARG A 712 -31.68 -12.76 -15.19
N LEU A 713 -32.00 -12.88 -16.51
CA LEU A 713 -31.14 -12.39 -17.59
C LEU A 713 -31.53 -11.04 -18.17
N ASP A 714 -30.51 -10.26 -18.56
CA ASP A 714 -30.59 -8.94 -19.18
C ASP A 714 -29.67 -8.95 -20.40
N ILE A 715 -30.10 -8.33 -21.51
CA ILE A 715 -29.27 -8.23 -22.71
C ILE A 715 -29.04 -6.77 -23.09
N VAL A 716 -27.76 -6.37 -23.14
CA VAL A 716 -27.33 -5.02 -23.48
C VAL A 716 -26.57 -5.09 -24.81
N HIS A 717 -27.09 -4.39 -25.82
CA HIS A 717 -26.53 -4.30 -27.18
C HIS A 717 -25.46 -3.26 -27.17
N ASN A 718 -24.20 -3.67 -27.33
CA ASN A 718 -23.11 -2.72 -27.41
C ASN A 718 -22.34 -2.85 -28.76
N PRO A 719 -22.69 -2.21 -29.91
CA PRO A 719 -23.86 -1.42 -30.27
C PRO A 719 -25.13 -2.29 -30.36
N THR A 722 -20.27 -0.17 -38.23
CA THR A 722 -19.94 1.14 -37.65
C THR A 722 -21.21 1.86 -37.08
N SER A 723 -22.37 1.15 -37.04
CA SER A 723 -23.66 1.68 -36.58
C SER A 723 -23.65 2.17 -35.13
N ARG A 724 -24.28 3.34 -34.94
CA ARG A 724 -24.42 4.05 -33.69
C ARG A 724 -25.56 3.47 -32.86
N SER A 725 -25.44 3.58 -31.53
CA SER A 725 -26.42 3.14 -30.52
C SER A 725 -26.53 1.58 -30.51
N PRO A 726 -27.61 0.77 -30.79
CA PRO A 726 -28.95 1.05 -31.32
C PRO A 726 -30.17 0.64 -30.46
N SER A 727 -31.10 1.58 -30.28
CA SER A 727 -32.39 1.30 -29.66
C SER A 727 -33.24 0.37 -30.55
N VAL A 728 -33.03 0.39 -31.90
CA VAL A 728 -33.75 -0.44 -32.87
C VAL A 728 -33.58 -1.94 -32.58
N LEU A 729 -32.32 -2.46 -32.51
CA LEU A 729 -32.05 -3.88 -32.24
C LEU A 729 -32.55 -4.34 -30.89
N ALA A 730 -32.53 -3.43 -29.89
CA ALA A 730 -33.03 -3.68 -28.54
C ALA A 730 -34.56 -3.81 -28.59
N GLN A 731 -35.21 -2.91 -29.37
CA GLN A 731 -36.66 -2.90 -29.58
C GLN A 731 -37.12 -4.15 -30.34
N ARG A 732 -36.25 -4.69 -31.24
CA ARG A 732 -36.53 -5.91 -32.01
C ARG A 732 -36.67 -7.10 -31.07
N LEU A 733 -35.82 -7.16 -30.03
CA LEU A 733 -35.78 -8.26 -29.08
C LEU A 733 -36.81 -8.17 -27.96
N LYS A 734 -37.09 -6.97 -27.43
CA LYS A 734 -38.07 -6.80 -26.35
C LYS A 734 -39.49 -7.17 -26.80
N SER A 735 -39.74 -7.13 -28.13
CA SER A 735 -40.99 -7.55 -28.73
C SER A 735 -41.04 -9.08 -28.69
N ARG A 736 -39.86 -9.72 -28.90
CA ARG A 736 -39.70 -11.18 -28.93
C ARG A 736 -39.40 -11.73 -27.53
N GLU A 737 -39.33 -10.83 -26.53
CA GLU A 737 -38.99 -11.10 -25.12
C GLU A 737 -39.72 -12.27 -24.51
N ASP A 738 -41.02 -12.37 -24.79
CA ASP A 738 -41.89 -13.44 -24.30
C ASP A 738 -41.45 -14.78 -24.90
N LYS A 739 -41.07 -14.74 -26.17
CA LYS A 739 -40.67 -15.90 -26.97
C LYS A 739 -39.19 -16.24 -26.83
N LEU A 740 -38.41 -15.42 -26.07
CA LEU A 740 -37.00 -15.69 -25.85
C LEU A 740 -36.81 -17.08 -25.28
N LEU A 741 -35.69 -17.71 -25.65
CA LEU A 741 -35.25 -19.06 -25.29
C LEU A 741 -36.29 -20.14 -25.73
N ASP A 742 -36.80 -19.98 -26.95
CA ASP A 742 -37.66 -20.93 -27.65
C ASP A 742 -36.98 -21.14 -29.00
N PHE A 743 -35.71 -20.73 -29.06
CA PHE A 743 -34.85 -20.80 -30.23
C PHE A 743 -34.23 -22.15 -30.31
N THR A 744 -34.92 -23.05 -31.02
CA THR A 744 -34.52 -24.43 -31.29
C THR A 744 -33.13 -24.41 -31.94
N ARG A 745 -32.92 -23.45 -32.84
CA ARG A 745 -31.64 -23.25 -33.52
C ARG A 745 -31.17 -21.79 -33.44
N PHE A 746 -29.85 -21.59 -33.64
CA PHE A 746 -29.20 -20.28 -33.59
C PHE A 746 -29.74 -19.28 -34.60
N LEU A 747 -30.09 -19.72 -35.83
CA LEU A 747 -30.64 -18.84 -36.86
C LEU A 747 -31.95 -18.17 -36.45
N ASP A 748 -32.74 -18.80 -35.55
CA ASP A 748 -33.98 -18.22 -35.07
C ASP A 748 -33.70 -16.88 -34.35
N LEU A 749 -32.55 -16.80 -33.64
CA LEU A 749 -32.07 -15.60 -32.95
C LEU A 749 -31.56 -14.59 -33.98
N GLU A 750 -30.78 -15.06 -34.97
CA GLU A 750 -30.24 -14.25 -36.07
C GLU A 750 -31.37 -13.57 -36.84
N THR A 751 -32.41 -14.34 -37.21
CA THR A 751 -33.58 -13.88 -37.95
C THR A 751 -34.40 -12.87 -37.17
N ALA A 752 -34.61 -13.11 -35.85
CA ALA A 752 -35.35 -12.21 -34.95
C ALA A 752 -34.72 -10.81 -34.91
N LEU A 753 -33.38 -10.73 -35.07
CA LEU A 753 -32.63 -9.48 -35.08
C LEU A 753 -32.91 -8.65 -36.33
N GLU A 754 -33.13 -9.31 -37.48
CA GLU A 754 -33.38 -8.69 -38.79
C GLU A 754 -34.78 -8.11 -38.98
N THR A 755 -35.81 -8.84 -38.50
CA THR A 755 -37.23 -8.55 -38.73
C THR A 755 -37.88 -7.56 -37.75
N GLY A 756 -38.73 -6.69 -38.32
CA GLY A 756 -39.47 -5.66 -37.61
C GLY A 756 -39.04 -4.24 -37.97
N GLU A 757 -39.98 -3.29 -37.95
CA GLU A 757 -39.66 -1.89 -38.24
C GLU A 757 -39.80 -1.05 -36.98
N PHE A 758 -38.72 -0.35 -36.59
CA PHE A 758 -38.76 0.42 -35.35
C PHE A 758 -38.25 1.85 -35.43
N GLU A 759 -38.77 2.62 -34.49
CA GLU A 759 -38.60 4.04 -34.20
C GLU A 759 -37.51 4.19 -33.11
N PRO A 760 -36.34 4.79 -33.42
CA PRO A 760 -35.30 4.90 -32.39
C PRO A 760 -35.65 5.74 -31.16
N ASP A 761 -35.58 5.13 -29.96
CA ASP A 761 -35.76 5.83 -28.70
C ASP A 761 -34.38 6.43 -28.43
N VAL A 762 -34.19 7.71 -28.76
CA VAL A 762 -32.90 8.37 -28.61
C VAL A 762 -32.61 8.67 -27.11
N ALA A 763 -33.64 8.57 -26.24
CA ALA A 763 -33.47 8.70 -24.80
C ALA A 763 -32.73 7.45 -24.29
N TYR A 764 -33.07 6.26 -24.86
CA TYR A 764 -32.45 4.97 -24.57
C TYR A 764 -30.95 5.02 -24.93
N ASP A 765 -30.63 5.50 -26.16
CA ASP A 765 -29.28 5.64 -26.72
C ASP A 765 -28.35 6.40 -25.78
N ALA A 766 -28.86 7.50 -25.19
CA ALA A 766 -28.16 8.38 -24.26
C ALA A 766 -27.74 7.65 -22.98
N SER A 767 -28.71 6.96 -22.33
CA SER A 767 -28.48 6.19 -21.12
C SER A 767 -27.54 5.01 -21.37
N LEU A 768 -27.55 4.47 -22.61
CA LEU A 768 -26.70 3.36 -23.03
C LEU A 768 -25.22 3.76 -22.97
N ALA A 769 -24.85 4.86 -23.66
CA ALA A 769 -23.47 5.38 -23.71
C ALA A 769 -22.98 5.91 -22.36
N ASN A 770 -23.91 6.25 -21.44
CA ASN A 770 -23.58 6.72 -20.10
C ASN A 770 -23.16 5.52 -19.26
N PHE A 771 -23.88 4.40 -19.41
CA PHE A 771 -23.63 3.14 -18.70
C PHE A 771 -22.22 2.62 -18.94
N LEU A 772 -21.80 2.57 -20.21
CA LEU A 772 -20.48 2.10 -20.61
C LEU A 772 -19.39 2.99 -20.05
N ALA A 773 -19.65 4.32 -20.04
CA ALA A 773 -18.73 5.34 -19.53
C ALA A 773 -18.57 5.19 -18.01
N SER A 774 -19.69 4.95 -17.28
CA SER A 774 -19.69 4.75 -15.84
C SER A 774 -18.96 3.47 -15.49
N SER A 775 -19.21 2.42 -16.29
CA SER A 775 -18.65 1.10 -16.11
C SER A 775 -17.24 0.92 -16.74
N ASN A 776 -16.69 1.98 -17.35
CA ASN A 776 -15.36 2.07 -17.98
C ASN A 776 -15.17 0.98 -19.05
N MET A 777 -16.13 0.91 -19.98
CA MET A 777 -16.09 -0.09 -21.05
C MET A 777 -16.29 0.49 -22.41
N LYS A 778 -15.51 0.00 -23.39
CA LYS A 778 -15.50 0.56 -24.74
C LYS A 778 -16.59 -0.06 -25.64
N ALA A 779 -16.75 0.53 -26.83
CA ALA A 779 -17.72 0.14 -27.86
C ALA A 779 -17.26 -1.09 -28.63
N GLY A 780 -18.20 -1.97 -28.94
CA GLY A 780 -17.97 -3.22 -29.65
C GLY A 780 -17.24 -4.27 -28.84
N ASP A 781 -17.22 -4.13 -27.50
CA ASP A 781 -16.57 -5.05 -26.57
C ASP A 781 -17.62 -5.89 -25.85
N ASN A 782 -17.36 -7.21 -25.75
CA ASN A 782 -18.27 -8.17 -25.10
C ASN A 782 -17.90 -8.36 -23.64
N PHE A 783 -18.90 -8.32 -22.75
CA PHE A 783 -18.73 -8.49 -21.32
C PHE A 783 -19.86 -9.30 -20.70
N VAL A 784 -19.59 -9.92 -19.55
CA VAL A 784 -20.55 -10.75 -18.80
C VAL A 784 -20.54 -10.29 -17.33
N ILE A 785 -21.74 -10.02 -16.77
CA ILE A 785 -21.91 -9.54 -15.39
C ILE A 785 -22.86 -10.42 -14.59
N LEU A 786 -22.32 -11.19 -13.64
CA LEU A 786 -23.15 -11.98 -12.74
C LEU A 786 -22.97 -11.42 -11.37
N ASN A 787 -24.07 -10.93 -10.79
CA ASN A 787 -24.14 -10.35 -9.45
C ASN A 787 -23.07 -9.29 -9.19
N GLY A 788 -22.90 -8.38 -10.15
CA GLY A 788 -21.95 -7.29 -10.07
C GLY A 788 -20.55 -7.56 -10.58
N ARG A 789 -20.11 -8.83 -10.64
CA ARG A 789 -18.76 -9.18 -11.08
C ARG A 789 -18.66 -9.21 -12.61
N VAL A 790 -17.71 -8.44 -13.14
CA VAL A 790 -17.48 -8.30 -14.58
C VAL A 790 -16.31 -9.16 -15.07
N LEU A 791 -16.52 -9.83 -16.23
CA LEU A 791 -15.51 -10.60 -16.94
C LEU A 791 -15.49 -10.11 -18.38
N GLY A 792 -14.29 -9.82 -18.88
CA GLY A 792 -14.12 -9.33 -20.24
C GLY A 792 -12.95 -8.39 -20.43
N PRO A 793 -12.76 -7.85 -21.66
CA PRO A 793 -13.56 -8.04 -22.88
C PRO A 793 -13.39 -9.44 -23.50
N ILE A 794 -14.49 -9.99 -24.04
CA ILE A 794 -14.51 -11.31 -24.69
C ILE A 794 -14.15 -11.11 -26.16
N THR A 795 -12.92 -11.51 -26.53
CA THR A 795 -12.42 -11.39 -27.90
C THR A 795 -13.08 -12.42 -28.81
N SER A 796 -13.17 -13.69 -28.32
CA SER A 796 -13.78 -14.81 -29.05
C SER A 796 -14.82 -15.47 -28.15
N ALA A 797 -16.04 -15.68 -28.68
CA ALA A 797 -17.17 -16.30 -27.97
C ALA A 797 -16.96 -17.78 -27.62
N ASP A 798 -15.90 -18.40 -28.18
CA ASP A 798 -15.53 -19.78 -27.88
C ASP A 798 -14.91 -19.84 -26.48
N ASP A 799 -14.39 -18.69 -26.00
CA ASP A 799 -13.83 -18.55 -24.66
C ASP A 799 -14.93 -18.66 -23.61
N PHE A 800 -16.12 -18.07 -23.85
CA PHE A 800 -17.26 -18.15 -22.93
C PHE A 800 -18.43 -18.93 -23.51
N LYS A 801 -18.52 -20.23 -23.15
CA LYS A 801 -19.57 -21.14 -23.62
C LYS A 801 -20.60 -21.41 -22.50
N LYS A 802 -21.67 -22.17 -22.80
CA LYS A 802 -22.73 -22.54 -21.85
C LYS A 802 -22.16 -23.16 -20.58
N GLU A 803 -21.15 -24.04 -20.75
CA GLU A 803 -20.42 -24.73 -19.67
C GLU A 803 -19.62 -23.73 -18.83
N ASP A 804 -19.18 -22.61 -19.45
CA ASP A 804 -18.43 -21.55 -18.79
C ASP A 804 -19.28 -20.69 -17.90
N PHE A 805 -20.55 -20.48 -18.27
CA PHE A 805 -21.50 -19.73 -17.47
C PHE A 805 -21.82 -20.54 -16.21
N GLU A 806 -21.97 -21.88 -16.38
CA GLU A 806 -22.30 -22.83 -15.31
C GLU A 806 -21.29 -22.87 -14.20
N VAL A 807 -19.98 -22.87 -14.55
CA VAL A 807 -18.90 -22.87 -13.57
C VAL A 807 -18.79 -21.47 -12.97
N PHE A 808 -18.95 -20.42 -13.80
CA PHE A 808 -18.92 -19.03 -13.35
C PHE A 808 -19.94 -18.79 -12.27
N LEU A 809 -21.14 -19.34 -12.44
CA LEU A 809 -22.21 -19.26 -11.47
C LEU A 809 -21.88 -20.14 -10.28
N GLN A 810 -21.32 -21.32 -10.52
CA GLN A 810 -20.98 -22.28 -9.47
C GLN A 810 -19.96 -21.71 -8.51
N ALA A 811 -18.89 -21.12 -9.04
CA ALA A 811 -17.79 -20.51 -8.28
C ALA A 811 -18.24 -19.25 -7.56
N GLU A 812 -18.83 -18.31 -8.30
CA GLU A 812 -19.35 -17.04 -7.82
C GLU A 812 -20.36 -17.27 -6.75
N ARG A 813 -21.24 -18.26 -6.98
CA ARG A 813 -22.30 -18.67 -6.08
C ARG A 813 -21.71 -19.01 -4.78
N ARG A 814 -20.77 -19.96 -4.77
CA ARG A 814 -20.06 -20.45 -3.62
C ARG A 814 -19.61 -19.31 -2.75
N THR A 815 -18.62 -18.55 -3.22
CA THR A 815 -18.02 -17.41 -2.52
C THR A 815 -18.97 -16.31 -2.14
N ARG A 816 -19.49 -15.63 -3.12
CA ARG A 816 -20.19 -14.45 -2.76
C ARG A 816 -21.61 -14.69 -2.38
N ILE A 817 -22.32 -15.50 -3.15
CA ILE A 817 -23.73 -15.63 -2.84
C ILE A 817 -24.01 -16.53 -1.66
N LEU A 818 -23.37 -17.66 -1.54
CA LEU A 818 -23.81 -18.49 -0.44
C LEU A 818 -23.44 -17.92 0.90
N PRO A 819 -22.25 -17.34 1.09
CA PRO A 819 -21.99 -16.73 2.38
C PRO A 819 -22.95 -15.60 2.68
N VAL A 820 -23.38 -14.80 1.68
CA VAL A 820 -24.34 -13.73 1.98
C VAL A 820 -25.66 -14.36 2.43
N TYR A 821 -26.17 -15.34 1.69
CA TYR A 821 -27.44 -15.96 2.04
C TYR A 821 -27.56 -16.53 3.42
N LYS A 822 -26.59 -17.38 3.83
CA LYS A 822 -26.60 -18.00 5.16
C LYS A 822 -26.62 -16.92 6.22
N ALA A 823 -25.55 -16.09 6.24
CA ALA A 823 -25.32 -14.96 7.14
C ALA A 823 -26.56 -14.12 7.29
N LEU A 824 -27.11 -13.66 6.15
CA LEU A 824 -28.33 -12.85 6.04
C LEU A 824 -29.50 -13.52 6.78
N GLU A 825 -29.77 -14.80 6.51
CA GLU A 825 -30.82 -15.59 7.15
C GLU A 825 -30.58 -15.76 8.67
N ASP A 826 -29.31 -15.98 9.09
CA ASP A 826 -28.92 -16.14 10.50
C ASP A 826 -29.33 -14.91 11.33
N LEU A 827 -29.29 -13.73 10.71
CA LEU A 827 -29.68 -12.45 11.29
C LEU A 827 -31.18 -12.21 11.13
N GLY A 828 -31.81 -13.00 10.26
CA GLY A 828 -33.23 -12.89 9.97
C GLY A 828 -33.56 -11.63 9.19
N LEU A 829 -32.72 -11.29 8.19
CA LEU A 829 -32.90 -10.14 7.29
C LEU A 829 -33.38 -10.64 5.93
N ASP A 830 -33.64 -11.97 5.84
CA ASP A 830 -34.06 -12.68 4.64
C ASP A 830 -35.49 -12.28 4.17
N ASP A 831 -36.07 -11.21 4.75
CA ASP A 831 -37.36 -10.64 4.36
C ASP A 831 -37.08 -9.60 3.28
N LYS A 832 -35.88 -8.98 3.37
CA LYS A 832 -35.42 -7.89 2.49
C LYS A 832 -35.06 -8.33 1.07
N VAL A 833 -34.97 -9.66 0.83
CA VAL A 833 -34.68 -10.25 -0.46
C VAL A 833 -36.00 -10.59 -1.17
N SER A 834 -36.33 -9.82 -2.19
CA SER A 834 -37.59 -9.97 -2.93
C SER A 834 -37.42 -10.59 -4.35
N GLY A 835 -36.19 -10.90 -4.72
CA GLY A 835 -35.90 -11.47 -6.02
C GLY A 835 -34.43 -11.52 -6.37
N PRO A 836 -34.11 -11.95 -7.60
CA PRO A 836 -32.70 -12.07 -8.03
C PRO A 836 -31.96 -10.75 -8.07
N LEU A 837 -32.65 -9.69 -8.50
CA LEU A 837 -32.09 -8.34 -8.59
C LEU A 837 -31.93 -7.76 -7.20
N SER A 838 -32.92 -8.03 -6.34
CA SER A 838 -32.96 -7.58 -4.95
C SER A 838 -31.76 -8.12 -4.16
N ALA A 839 -31.46 -9.42 -4.38
CA ALA A 839 -30.35 -10.17 -3.77
C ALA A 839 -28.99 -9.67 -4.21
N ALA A 840 -28.81 -9.43 -5.53
CA ALA A 840 -27.58 -8.95 -6.15
C ALA A 840 -27.07 -7.67 -5.54
N LYS A 841 -27.99 -6.79 -5.11
CA LYS A 841 -27.64 -5.52 -4.48
C LYS A 841 -26.80 -5.77 -3.23
N LEU A 842 -27.25 -6.73 -2.37
CA LEU A 842 -26.57 -7.12 -1.14
C LEU A 842 -25.25 -7.83 -1.39
N THR A 843 -25.26 -8.92 -2.19
CA THR A 843 -24.06 -9.73 -2.54
C THR A 843 -22.97 -8.87 -3.19
N SER A 844 -23.36 -7.96 -4.09
CA SER A 844 -22.45 -7.06 -4.79
C SER A 844 -21.80 -6.07 -3.82
N VAL A 845 -22.58 -5.55 -2.85
CA VAL A 845 -22.09 -4.60 -1.85
C VAL A 845 -21.07 -5.25 -0.91
N THR A 846 -21.37 -6.45 -0.39
CA THR A 846 -20.49 -7.15 0.54
C THR A 846 -19.18 -7.60 -0.13
N ALA A 847 -19.16 -7.72 -1.47
CA ALA A 847 -17.95 -8.10 -2.21
C ALA A 847 -17.03 -6.87 -2.29
N LEU A 848 -17.64 -5.70 -2.42
CA LEU A 848 -16.93 -4.41 -2.48
C LEU A 848 -16.33 -4.04 -1.09
N SER A 849 -16.92 -4.54 0.02
CA SER A 849 -16.48 -4.30 1.41
C SER A 849 -15.14 -4.95 1.78
N THR A 850 -14.83 -6.06 1.12
CA THR A 850 -13.63 -6.85 1.40
C THR A 850 -12.45 -6.57 0.43
N ILE A 851 -12.51 -5.47 -0.33
CA ILE A 851 -11.41 -5.07 -1.23
C ILE A 851 -10.61 -4.01 -0.49
N SER A 852 -9.34 -4.34 -0.17
CA SER A 852 -8.46 -3.48 0.61
C SER A 852 -8.06 -2.17 -0.04
N ASP A 853 -7.87 -1.16 0.82
CA ASP A 853 -7.38 0.16 0.47
C ASP A 853 -5.87 0.00 0.31
N LEU A 854 -5.27 -0.83 1.19
CA LEU A 854 -3.84 -1.08 1.22
C LEU A 854 -3.44 -2.44 0.72
N PRO A 855 -2.63 -2.47 -0.36
CA PRO A 855 -2.16 -3.76 -0.92
C PRO A 855 -1.45 -4.62 0.13
N GLN A 856 -1.87 -5.90 0.22
CA GLN A 856 -1.34 -6.90 1.16
C GLN A 856 0.14 -7.13 0.92
N GLY A 857 0.90 -7.18 2.00
CA GLY A 857 2.34 -7.39 1.97
C GLY A 857 3.17 -6.13 2.11
N ILE A 858 2.53 -4.94 2.12
CA ILE A 858 3.25 -3.67 2.23
C ILE A 858 3.32 -3.17 3.68
N PHE A 859 2.16 -2.89 4.28
CA PHE A 859 2.07 -2.33 5.63
C PHE A 859 1.82 -3.38 6.69
N ASP A 860 1.14 -4.45 6.28
CA ASP A 860 0.83 -5.64 7.08
C ASP A 860 0.47 -6.74 6.11
N ASN A 861 0.94 -7.96 6.43
CA ASN A 861 0.69 -9.16 5.65
C ASN A 861 -0.75 -9.63 5.78
N ALA A 862 -1.39 -9.45 6.96
CA ALA A 862 -2.77 -9.86 7.27
C ALA A 862 -3.84 -9.43 6.21
N PRO A 863 -4.77 -10.35 5.81
CA PRO A 863 -5.76 -9.97 4.78
C PRO A 863 -6.89 -9.04 5.25
N THR A 864 -7.71 -8.55 4.29
CA THR A 864 -8.85 -7.66 4.55
C THR A 864 -10.05 -8.49 5.02
N VAL A 865 -9.98 -8.98 6.25
CA VAL A 865 -11.05 -9.80 6.81
C VAL A 865 -11.70 -9.06 7.96
N ARG A 866 -13.01 -8.79 7.83
CA ARG A 866 -13.78 -8.11 8.86
C ARG A 866 -14.19 -9.12 9.91
N THR A 867 -13.65 -9.00 11.11
CA THR A 867 -13.98 -9.92 12.19
C THR A 867 -15.19 -9.42 12.94
N THR A 868 -15.90 -10.34 13.60
CA THR A 868 -17.05 -10.10 14.47
C THR A 868 -16.75 -10.87 15.75
N LEU A 869 -15.53 -11.44 15.82
CA LEU A 869 -14.97 -12.32 16.83
C LEU A 869 -14.85 -11.73 18.25
N PHE A 870 -15.03 -10.42 18.39
CA PHE A 870 -14.96 -9.73 19.67
C PHE A 870 -16.35 -9.61 20.30
N LYS A 871 -17.37 -10.07 19.59
CA LYS A 871 -18.74 -10.01 20.06
C LYS A 871 -18.98 -11.08 21.12
N GLN A 872 -18.10 -12.08 21.17
CA GLN A 872 -18.12 -13.19 22.12
C GLN A 872 -17.82 -12.68 23.53
N TRP A 873 -16.92 -11.69 23.61
CA TRP A 873 -16.44 -11.06 24.83
C TRP A 873 -17.49 -10.50 25.78
N ASN A 874 -17.33 -10.79 27.09
CA ASN A 874 -18.17 -10.24 28.14
C ASN A 874 -17.73 -8.78 28.29
N SER A 875 -18.68 -7.88 28.47
CA SER A 875 -18.43 -6.44 28.45
C SER A 875 -18.67 -5.65 29.73
N THR A 876 -19.47 -6.18 30.66
CA THR A 876 -19.92 -5.48 31.85
C THR A 876 -18.85 -4.65 32.61
N TYR A 877 -17.70 -5.25 32.98
CA TYR A 877 -16.74 -4.54 33.80
C TYR A 877 -15.49 -3.98 33.10
N THR A 878 -15.34 -4.12 31.77
CA THR A 878 -14.16 -3.54 31.09
C THR A 878 -14.55 -2.59 29.98
N SER A 879 -15.83 -2.58 29.60
CA SER A 879 -16.29 -1.77 28.49
C SER A 879 -17.21 -0.64 28.84
N PHE A 880 -17.17 0.39 27.98
CA PHE A 880 -18.06 1.52 28.05
C PHE A 880 -18.32 2.00 26.62
N GLU A 881 -19.57 2.39 26.36
CA GLU A 881 -19.96 2.84 25.04
C GLU A 881 -20.35 4.31 25.01
N VAL A 882 -20.09 4.94 23.86
CA VAL A 882 -20.41 6.33 23.59
C VAL A 882 -21.02 6.47 22.19
N GLY A 883 -22.14 7.19 22.12
CA GLY A 883 -22.87 7.41 20.88
C GLY A 883 -24.04 6.46 20.76
N ASP A 884 -25.03 6.84 19.90
CA ASP A 884 -26.23 6.03 19.72
C ASP A 884 -26.02 4.92 18.74
N ALA A 885 -26.08 3.69 19.24
CA ALA A 885 -25.92 2.52 18.40
C ALA A 885 -27.04 2.39 17.37
N SER A 886 -28.27 2.75 17.75
CA SER A 886 -29.46 2.71 16.90
C SER A 886 -29.30 3.53 15.63
N THR A 887 -28.75 4.73 15.73
CA THR A 887 -28.57 5.63 14.60
C THR A 887 -27.23 5.51 13.92
N ALA A 888 -26.16 5.21 14.70
CA ALA A 888 -24.77 5.14 14.21
C ALA A 888 -24.58 4.33 12.95
N THR A 889 -23.80 4.89 12.02
CA THR A 889 -23.41 4.28 10.76
C THR A 889 -21.98 3.76 10.96
N ILE A 890 -21.24 4.39 11.85
CA ILE A 890 -19.87 4.02 12.15
C ILE A 890 -19.77 3.36 13.54
N PHE A 891 -19.13 2.19 13.59
CA PHE A 891 -18.96 1.41 14.81
C PHE A 891 -17.50 1.17 15.07
N PHE A 892 -17.02 1.71 16.17
CA PHE A 892 -15.64 1.58 16.58
C PHE A 892 -15.53 0.65 17.77
N VAL A 893 -14.52 -0.21 17.72
CA VAL A 893 -14.20 -1.13 18.81
C VAL A 893 -12.72 -1.02 19.09
N ALA A 894 -12.42 -0.42 20.25
CA ALA A 894 -11.07 -0.18 20.69
C ALA A 894 -10.73 -1.11 21.83
N VAL A 895 -9.54 -1.71 21.74
CA VAL A 895 -8.99 -2.57 22.77
C VAL A 895 -7.66 -1.90 23.13
N ILE A 896 -7.68 -1.09 24.21
CA ILE A 896 -6.56 -0.28 24.67
C ILE A 896 -6.00 -0.80 26.00
N ASN A 897 -4.66 -0.81 26.10
CA ASN A 897 -3.91 -1.17 27.31
C ASN A 897 -3.54 0.18 27.97
N PRO A 898 -4.09 0.49 29.18
CA PRO A 898 -3.81 1.80 29.81
C PRO A 898 -2.33 2.11 30.07
N ALA A 899 -1.51 1.08 30.30
CA ALA A 899 -0.06 1.19 30.56
C ALA A 899 0.78 1.46 29.30
N SER A 900 0.18 1.39 28.10
CA SER A 900 0.90 1.63 26.85
C SER A 900 1.01 3.11 26.48
N GLU A 901 2.09 3.47 25.76
CA GLU A 901 2.33 4.82 25.26
C GLU A 901 1.51 5.04 23.98
N ILE A 902 1.25 3.96 23.22
CA ILE A 902 0.44 3.96 21.99
C ILE A 902 -1.03 4.26 22.35
N GLY A 903 -1.46 3.80 23.52
CA GLY A 903 -2.79 4.02 24.06
C GLY A 903 -3.10 5.49 24.28
N GLN A 904 -2.07 6.28 24.66
CA GLN A 904 -2.16 7.72 24.92
C GLN A 904 -2.72 8.43 23.70
N ARG A 905 -2.20 8.09 22.50
CA ARG A 905 -2.63 8.67 21.23
C ARG A 905 -4.04 8.23 20.87
N TRP A 906 -4.27 6.91 20.90
CA TRP A 906 -5.54 6.27 20.57
C TRP A 906 -6.74 6.88 21.28
N VAL A 907 -6.65 7.05 22.61
CA VAL A 907 -7.71 7.62 23.45
C VAL A 907 -8.08 9.04 22.99
N ALA A 908 -7.05 9.90 22.88
CA ALA A 908 -7.15 11.30 22.48
C ALA A 908 -7.87 11.47 21.16
N VAL A 909 -7.49 10.68 20.13
CA VAL A 909 -8.06 10.70 18.78
C VAL A 909 -9.50 10.20 18.83
N LEU A 910 -9.72 9.02 19.42
CA LEU A 910 -11.03 8.40 19.53
C LEU A 910 -12.08 9.24 20.26
N LYS A 911 -11.67 10.06 21.26
CA LYS A 911 -12.58 10.95 21.99
C LYS A 911 -13.20 11.98 21.02
N VAL A 912 -12.36 12.54 20.13
CA VAL A 912 -12.76 13.53 19.13
C VAL A 912 -13.64 12.92 18.04
N LEU A 913 -13.36 11.69 17.62
CA LEU A 913 -14.19 11.02 16.62
C LEU A 913 -15.49 10.53 17.23
N SER A 914 -15.51 10.31 18.55
CA SER A 914 -16.69 9.88 19.30
C SER A 914 -17.71 11.02 19.40
N GLU A 915 -17.23 12.27 19.38
CA GLU A 915 -18.05 13.47 19.47
C GLU A 915 -18.92 13.65 18.21
N LEU A 916 -18.53 13.01 17.08
CA LEU A 916 -19.27 13.06 15.83
C LEU A 916 -20.60 12.35 15.94
N GLU A 917 -21.63 12.92 15.30
CA GLU A 917 -22.96 12.34 15.27
C GLU A 917 -23.04 11.28 14.18
N GLY A 918 -23.58 10.13 14.54
CA GLY A 918 -23.71 9.00 13.65
C GLY A 918 -22.55 8.02 13.81
N VAL A 919 -21.74 8.18 14.89
CA VAL A 919 -20.60 7.32 15.22
C VAL A 919 -20.83 6.71 16.62
N HIS A 920 -20.53 5.43 16.75
CA HIS A 920 -20.63 4.68 18.00
C HIS A 920 -19.25 4.14 18.33
N LEU A 921 -18.87 4.18 19.61
CA LEU A 921 -17.61 3.67 20.12
C LEU A 921 -17.83 2.82 21.38
N ARG A 922 -17.03 1.75 21.52
CA ARG A 922 -17.05 0.80 22.64
C ARG A 922 -15.58 0.49 23.00
N VAL A 923 -15.19 0.70 24.26
CA VAL A 923 -13.79 0.54 24.69
C VAL A 923 -13.55 -0.62 25.63
N PHE A 924 -12.46 -1.38 25.39
CA PHE A 924 -12.01 -2.50 26.20
C PHE A 924 -10.61 -2.22 26.71
N LEU A 925 -10.39 -2.40 28.02
CA LEU A 925 -9.10 -2.13 28.61
C LEU A 925 -8.37 -3.40 28.93
N ASN A 926 -7.18 -3.62 28.34
CA ASN A 926 -6.52 -4.88 28.64
C ASN A 926 -5.03 -4.71 29.00
N PRO A 927 -4.76 -4.62 30.32
CA PRO A 927 -3.39 -4.49 30.80
C PRO A 927 -2.60 -5.79 30.82
N THR A 928 -1.26 -5.70 31.01
CA THR A 928 -0.35 -6.84 31.11
C THR A 928 0.19 -6.96 32.53
N VAL A 929 0.54 -8.19 32.92
CA VAL A 929 1.17 -8.50 34.22
C VAL A 929 2.70 -8.48 34.02
N MET A 930 3.13 -8.51 32.74
CA MET A 930 4.53 -8.52 32.32
C MET A 930 5.05 -7.08 32.14
N ILE A 931 5.59 -6.51 33.23
CA ILE A 931 6.16 -5.15 33.25
C ILE A 931 7.56 -5.21 33.89
N GLU A 932 8.59 -5.46 33.06
CA GLU A 932 9.98 -5.54 33.53
C GLU A 932 10.61 -4.15 33.71
N GLU A 933 10.14 -3.16 32.94
CA GLU A 933 10.60 -1.78 32.94
C GLU A 933 9.40 -0.82 33.05
N LEU A 934 9.62 0.47 33.31
CA LEU A 934 8.56 1.49 33.42
C LEU A 934 7.66 1.51 32.15
N PRO A 935 6.32 1.42 32.30
CA PRO A 935 5.44 1.30 31.12
C PRO A 935 5.31 2.54 30.24
N VAL A 936 4.96 3.69 30.84
CA VAL A 936 4.79 4.98 30.16
C VAL A 936 5.83 5.93 30.73
N LYS A 937 6.71 6.43 29.86
CA LYS A 937 7.81 7.32 30.24
C LYS A 937 7.67 8.71 29.63
N ARG A 938 6.42 9.15 29.35
CA ARG A 938 6.16 10.45 28.73
C ARG A 938 4.75 11.02 29.00
N PHE A 939 4.60 12.36 28.86
CA PHE A 939 3.32 13.06 28.93
C PHE A 939 2.90 13.26 27.48
N TYR A 940 1.59 13.26 27.20
CA TYR A 940 1.12 13.35 25.83
C TYR A 940 -0.08 14.26 25.66
N ARG A 941 -0.06 15.06 24.59
CA ARG A 941 -1.17 15.93 24.23
C ARG A 941 -1.45 15.82 22.76
N TYR A 942 -2.73 15.69 22.41
CA TYR A 942 -3.14 15.60 21.01
C TYR A 942 -3.86 16.88 20.63
N VAL A 943 -3.37 17.52 19.56
CA VAL A 943 -3.90 18.77 19.05
C VAL A 943 -4.97 18.44 18.00
N LEU A 944 -6.26 18.46 18.41
CA LEU A 944 -7.39 18.13 17.54
C LEU A 944 -8.74 18.57 18.13
N SER A 945 -9.65 19.09 17.29
CA SER A 945 -11.00 19.52 17.66
C SER A 945 -12.02 18.91 16.70
N SER A 946 -13.22 18.56 17.19
CA SER A 946 -14.29 17.94 16.40
C SER A 946 -15.12 18.93 15.58
N SER A 947 -14.95 20.23 15.85
CA SER A 947 -15.63 21.35 15.18
C SER A 947 -14.77 22.62 15.33
N PRO A 948 -14.72 23.54 14.34
CA PRO A 948 -13.83 24.70 14.45
C PRO A 948 -14.10 25.63 15.63
N SER A 949 -13.04 26.29 16.12
CA SER A 949 -13.10 27.24 17.24
C SER A 949 -12.80 28.63 16.70
N PHE A 950 -13.44 29.64 17.28
CA PHE A 950 -13.32 31.00 16.78
C PHE A 950 -12.85 32.03 17.80
N ASP A 951 -12.18 33.05 17.27
CA ASP A 951 -11.55 34.15 17.98
C ASP A 951 -12.57 35.11 18.53
N GLU A 952 -12.10 36.00 19.40
CA GLU A 952 -12.88 37.12 19.96
C GLU A 952 -13.13 38.08 18.77
N SER A 953 -12.14 38.11 17.83
CA SER A 953 -12.06 38.83 16.54
C SER A 953 -12.80 38.06 15.43
N GLY A 954 -13.25 36.85 15.78
CA GLY A 954 -13.95 35.94 14.88
C GLY A 954 -13.08 35.14 13.93
N LYS A 955 -11.74 35.25 14.06
CA LYS A 955 -10.79 34.51 13.21
C LYS A 955 -10.72 33.05 13.71
N VAL A 956 -10.24 32.12 12.89
CA VAL A 956 -10.16 30.75 13.37
C VAL A 956 -9.05 30.58 14.36
N LYS A 957 -9.38 30.04 15.53
CA LYS A 957 -8.44 29.80 16.63
C LYS A 957 -7.40 28.82 16.17
N ALA A 958 -6.13 29.13 16.47
CA ALA A 958 -5.04 28.23 16.18
C ALA A 958 -5.08 27.20 17.30
N LEU A 959 -4.69 25.96 17.01
CA LEU A 959 -4.71 24.93 18.01
C LEU A 959 -3.31 24.61 18.49
N SER A 960 -3.17 24.44 19.81
CA SER A 960 -1.88 24.22 20.47
C SER A 960 -1.93 23.13 21.53
N ALA A 961 -0.76 22.55 21.84
CA ALA A 961 -0.61 21.56 22.90
C ALA A 961 -0.08 22.28 24.13
N ARG A 962 -0.94 22.46 25.13
CA ARG A 962 -0.59 23.16 26.36
C ARG A 962 -0.56 22.18 27.52
N PHE A 963 0.61 22.03 28.14
CA PHE A 963 0.81 21.18 29.30
C PHE A 963 0.88 22.12 30.48
N THR A 964 -0.05 21.98 31.42
CA THR A 964 -0.12 22.82 32.61
C THR A 964 0.28 22.04 33.85
N GLY A 965 0.93 22.72 34.78
CA GLY A 965 1.41 22.15 36.03
C GLY A 965 2.50 21.14 35.80
N VAL A 966 3.49 21.51 34.96
CA VAL A 966 4.66 20.71 34.58
C VAL A 966 5.64 20.62 35.77
N PRO A 967 6.18 19.41 36.12
CA PRO A 967 7.16 19.36 37.22
C PRO A 967 8.37 20.23 36.92
N ARG A 968 8.79 21.02 37.93
CA ARG A 968 9.88 21.99 37.86
C ARG A 968 11.28 21.39 37.75
N GLU A 969 11.50 20.21 38.38
CA GLU A 969 12.81 19.55 38.48
C GLU A 969 13.08 18.42 37.46
N THR A 970 12.05 17.93 36.75
CA THR A 970 12.24 16.83 35.77
C THR A 970 12.82 17.31 34.45
N LEU A 971 13.87 16.61 33.94
CA LEU A 971 14.47 16.91 32.63
C LEU A 971 13.58 16.26 31.58
N LEU A 972 13.08 17.05 30.62
CA LEU A 972 12.16 16.59 29.58
C LEU A 972 12.67 16.82 28.15
N VAL A 973 12.19 15.99 27.20
CA VAL A 973 12.51 16.05 25.77
C VAL A 973 11.19 16.28 25.02
N VAL A 974 11.13 17.27 24.13
CA VAL A 974 9.92 17.54 23.35
C VAL A 974 10.00 16.75 22.05
N GLY A 975 8.95 15.99 21.79
CA GLY A 975 8.85 15.19 20.58
C GLY A 975 7.52 15.39 19.91
N MET A 976 7.53 15.27 18.58
CA MET A 976 6.35 15.42 17.74
C MET A 976 5.90 14.07 17.17
N ASP A 977 4.65 13.71 17.42
CA ASP A 977 4.05 12.47 17.00
C ASP A 977 3.08 12.82 15.86
N VAL A 978 3.68 12.96 14.72
CA VAL A 978 3.12 13.47 13.48
C VAL A 978 2.67 12.39 12.46
N PRO A 979 1.55 12.62 11.73
CA PRO A 979 1.09 11.67 10.70
C PRO A 979 2.18 11.23 9.72
N PRO A 980 2.15 9.97 9.23
CA PRO A 980 3.25 9.44 8.40
C PRO A 980 3.76 10.25 7.24
N ALA A 981 2.91 11.03 6.57
CA ALA A 981 3.41 11.77 5.42
C ALA A 981 4.16 13.04 5.78
N TRP A 982 4.16 13.42 7.04
CA TRP A 982 4.72 14.68 7.47
C TRP A 982 6.18 14.68 7.89
N LEU A 983 6.89 15.79 7.59
CA LEU A 983 8.26 16.07 7.95
C LEU A 983 8.21 17.35 8.76
N VAL A 984 8.64 17.28 10.04
CA VAL A 984 8.53 18.40 10.98
C VAL A 984 9.85 18.77 11.65
N THR A 985 10.10 20.07 11.80
CA THR A 985 11.27 20.64 12.47
C THR A 985 10.88 21.84 13.30
N SER A 986 11.65 22.14 14.36
CA SER A 986 11.41 23.30 15.19
C SER A 986 11.77 24.55 14.42
N LYS A 987 10.93 25.60 14.51
CA LYS A 987 11.17 26.89 13.85
C LYS A 987 11.39 28.01 14.85
N VAL A 988 10.55 28.09 15.89
CA VAL A 988 10.64 29.11 16.93
C VAL A 988 10.73 28.44 18.27
N ALA A 989 11.81 28.71 19.00
CA ALA A 989 12.10 28.23 20.35
C ALA A 989 13.35 28.93 20.79
N VAL A 990 13.41 29.32 22.05
CA VAL A 990 14.57 29.99 22.62
C VAL A 990 15.20 29.05 23.66
N ASP A 991 14.46 27.99 23.97
CA ASP A 991 14.82 26.94 24.90
C ASP A 991 15.43 25.74 24.21
N ASP A 992 16.04 24.85 25.02
CA ASP A 992 16.56 23.60 24.50
C ASP A 992 15.46 22.59 24.69
N LEU A 993 14.87 22.20 23.58
CA LEU A 993 13.78 21.24 23.55
C LEU A 993 14.27 19.84 23.87
N ASP A 994 15.56 19.57 23.65
CA ASP A 994 16.17 18.28 23.99
C ASP A 994 16.48 18.21 25.49
N ASN A 995 16.71 19.35 26.16
CA ASN A 995 17.01 19.41 27.60
C ASN A 995 16.17 20.48 28.33
N LEU A 996 14.85 20.24 28.47
CA LEU A 996 13.94 21.17 29.15
C LEU A 996 13.90 20.95 30.66
N ARG A 997 14.03 22.05 31.42
CA ARG A 997 13.92 22.07 32.88
C ARG A 997 13.34 23.41 33.23
N ILE A 998 12.23 23.44 33.97
CA ILE A 998 11.58 24.70 34.31
C ILE A 998 12.45 25.53 35.26
N LYS A 999 13.08 24.90 36.27
CA LYS A 999 13.92 25.59 37.25
C LYS A 999 15.05 26.42 36.61
N ASP A 1000 15.66 25.91 35.52
CA ASP A 1000 16.74 26.58 34.80
C ASP A 1000 16.23 27.75 33.98
N ILE A 1001 15.09 27.53 33.31
CA ILE A 1001 14.41 28.55 32.49
C ILE A 1001 13.92 29.66 33.38
N LYS A 1002 13.37 29.31 34.55
CA LYS A 1002 12.92 30.30 35.52
C LYS A 1002 14.14 31.10 35.97
N ALA A 1003 15.25 30.41 36.32
CA ALA A 1003 16.49 31.04 36.77
C ALA A 1003 17.31 31.77 35.69
N LYS A 1004 16.98 31.58 34.39
CA LYS A 1004 17.72 32.25 33.31
C LYS A 1004 16.86 33.25 32.55
N ARG A 1005 15.63 32.88 32.25
CA ARG A 1005 14.69 33.70 31.50
C ARG A 1005 13.71 34.48 32.38
N GLY A 1006 13.44 33.97 33.58
CA GLY A 1006 12.51 34.58 34.53
C GLY A 1006 11.09 34.11 34.36
N THR A 1007 10.85 33.26 33.35
CA THR A 1007 9.53 32.75 33.04
C THR A 1007 9.42 31.24 33.23
N GLU A 1008 8.30 30.82 33.79
CA GLU A 1008 7.97 29.41 34.01
C GLU A 1008 7.14 28.90 32.83
N HIS A 1009 6.99 29.72 31.77
CA HIS A 1009 6.19 29.39 30.61
C HIS A 1009 7.04 29.25 29.37
N VAL A 1010 6.95 28.07 28.73
CA VAL A 1010 7.74 27.75 27.54
C VAL A 1010 6.86 27.67 26.31
N GLU A 1011 7.27 28.36 25.25
CA GLU A 1011 6.55 28.36 23.98
C GLU A 1011 7.49 28.01 22.85
N ALA A 1012 7.07 27.03 22.02
CA ALA A 1012 7.81 26.55 20.87
C ALA A 1012 6.89 26.37 19.69
N ILE A 1013 7.38 26.67 18.48
CA ILE A 1013 6.65 26.54 17.23
C ILE A 1013 7.42 25.65 16.26
N TYR A 1014 6.72 24.68 15.68
CA TYR A 1014 7.30 23.81 14.69
C TYR A 1014 6.81 24.15 13.29
N GLU A 1015 7.46 23.63 12.25
CA GLU A 1015 7.05 23.85 10.88
C GLU A 1015 6.87 22.52 10.17
N LEU A 1016 5.75 22.35 9.51
CA LEU A 1016 5.45 21.19 8.68
C LEU A 1016 6.12 21.60 7.36
N GLU A 1017 7.43 21.36 7.26
CA GLU A 1017 8.23 21.83 6.14
C GLU A 1017 7.98 21.12 4.86
N HIS A 1018 7.81 19.80 4.91
CA HIS A 1018 7.58 18.95 3.75
C HIS A 1018 6.51 17.92 4.02
N ILE A 1019 5.93 17.43 2.96
CA ILE A 1019 4.92 16.38 2.88
C ILE A 1019 5.48 15.34 1.86
N LEU A 1020 5.44 14.05 2.23
CA LEU A 1020 6.00 13.01 1.41
C LEU A 1020 5.19 12.55 0.20
N ILE A 1021 5.93 12.22 -0.86
CA ILE A 1021 5.51 11.55 -2.06
C ILE A 1021 6.30 10.27 -1.88
N GLU A 1022 5.62 9.18 -1.57
CA GLU A 1022 6.30 7.90 -1.39
C GLU A 1022 5.62 6.82 -2.21
N GLY A 1023 6.41 5.85 -2.65
CA GLY A 1023 5.87 4.79 -3.47
C GLY A 1023 6.62 3.48 -3.40
N HIS A 1024 5.97 2.43 -3.92
CA HIS A 1024 6.51 1.09 -4.00
C HIS A 1024 6.59 0.64 -5.45
N SER A 1025 7.82 0.60 -5.99
CA SER A 1025 8.10 0.21 -7.36
C SER A 1025 8.06 -1.29 -7.62
N ARG A 1026 7.98 -1.62 -8.92
CA ARG A 1026 8.04 -2.96 -9.46
C ARG A 1026 8.43 -2.93 -10.91
N GLU A 1027 9.17 -3.97 -11.31
CA GLU A 1027 9.61 -4.18 -12.68
C GLU A 1027 8.44 -4.88 -13.39
N ILE A 1028 8.35 -4.74 -14.72
CA ILE A 1028 7.30 -5.37 -15.53
C ILE A 1028 7.99 -6.24 -16.61
N PRO A 1029 7.52 -7.47 -16.88
CA PRO A 1029 6.35 -8.18 -16.28
C PRO A 1029 6.67 -9.07 -15.09
N GLY A 1030 7.95 -9.45 -14.97
CA GLY A 1030 8.49 -10.27 -13.90
C GLY A 1030 8.82 -9.29 -12.82
N ALA A 1031 7.79 -8.96 -12.01
CA ALA A 1031 7.76 -7.93 -10.97
C ALA A 1031 8.69 -8.13 -9.77
N HIS A 1032 9.77 -7.36 -9.77
CA HIS A 1032 10.81 -7.31 -8.74
C HIS A 1032 11.16 -5.86 -8.51
N ALA A 1033 11.70 -5.56 -7.34
CA ALA A 1033 12.09 -4.21 -6.96
C ALA A 1033 13.33 -3.75 -7.74
N PRO A 1034 13.25 -2.67 -8.54
CA PRO A 1034 14.43 -2.22 -9.28
C PRO A 1034 15.35 -1.42 -8.37
N ARG A 1035 16.43 -2.01 -7.87
CA ARG A 1035 17.30 -1.32 -6.93
C ARG A 1035 18.47 -0.65 -7.63
N GLY A 1036 18.74 0.58 -7.23
CA GLY A 1036 19.83 1.36 -7.79
C GLY A 1036 19.35 2.29 -8.88
N VAL A 1037 18.04 2.19 -9.19
CA VAL A 1037 17.39 3.06 -10.17
C VAL A 1037 17.34 4.44 -9.56
N GLN A 1038 17.67 5.47 -10.35
CA GLN A 1038 17.67 6.85 -9.90
C GLN A 1038 16.49 7.59 -10.46
N LEU A 1039 15.85 8.40 -9.63
CA LEU A 1039 14.67 9.15 -10.03
C LEU A 1039 14.84 10.64 -9.85
N VAL A 1040 14.14 11.43 -10.69
CA VAL A 1040 14.16 12.88 -10.61
C VAL A 1040 12.72 13.38 -10.54
N LEU A 1041 12.44 14.26 -9.58
CA LEU A 1041 11.16 14.92 -9.42
C LEU A 1041 11.33 16.29 -10.03
N GLU A 1042 10.36 16.72 -10.83
CA GLU A 1042 10.44 18.01 -11.49
C GLU A 1042 9.14 18.79 -11.47
N THR A 1043 9.26 20.07 -11.80
CA THR A 1043 8.17 21.03 -11.87
C THR A 1043 8.47 21.89 -13.12
N GLU A 1044 7.49 22.60 -13.64
CA GLU A 1044 7.72 23.42 -14.83
C GLU A 1044 8.73 24.56 -14.60
N ASN A 1045 8.87 25.04 -13.35
CA ASN A 1045 9.84 26.06 -12.97
C ASN A 1045 11.24 25.49 -13.00
N ASN A 1046 11.40 24.33 -12.39
CA ASN A 1046 12.70 23.70 -12.31
C ASN A 1046 12.62 22.24 -12.65
N PRO A 1047 13.53 21.80 -13.53
CA PRO A 1047 13.51 20.41 -13.98
C PRO A 1047 14.19 19.45 -13.02
N HIS A 1048 14.56 19.94 -11.82
CA HIS A 1048 15.28 19.17 -10.84
C HIS A 1048 14.91 19.57 -9.42
N PHE A 1049 13.66 19.25 -9.03
CA PHE A 1049 13.16 19.53 -7.70
C PHE A 1049 13.93 18.69 -6.72
N ALA A 1050 13.89 17.38 -6.95
CA ALA A 1050 14.50 16.42 -6.07
C ALA A 1050 14.91 15.19 -6.80
N ASP A 1051 15.65 14.36 -6.12
CA ASP A 1051 16.15 13.11 -6.63
C ASP A 1051 16.38 12.14 -5.51
N THR A 1052 16.11 10.88 -5.80
CA THR A 1052 16.29 9.77 -4.88
C THR A 1052 16.64 8.53 -5.68
N ILE A 1053 17.05 7.47 -4.97
CA ILE A 1053 17.36 6.19 -5.59
C ILE A 1053 16.46 5.11 -5.01
N ILE A 1054 16.07 4.17 -5.86
CA ILE A 1054 15.17 3.09 -5.51
C ILE A 1054 15.85 2.09 -4.60
N MET A 1055 15.17 1.73 -3.51
CA MET A 1055 15.65 0.79 -2.52
C MET A 1055 15.27 -0.64 -2.88
N ALA A 1056 15.97 -1.61 -2.31
CA ALA A 1056 15.72 -3.03 -2.54
C ALA A 1056 14.41 -3.48 -1.88
N ASN A 1057 14.16 -3.00 -0.67
CA ASN A 1057 12.99 -3.40 0.10
C ASN A 1057 11.76 -2.67 -0.35
N LEU A 1058 10.86 -3.41 -1.02
CA LEU A 1058 9.57 -2.96 -1.56
C LEU A 1058 9.71 -1.92 -2.66
N GLY A 1059 10.86 -1.87 -3.31
CA GLY A 1059 11.14 -0.87 -4.34
C GLY A 1059 10.79 0.51 -3.82
N TYR A 1060 11.14 0.76 -2.54
CA TYR A 1060 10.82 1.98 -1.82
C TYR A 1060 11.62 3.20 -2.27
N PHE A 1061 10.97 4.36 -2.30
CA PHE A 1061 11.56 5.66 -2.61
C PHE A 1061 10.68 6.74 -2.00
N GLN A 1062 11.25 7.94 -1.77
CA GLN A 1062 10.48 9.07 -1.25
C GLN A 1062 11.00 10.43 -1.70
N PHE A 1063 10.11 11.39 -1.74
CA PHE A 1063 10.46 12.75 -2.06
C PHE A 1063 9.86 13.68 -1.01
N LYS A 1064 10.54 14.81 -0.73
CA LYS A 1064 10.08 15.79 0.25
C LYS A 1064 9.52 16.90 -0.59
N ALA A 1065 8.19 17.13 -0.50
CA ALA A 1065 7.53 18.17 -1.29
C ALA A 1065 6.37 18.83 -0.58
N ASN A 1066 5.76 19.79 -1.20
CA ASN A 1066 4.60 20.48 -0.66
C ASN A 1066 3.48 20.43 -1.70
N PRO A 1067 2.27 20.98 -1.46
CA PRO A 1067 1.22 20.83 -2.47
C PRO A 1067 1.59 21.38 -3.82
N GLY A 1068 1.25 20.64 -4.88
CA GLY A 1068 1.55 21.08 -6.23
C GLY A 1068 1.60 19.98 -7.26
N VAL A 1069 1.79 20.39 -8.53
CA VAL A 1069 1.87 19.50 -9.68
C VAL A 1069 3.32 19.24 -10.05
N TYR A 1070 3.71 17.95 -9.96
CA TYR A 1070 5.04 17.45 -10.25
C TYR A 1070 5.03 16.36 -11.33
N ASN A 1071 6.23 15.91 -11.74
CA ASN A 1071 6.44 14.86 -12.74
C ASN A 1071 7.66 14.04 -12.33
N ILE A 1072 7.64 12.73 -12.61
CA ILE A 1072 8.77 11.87 -12.29
C ILE A 1072 9.45 11.36 -13.55
N ARG A 1073 10.68 11.81 -13.81
CA ARG A 1073 11.47 11.36 -14.95
C ARG A 1073 12.61 10.53 -14.41
N LEU A 1074 12.93 9.38 -15.05
CA LEU A 1074 14.08 8.57 -14.64
C LEU A 1074 15.30 9.42 -14.93
N LYS A 1075 16.28 9.41 -14.02
CA LYS A 1075 17.49 10.23 -14.20
C LYS A 1075 18.21 9.83 -15.48
N GLU A 1076 18.53 10.85 -16.31
CA GLU A 1076 19.27 10.72 -17.56
C GLU A 1076 20.60 10.04 -17.27
N GLY A 1077 20.86 8.95 -17.98
CA GLY A 1077 22.06 8.16 -17.82
C GLY A 1077 21.75 6.69 -17.99
N ARG A 1078 22.29 5.86 -17.08
CA ARG A 1078 22.08 4.43 -17.12
C ARG A 1078 20.62 4.02 -16.91
N SER A 1079 19.93 4.73 -16.01
CA SER A 1079 18.53 4.45 -15.67
C SER A 1079 17.60 4.54 -16.86
N SER A 1080 17.69 5.64 -17.64
CA SER A 1080 16.85 5.79 -18.83
C SER A 1080 17.32 4.87 -19.96
N GLU A 1081 18.63 4.48 -19.95
CA GLU A 1081 19.20 3.54 -20.92
C GLU A 1081 18.56 2.16 -20.75
N ILE A 1082 18.47 1.65 -19.52
CA ILE A 1082 17.88 0.34 -19.24
C ILE A 1082 16.37 0.32 -19.21
N PHE A 1083 15.75 1.32 -18.56
CA PHE A 1083 14.31 1.31 -18.38
C PHE A 1083 13.53 2.45 -19.03
N THR A 1084 12.22 2.22 -19.09
CA THR A 1084 11.18 3.16 -19.47
C THR A 1084 10.10 2.98 -18.42
N LEU A 1085 9.67 4.06 -17.75
CA LEU A 1085 8.62 3.86 -16.77
C LEU A 1085 7.29 4.20 -17.40
N GLU A 1086 6.46 3.15 -17.55
CA GLU A 1086 5.14 3.24 -18.16
C GLU A 1086 4.25 4.11 -17.30
N SER A 1087 4.33 3.90 -15.97
CA SER A 1087 3.46 4.59 -15.04
C SER A 1087 4.00 4.78 -13.64
N VAL A 1088 3.42 5.78 -12.97
CA VAL A 1088 3.57 6.09 -11.57
C VAL A 1088 2.19 5.62 -11.07
N GLY A 1089 2.15 4.69 -10.13
CA GLY A 1089 0.89 4.07 -9.69
C GLY A 1089 0.01 4.94 -8.83
N ALA A 1090 -0.46 6.05 -9.39
CA ALA A 1090 -1.25 7.04 -8.69
C ALA A 1090 -2.70 6.66 -8.51
N LYS A 1091 -3.17 5.61 -9.19
CA LYS A 1091 -4.56 5.18 -9.12
C LYS A 1091 -4.74 4.02 -8.17
N GLY A 1092 -3.64 3.33 -7.91
CA GLY A 1092 -3.60 2.19 -7.01
C GLY A 1092 -2.55 1.23 -7.46
N TRP A 1093 -2.53 0.03 -6.85
CA TRP A 1093 -1.59 -1.02 -7.24
C TRP A 1093 -1.85 -1.31 -8.73
N GLY A 1094 -3.12 -1.53 -9.09
CA GLY A 1094 -3.59 -1.72 -10.46
C GLY A 1094 -2.81 -2.69 -11.32
N PRO A 1095 -2.66 -2.45 -12.66
CA PRO A 1095 -3.04 -1.24 -13.43
C PRO A 1095 -4.52 -0.96 -13.64
N ILE A 1096 -4.91 0.24 -13.21
CA ILE A 1096 -6.25 0.76 -13.43
C ILE A 1096 -6.12 1.41 -14.81
N PRO A 1097 -7.05 1.21 -15.77
CA PRO A 1097 -6.91 1.91 -17.05
C PRO A 1097 -6.90 3.42 -16.84
N GLY A 1098 -6.14 4.12 -17.69
CA GLY A 1098 -6.04 5.58 -17.64
C GLY A 1098 -4.97 6.09 -16.71
N ASP A 1099 -4.15 5.19 -16.19
CA ASP A 1099 -3.08 5.53 -15.27
C ASP A 1099 -1.70 5.48 -15.91
N ASP A 1100 -1.61 5.34 -17.25
CA ASP A 1100 -0.34 5.29 -18.00
C ASP A 1100 0.21 6.72 -18.02
N ASN A 1101 0.56 7.16 -16.83
CA ASN A 1101 0.91 8.52 -16.50
C ASN A 1101 2.15 8.60 -15.67
N THR A 1102 2.78 9.78 -15.72
CA THR A 1102 3.97 10.00 -14.92
C THR A 1102 3.83 11.28 -14.12
N GLU A 1103 2.59 11.69 -13.89
CA GLU A 1103 2.33 12.91 -13.19
C GLU A 1103 1.89 12.62 -11.77
N VAL A 1104 2.51 13.34 -10.82
CA VAL A 1104 2.14 13.25 -9.40
C VAL A 1104 1.71 14.60 -8.92
N VAL A 1105 0.66 14.62 -8.09
CA VAL A 1105 0.11 15.85 -7.54
C VAL A 1105 -0.15 15.57 -6.06
N LEU A 1106 0.18 16.50 -5.16
CA LEU A 1106 -0.21 16.26 -3.78
C LEU A 1106 -1.11 17.37 -3.32
N MET A 1107 -2.28 16.98 -2.88
CA MET A 1107 -3.39 17.84 -2.48
C MET A 1107 -4.03 17.31 -1.20
N ASP A 1108 -3.23 16.60 -0.38
CA ASP A 1108 -3.70 16.04 0.86
C ASP A 1108 -2.62 16.02 1.88
N PHE A 1109 -3.01 15.94 3.16
CA PHE A 1109 -2.11 15.86 4.30
C PHE A 1109 -1.63 14.42 4.50
N GLN A 1110 -2.06 13.50 3.62
CA GLN A 1110 -1.69 12.09 3.62
C GLN A 1110 -0.62 11.85 2.55
N GLY A 1111 -0.23 12.93 1.89
CA GLY A 1111 0.77 12.93 0.85
C GLY A 1111 0.27 12.27 -0.40
N THR A 1112 1.19 11.57 -1.06
CA THR A 1112 0.89 10.83 -2.27
C THR A 1112 1.53 9.46 -2.18
N THR A 1113 0.70 8.42 -2.29
CA THR A 1113 1.17 7.04 -2.28
C THR A 1113 1.13 6.55 -3.70
N LEU A 1114 2.27 6.06 -4.18
CA LEU A 1114 2.44 5.64 -5.57
C LEU A 1114 2.88 4.19 -5.70
N TYR A 1115 2.50 3.54 -6.81
CA TYR A 1115 2.92 2.18 -7.13
C TYR A 1115 3.41 2.14 -8.58
N PRO A 1116 4.56 2.79 -8.84
CA PRO A 1116 5.11 2.87 -10.20
C PRO A 1116 5.48 1.54 -10.81
N ARG A 1117 5.55 1.50 -12.14
CA ARG A 1117 5.89 0.33 -12.93
C ARG A 1117 6.92 0.71 -13.95
N LEU A 1118 7.92 -0.15 -14.10
CA LEU A 1118 9.05 0.07 -15.00
C LEU A 1118 9.26 -1.18 -15.81
N ARG A 1119 9.25 -1.07 -17.14
CA ARG A 1119 9.53 -2.25 -17.95
C ARG A 1119 10.83 -2.08 -18.68
N ARG A 1120 11.63 -3.14 -18.65
CA ARG A 1120 12.94 -3.17 -19.25
C ARG A 1120 12.90 -2.97 -20.75
N LYS A 1121 13.87 -2.19 -21.25
CA LYS A 1121 14.01 -1.91 -22.66
C LYS A 1121 14.56 -3.14 -23.44
N PRO A 1122 14.38 -3.15 -24.80
CA PRO A 1122 14.81 -4.28 -25.63
C PRO A 1122 15.96 -5.14 -25.13
N GLY A 1123 15.62 -6.40 -24.84
CA GLY A 1123 16.49 -7.48 -24.40
C GLY A 1123 17.52 -7.14 -23.36
N MET A 1124 17.07 -6.71 -22.16
CA MET A 1124 18.04 -6.36 -21.12
C MET A 1124 17.88 -7.16 -19.84
N GLU A 1125 19.02 -7.61 -19.33
CA GLU A 1125 19.22 -8.29 -18.05
C GLU A 1125 20.38 -7.52 -17.38
N GLU A 1126 20.57 -6.26 -17.85
CA GLU A 1126 21.59 -5.30 -17.41
C GLU A 1126 21.34 -4.84 -15.98
N GLU A 1127 22.36 -4.25 -15.35
CA GLU A 1127 22.27 -3.72 -13.98
C GLU A 1127 22.99 -2.37 -13.94
N ASP A 1128 22.34 -1.35 -13.34
CA ASP A 1128 22.86 0.01 -13.21
C ASP A 1128 24.14 0.07 -12.43
N VAL A 1129 24.09 -0.58 -11.27
CA VAL A 1129 25.16 -0.73 -10.31
C VAL A 1129 26.50 -1.16 -11.01
N LEU A 1130 26.45 -1.96 -12.10
CA LEU A 1130 27.70 -2.30 -12.80
C LEU A 1130 27.78 -1.64 -14.21
N GLU A 1131 28.97 -1.10 -14.55
CA GLU A 1131 29.36 -0.43 -15.80
C GLU A 1131 29.08 -1.25 -17.13
N PRO A 1132 28.88 -0.59 -18.31
CA PRO A 1132 28.64 -1.36 -19.55
C PRO A 1132 29.90 -2.03 -20.11
N SER A 1171 35.03 17.07 -10.80
CA SER A 1171 34.86 18.50 -10.55
C SER A 1171 33.39 18.95 -10.60
N VAL A 1172 32.48 18.03 -11.01
CA VAL A 1172 31.03 18.25 -11.14
C VAL A 1172 30.43 18.69 -9.81
N SER A 1173 30.59 17.84 -8.79
CA SER A 1173 30.12 18.05 -7.42
C SER A 1173 30.78 19.25 -6.82
N LYS A 1174 32.09 19.41 -7.07
CA LYS A 1174 32.88 20.52 -6.57
C LYS A 1174 32.30 21.84 -7.06
N THR A 1175 32.04 21.93 -8.37
CA THR A 1175 31.45 23.11 -9.01
C THR A 1175 30.08 23.44 -8.42
N GLU A 1176 29.23 22.43 -8.28
CA GLU A 1176 27.88 22.58 -7.74
C GLU A 1176 27.86 22.93 -6.27
N HIS A 1177 28.71 22.27 -5.50
CA HIS A 1177 28.75 22.35 -4.06
C HIS A 1177 29.99 23.03 -3.54
N ALA A 1178 31.08 22.28 -3.31
CA ALA A 1178 32.34 22.80 -2.80
C ALA A 1178 33.49 21.82 -2.97
N GLU A 1179 34.72 22.30 -2.71
CA GLU A 1179 35.93 21.47 -2.79
C GLU A 1179 35.78 20.36 -1.79
N ILE A 1180 35.34 20.73 -0.57
CA ILE A 1180 35.16 19.85 0.56
C ILE A 1180 33.70 19.81 0.96
N ASN A 1181 33.17 18.61 1.19
CA ASN A 1181 31.81 18.46 1.67
C ASN A 1181 31.86 17.71 2.98
N ILE A 1182 31.52 18.39 4.07
CA ILE A 1182 31.51 17.84 5.42
C ILE A 1182 30.05 17.81 5.95
N PHE A 1183 29.63 16.71 6.60
CA PHE A 1183 28.29 16.61 7.18
C PHE A 1183 28.36 16.25 8.65
N SER A 1184 27.38 16.68 9.46
CA SER A 1184 27.35 16.40 10.90
C SER A 1184 25.95 16.47 11.51
N VAL A 1185 25.84 16.15 12.83
CA VAL A 1185 24.60 16.20 13.64
C VAL A 1185 24.92 16.57 15.11
N ALA A 1186 24.05 17.40 15.74
CA ALA A 1186 24.17 17.84 17.14
C ALA A 1186 22.80 17.78 17.83
N SER A 1187 22.73 17.27 19.06
CA SER A 1187 21.47 17.09 19.79
C SER A 1187 21.39 17.84 21.14
N GLY A 1188 21.89 19.06 21.18
CA GLY A 1188 21.86 19.86 22.39
C GLY A 1188 22.52 21.21 22.15
N HIS A 1189 22.25 22.20 23.03
CA HIS A 1189 22.83 23.54 22.91
C HIS A 1189 24.32 23.49 23.04
N LEU A 1190 24.83 22.59 23.90
CA LEU A 1190 26.26 22.40 24.08
C LEU A 1190 26.87 21.83 22.80
N TYR A 1191 26.30 20.72 22.31
CA TYR A 1191 26.75 20.03 21.11
C TYR A 1191 26.66 20.89 19.87
N GLU A 1192 25.74 21.85 19.85
CA GLU A 1192 25.60 22.80 18.74
C GLU A 1192 26.66 23.86 18.87
N ARG A 1193 27.00 24.25 20.12
CA ARG A 1193 28.04 25.23 20.44
C ARG A 1193 29.40 24.66 20.03
N MET A 1194 29.59 23.35 20.25
CA MET A 1194 30.80 22.63 19.90
C MET A 1194 30.93 22.44 18.38
N LEU A 1195 29.78 22.32 17.69
CA LEU A 1195 29.67 22.16 16.24
C LEU A 1195 30.11 23.45 15.54
N ASN A 1196 29.81 24.60 16.15
CA ASN A 1196 30.19 25.91 15.64
C ASN A 1196 31.71 26.00 15.62
N ILE A 1197 32.35 25.46 16.68
CA ILE A 1197 33.81 25.44 16.85
C ILE A 1197 34.47 24.53 15.82
N MET A 1198 33.86 23.36 15.60
CA MET A 1198 34.34 22.38 14.65
C MET A 1198 34.47 22.99 13.25
N MET A 1199 33.41 23.69 12.80
CA MET A 1199 33.36 24.32 11.49
C MET A 1199 34.44 25.37 11.34
N ALA A 1200 34.63 26.18 12.38
CA ALA A 1200 35.63 27.25 12.42
C ALA A 1200 37.04 26.73 12.30
N SER A 1201 37.35 25.64 13.05
CA SER A 1201 38.68 25.02 13.04
C SER A 1201 39.06 24.57 11.62
N VAL A 1202 38.09 24.00 10.87
CA VAL A 1202 38.27 23.58 9.48
C VAL A 1202 38.70 24.79 8.65
N MET A 1203 37.89 25.88 8.71
CA MET A 1203 38.06 27.13 7.97
C MET A 1203 39.40 27.79 8.17
N HIS A 1204 39.89 27.87 9.42
CA HIS A 1204 41.21 28.45 9.74
C HIS A 1204 42.33 27.60 9.15
N HIS A 1205 42.06 26.29 9.03
CA HIS A 1205 43.03 25.29 8.64
C HIS A 1205 42.99 24.89 7.16
N THR A 1206 42.18 25.58 6.32
CA THR A 1206 42.17 25.34 4.86
C THR A 1206 41.90 26.58 4.03
N ASN A 1207 42.73 26.79 3.00
CA ASN A 1207 42.50 27.87 2.04
C ASN A 1207 41.83 27.19 0.84
N HIS A 1208 40.66 26.57 1.08
CA HIS A 1208 39.90 25.83 0.08
C HIS A 1208 38.40 26.06 0.22
N THR A 1209 37.58 25.58 -0.73
CA THR A 1209 36.14 25.81 -0.64
C THR A 1209 35.46 24.67 0.09
N VAL A 1210 34.68 25.00 1.12
CA VAL A 1210 34.00 24.03 1.99
C VAL A 1210 32.50 24.25 1.99
N LYS A 1211 31.73 23.17 1.99
CA LYS A 1211 30.29 23.18 2.11
C LYS A 1211 29.93 22.30 3.29
N PHE A 1212 29.05 22.77 4.18
CA PHE A 1212 28.62 22.01 5.35
C PHE A 1212 27.21 21.47 5.20
N TRP A 1213 26.99 20.22 5.58
CA TRP A 1213 25.70 19.55 5.48
C TRP A 1213 25.19 19.12 6.85
N PHE A 1214 23.94 19.38 7.16
CA PHE A 1214 23.41 19.08 8.49
C PHE A 1214 22.15 18.26 8.48
N ILE A 1215 21.96 17.41 9.52
CA ILE A 1215 20.71 16.66 9.68
C ILE A 1215 19.74 17.62 10.39
N GLU A 1216 18.96 18.29 9.55
CA GLU A 1216 17.97 19.32 9.79
C GLU A 1216 17.11 19.22 11.06
N GLN A 1217 16.44 18.07 11.31
CA GLN A 1217 15.48 17.94 12.41
C GLN A 1217 16.04 17.82 13.85
N PHE A 1218 17.34 17.55 13.99
CA PHE A 1218 17.94 17.41 15.31
C PHE A 1218 18.53 18.73 15.84
N LEU A 1219 18.45 19.79 15.04
CA LEU A 1219 19.03 21.09 15.36
C LEU A 1219 18.02 22.08 15.92
N SER A 1220 18.50 22.99 16.78
CA SER A 1220 17.68 24.02 17.41
C SER A 1220 17.44 25.19 16.44
N PRO A 1221 16.32 25.92 16.59
CA PRO A 1221 16.07 27.08 15.74
C PRO A 1221 17.10 28.18 15.96
N SER A 1222 17.64 28.27 17.19
CA SER A 1222 18.69 29.23 17.59
C SER A 1222 19.90 28.99 16.70
N PHE A 1223 20.25 27.71 16.50
CA PHE A 1223 21.34 27.28 15.64
C PHE A 1223 20.96 27.54 14.18
N LYS A 1224 19.75 27.16 13.80
CA LYS A 1224 19.23 27.33 12.46
C LYS A 1224 19.22 28.77 11.97
N ASP A 1225 18.83 29.71 12.84
CA ASP A 1225 18.77 31.15 12.56
C ASP A 1225 20.15 31.77 12.53
N PHE A 1226 21.14 31.10 13.15
CA PHE A 1226 22.50 31.60 13.28
C PHE A 1226 23.41 31.35 12.07
N ILE A 1227 23.41 30.13 11.50
CA ILE A 1227 24.31 29.71 10.41
C ILE A 1227 24.51 30.70 9.25
N PRO A 1228 23.51 31.40 8.62
CA PRO A 1228 23.86 32.33 7.53
C PRO A 1228 24.95 33.32 7.96
N HIS A 1229 24.94 33.70 9.25
CA HIS A 1229 25.92 34.60 9.83
C HIS A 1229 27.29 33.92 9.97
N MET A 1230 27.32 32.61 10.24
CA MET A 1230 28.56 31.85 10.31
C MET A 1230 29.13 31.74 8.89
N ALA A 1231 28.23 31.48 7.91
CA ALA A 1231 28.55 31.35 6.48
C ALA A 1231 29.10 32.64 5.88
N ALA A 1232 28.62 33.80 6.33
CA ALA A 1232 29.10 35.07 5.82
C ALA A 1232 30.51 35.33 6.34
N GLU A 1233 30.74 35.06 7.64
CA GLU A 1233 32.02 35.25 8.32
C GLU A 1233 33.13 34.33 7.88
N TYR A 1234 32.84 33.02 7.81
CA TYR A 1234 33.85 32.02 7.51
C TYR A 1234 33.95 31.66 6.03
N GLY A 1235 32.99 32.10 5.24
CA GLY A 1235 33.00 31.92 3.79
C GLY A 1235 32.82 30.51 3.33
N PHE A 1236 31.76 29.85 3.80
CA PHE A 1236 31.40 28.50 3.39
C PHE A 1236 29.95 28.49 2.89
N LYS A 1237 29.51 27.38 2.33
CA LYS A 1237 28.14 27.20 1.89
C LYS A 1237 27.54 26.13 2.78
N TYR A 1238 26.22 26.14 2.98
CA TYR A 1238 25.57 25.11 3.81
C TYR A 1238 24.28 24.62 3.19
N GLU A 1239 23.89 23.40 3.53
CA GLU A 1239 22.62 22.85 3.07
C GLU A 1239 22.05 21.93 4.13
N MET A 1240 20.74 22.08 4.39
CA MET A 1240 20.00 21.26 5.35
C MET A 1240 19.46 20.04 4.63
N VAL A 1241 19.74 18.85 5.19
CA VAL A 1241 19.28 17.58 4.63
C VAL A 1241 18.56 16.75 5.68
N THR A 1242 17.71 15.83 5.21
CA THR A 1242 16.95 14.89 6.04
C THR A 1242 16.31 13.84 5.16
N TYR A 1243 15.78 12.79 5.79
CA TYR A 1243 15.08 11.69 5.16
C TYR A 1243 14.14 11.15 6.21
N LYS A 1244 12.92 10.72 5.82
CA LYS A 1244 12.02 10.20 6.84
C LYS A 1244 12.21 8.74 6.94
N TRP A 1245 12.35 8.27 8.19
CA TRP A 1245 12.52 6.85 8.53
C TRP A 1245 11.38 6.02 7.91
N PRO A 1246 11.72 5.13 6.96
CA PRO A 1246 10.71 4.28 6.30
C PRO A 1246 9.81 3.49 7.26
N HIS A 1247 8.56 3.25 6.85
CA HIS A 1247 7.58 2.53 7.67
C HIS A 1247 7.96 1.08 7.88
N TRP A 1248 8.56 0.44 6.87
CA TRP A 1248 8.99 -0.96 6.90
C TRP A 1248 10.21 -1.14 7.79
N LEU A 1249 11.14 -0.17 7.75
CA LEU A 1249 12.38 -0.15 8.51
C LEU A 1249 12.09 0.00 9.99
N ARG A 1250 12.85 -0.73 10.82
CA ARG A 1250 12.64 -0.79 12.26
C ARG A 1250 13.01 0.47 12.99
N GLN A 1251 12.03 0.99 13.75
CA GLN A 1251 12.08 2.21 14.56
C GLN A 1251 13.06 2.14 15.74
N GLN A 1252 13.37 3.32 16.31
CA GLN A 1252 14.16 3.51 17.50
C GLN A 1252 13.38 4.38 18.47
N LYS A 1253 12.93 3.78 19.60
CA LYS A 1253 12.17 4.49 20.64
C LYS A 1253 13.07 5.55 21.34
N GLU A 1254 14.37 5.26 21.40
CA GLU A 1254 15.40 6.05 22.05
C GLU A 1254 16.09 6.97 21.05
N LYS A 1255 15.88 8.30 21.22
CA LYS A 1255 16.37 9.37 20.36
C LYS A 1255 17.85 9.30 20.01
N GLN A 1256 18.72 9.00 21.00
CA GLN A 1256 20.17 8.90 20.76
C GLN A 1256 20.47 7.84 19.70
N ARG A 1257 19.71 6.75 19.75
CA ARG A 1257 19.83 5.65 18.80
C ARG A 1257 19.35 6.09 17.43
N GLU A 1258 18.28 6.91 17.36
CA GLU A 1258 17.74 7.47 16.10
C GLU A 1258 18.86 8.18 15.36
N ILE A 1259 19.53 9.12 16.07
CA ILE A 1259 20.63 9.95 15.60
C ILE A 1259 21.73 9.12 14.97
N TRP A 1260 22.18 8.07 15.66
CA TRP A 1260 23.20 7.17 15.18
C TRP A 1260 22.81 6.51 13.85
N GLY A 1261 21.53 6.10 13.76
CA GLY A 1261 20.93 5.49 12.57
C GLY A 1261 20.97 6.40 11.37
N TYR A 1262 20.78 7.71 11.62
CA TYR A 1262 20.80 8.74 10.59
C TYR A 1262 22.15 8.92 9.93
N LYS A 1263 23.23 8.64 10.67
CA LYS A 1263 24.58 8.78 10.14
C LYS A 1263 24.99 7.64 9.23
N ILE A 1264 24.39 6.46 9.41
CA ILE A 1264 24.83 5.28 8.67
C ILE A 1264 23.78 4.65 7.72
N LEU A 1265 22.49 4.60 8.11
CA LEU A 1265 21.45 3.94 7.33
C LEU A 1265 21.03 4.62 6.03
N PHE A 1266 21.05 5.95 5.94
CA PHE A 1266 20.54 6.63 4.75
C PHE A 1266 21.56 7.44 3.94
N LEU A 1267 22.86 7.07 3.96
CA LEU A 1267 23.95 7.79 3.27
C LEU A 1267 23.75 7.99 1.77
N ASP A 1268 23.22 6.97 1.09
CA ASP A 1268 22.96 6.98 -0.34
C ASP A 1268 21.79 7.87 -0.78
N VAL A 1269 20.78 8.01 0.11
CA VAL A 1269 19.54 8.72 -0.19
C VAL A 1269 19.42 10.09 0.48
N LEU A 1270 20.25 10.37 1.50
CA LEU A 1270 20.23 11.64 2.25
C LEU A 1270 20.78 12.82 1.46
N PHE A 1271 21.75 12.58 0.57
CA PHE A 1271 22.43 13.60 -0.23
C PHE A 1271 22.04 13.54 -1.71
N PRO A 1272 21.95 14.71 -2.38
CA PRO A 1272 21.61 14.70 -3.82
C PRO A 1272 22.62 13.95 -4.66
N LEU A 1273 22.16 13.32 -5.75
CA LEU A 1273 22.98 12.52 -6.66
C LEU A 1273 24.18 13.25 -7.21
N SER A 1274 24.05 14.58 -7.38
CA SER A 1274 25.10 15.46 -7.90
C SER A 1274 26.36 15.49 -7.01
N LEU A 1275 26.27 15.00 -5.77
CA LEU A 1275 27.38 14.96 -4.82
C LEU A 1275 28.24 13.73 -4.97
N ASP A 1276 29.50 13.93 -5.35
CA ASP A 1276 30.45 12.84 -5.54
C ASP A 1276 30.83 12.19 -4.21
N LYS A 1277 31.20 12.98 -3.21
CA LYS A 1277 31.69 12.46 -1.94
C LYS A 1277 31.36 13.40 -0.78
N VAL A 1278 31.32 12.85 0.47
CA VAL A 1278 31.06 13.59 1.71
C VAL A 1278 31.96 13.06 2.84
N ILE A 1279 32.19 13.88 3.89
CA ILE A 1279 32.99 13.54 5.07
C ILE A 1279 32.19 13.80 6.36
N PHE A 1280 32.11 12.81 7.28
CA PHE A 1280 31.44 13.04 8.56
C PHE A 1280 32.47 13.44 9.60
N VAL A 1281 32.19 14.51 10.34
CA VAL A 1281 33.02 14.99 11.43
C VAL A 1281 32.06 15.19 12.62
N ASP A 1282 32.37 14.57 13.77
CA ASP A 1282 31.51 14.68 14.96
C ASP A 1282 31.49 16.09 15.52
N ALA A 1283 30.37 16.47 16.16
CA ALA A 1283 30.18 17.80 16.73
C ALA A 1283 31.25 18.21 17.75
N ASP A 1284 31.63 17.30 18.65
CA ASP A 1284 32.64 17.53 19.68
C ASP A 1284 34.08 17.63 19.12
N GLN A 1285 34.26 17.28 17.84
CA GLN A 1285 35.58 17.31 17.19
C GLN A 1285 36.12 18.66 16.90
N ILE A 1286 37.44 18.72 16.66
CA ILE A 1286 38.24 19.90 16.30
C ILE A 1286 39.28 19.45 15.29
N VAL A 1287 39.52 20.24 14.24
CA VAL A 1287 40.45 19.84 13.17
C VAL A 1287 41.53 20.86 12.96
N ARG A 1288 42.80 20.39 12.94
CA ARG A 1288 44.00 21.16 12.69
C ARG A 1288 44.55 21.02 11.25
N THR A 1289 43.98 20.06 10.52
CA THR A 1289 44.33 19.68 9.16
C THR A 1289 43.57 20.46 8.10
N ASP A 1290 44.18 20.62 6.90
CA ASP A 1290 43.49 21.10 5.71
C ASP A 1290 42.76 19.82 5.30
N MET A 1291 41.44 19.85 5.36
CA MET A 1291 40.58 18.70 5.19
C MET A 1291 40.56 18.06 3.82
N TYR A 1292 41.07 18.73 2.78
CA TYR A 1292 41.11 18.18 1.42
C TYR A 1292 41.79 16.86 1.46
N ASP A 1293 42.97 16.80 2.07
CA ASP A 1293 43.78 15.59 2.19
C ASP A 1293 42.93 14.34 2.33
N LEU A 1294 41.84 14.38 3.13
CA LEU A 1294 40.92 13.26 3.30
C LEU A 1294 40.22 12.84 1.99
N VAL A 1295 39.86 13.81 1.15
CA VAL A 1295 39.28 13.60 -0.17
C VAL A 1295 40.30 12.85 -1.03
N GLU A 1296 41.50 13.43 -1.20
CA GLU A 1296 42.60 12.87 -1.99
C GLU A 1296 43.10 11.50 -1.53
N HIS A 1297 42.79 11.12 -0.25
CA HIS A 1297 43.20 9.84 0.29
C HIS A 1297 42.66 8.71 -0.56
N PRO A 1298 43.57 7.84 -1.06
CA PRO A 1298 43.11 6.72 -1.90
C PRO A 1298 42.28 5.75 -1.08
N LEU A 1299 41.11 5.40 -1.61
CA LEU A 1299 40.23 4.48 -0.92
C LEU A 1299 40.31 3.07 -1.46
N ASP A 1300 41.09 2.90 -2.55
CA ASP A 1300 41.33 1.65 -3.26
C ASP A 1300 40.02 0.89 -3.51
N GLY A 1301 39.12 1.55 -4.24
CA GLY A 1301 37.82 1.02 -4.60
C GLY A 1301 36.89 0.66 -3.47
N ALA A 1302 37.06 1.30 -2.28
CA ALA A 1302 36.18 1.05 -1.14
C ALA A 1302 35.13 2.17 -1.03
N PRO A 1303 33.88 1.87 -0.61
CA PRO A 1303 32.84 2.91 -0.54
C PRO A 1303 33.05 3.99 0.51
N TYR A 1304 33.60 3.62 1.67
CA TYR A 1304 33.83 4.56 2.75
C TYR A 1304 35.10 4.22 3.55
N GLY A 1305 35.73 5.25 4.14
CA GLY A 1305 36.96 5.10 4.90
C GLY A 1305 36.84 5.56 6.34
N PHE A 1306 37.34 4.75 7.28
CA PHE A 1306 37.31 5.04 8.71
C PHE A 1306 38.70 4.98 9.35
N ALA A 1307 38.82 5.56 10.56
CA ALA A 1307 40.05 5.55 11.35
C ALA A 1307 39.94 4.56 12.52
N PRO A 1308 40.98 3.75 12.81
CA PRO A 1308 40.86 2.75 13.88
C PRO A 1308 40.99 3.28 15.30
N MET A 1309 40.72 2.39 16.27
CA MET A 1309 40.86 2.65 17.70
C MET A 1309 42.32 2.64 18.05
N CYS A 1310 42.71 3.61 18.86
CA CYS A 1310 44.07 3.80 19.35
C CYS A 1310 44.51 2.64 20.22
N ASP A 1311 45.71 2.16 19.96
CA ASP A 1311 46.32 1.08 20.73
C ASP A 1311 47.41 1.66 21.64
N SER A 1312 47.88 2.87 21.26
CA SER A 1312 48.96 3.66 21.83
C SER A 1312 48.88 3.84 23.35
N ARG A 1313 47.71 4.20 23.93
CA ARG A 1313 47.61 4.29 25.41
C ARG A 1313 47.89 2.90 25.97
N VAL A 1314 48.83 2.80 26.92
CA VAL A 1314 49.37 1.55 27.46
C VAL A 1314 48.49 0.82 28.49
N GLU A 1315 47.99 1.53 29.49
CA GLU A 1315 47.26 1.07 30.67
C GLU A 1315 45.74 1.15 30.56
N MET A 1316 45.24 1.41 29.37
CA MET A 1316 43.82 1.55 29.20
C MET A 1316 43.08 0.23 28.94
N GLU A 1317 43.83 -0.81 28.51
CA GLU A 1317 43.41 -2.15 28.07
C GLU A 1317 42.10 -2.71 28.63
N GLY A 1318 41.90 -2.68 29.94
CA GLY A 1318 40.70 -3.20 30.60
C GLY A 1318 39.40 -2.85 29.91
N TYR A 1319 39.24 -1.56 29.55
CA TYR A 1319 38.04 -1.04 28.89
C TYR A 1319 38.08 -1.16 27.36
N ARG A 1320 39.09 -1.86 26.79
CA ARG A 1320 39.16 -2.13 25.35
C ARG A 1320 38.40 -3.42 25.11
N PHE A 1321 37.10 -3.31 24.89
CA PHE A 1321 36.17 -4.43 24.73
C PHE A 1321 36.21 -5.09 23.35
N TRP A 1322 36.97 -4.54 22.42
CA TRP A 1322 37.05 -5.09 21.06
C TRP A 1322 38.25 -6.04 20.87
N LYS A 1323 38.73 -6.59 21.98
CA LYS A 1323 39.81 -7.57 22.03
C LYS A 1323 39.26 -8.78 22.79
N THR A 1324 37.95 -8.74 23.10
CA THR A 1324 37.20 -9.77 23.82
C THR A 1324 36.73 -10.82 22.83
N GLY A 1325 36.14 -11.90 23.36
CA GLY A 1325 35.60 -13.01 22.60
C GLY A 1325 34.76 -12.59 21.42
N TYR A 1326 33.57 -12.00 21.65
CA TYR A 1326 32.69 -11.63 20.55
C TYR A 1326 33.33 -10.74 19.49
N TRP A 1327 33.94 -9.62 19.88
CA TRP A 1327 34.49 -8.74 18.85
C TRP A 1327 35.76 -9.30 18.22
N ALA A 1328 36.65 -9.93 18.99
CA ALA A 1328 37.86 -10.51 18.40
C ALA A 1328 37.60 -11.77 17.57
N ASN A 1329 36.58 -12.61 17.94
CA ASN A 1329 36.24 -13.81 17.13
C ASN A 1329 35.73 -13.29 15.80
N TYR A 1330 34.74 -12.37 15.84
CA TYR A 1330 34.13 -11.78 14.65
C TYR A 1330 35.16 -11.04 13.79
N LEU A 1331 35.84 -10.01 14.34
CA LEU A 1331 36.87 -9.25 13.62
C LEU A 1331 38.12 -10.11 13.69
N LYS A 1332 38.18 -11.11 12.79
CA LYS A 1332 39.28 -12.08 12.75
C LYS A 1332 40.64 -11.39 12.75
N GLY A 1333 40.87 -10.49 11.80
CA GLY A 1333 42.09 -9.69 11.75
C GLY A 1333 41.79 -8.21 11.60
N LYS A 1334 40.56 -7.91 11.15
CA LYS A 1334 40.08 -6.56 10.86
C LYS A 1334 39.94 -5.65 12.09
N PRO A 1335 40.19 -4.31 11.88
CA PRO A 1335 40.16 -3.34 13.00
C PRO A 1335 38.77 -2.96 13.52
N TYR A 1336 38.75 -2.41 14.75
CA TYR A 1336 37.54 -1.91 15.37
C TYR A 1336 37.62 -0.42 15.18
N HIS A 1337 36.79 0.11 14.27
CA HIS A 1337 36.79 1.48 13.80
C HIS A 1337 35.95 2.49 14.62
N ILE A 1338 36.25 3.80 14.43
CA ILE A 1338 35.61 4.93 15.10
C ILE A 1338 34.74 5.73 14.16
N SER A 1339 33.48 5.90 14.58
CA SER A 1339 32.44 6.62 13.83
C SER A 1339 32.40 8.11 14.06
N ALA A 1340 33.44 8.68 14.67
CA ALA A 1340 33.49 10.11 14.88
C ALA A 1340 33.91 10.83 13.58
N LEU A 1341 34.74 10.17 12.75
CA LEU A 1341 35.23 10.66 11.46
C LEU A 1341 35.26 9.55 10.43
N TYR A 1342 34.79 9.85 9.20
CA TYR A 1342 34.80 8.94 8.05
C TYR A 1342 34.50 9.60 6.71
N VAL A 1343 34.99 9.00 5.61
CA VAL A 1343 34.80 9.49 4.23
C VAL A 1343 33.80 8.58 3.57
N VAL A 1344 32.88 9.13 2.77
CA VAL A 1344 31.97 8.32 1.99
C VAL A 1344 32.16 8.70 0.51
N ASP A 1345 32.71 7.80 -0.33
CA ASP A 1345 32.81 8.01 -1.78
C ASP A 1345 31.41 7.63 -2.21
N LEU A 1346 30.50 8.61 -2.16
CA LEU A 1346 29.09 8.43 -2.44
C LEU A 1346 28.78 7.78 -3.78
N GLN A 1347 29.45 8.18 -4.87
CA GLN A 1347 29.25 7.59 -6.19
C GLN A 1347 29.48 6.09 -6.13
N ARG A 1348 30.57 5.66 -5.47
CA ARG A 1348 30.89 4.25 -5.27
C ARG A 1348 29.90 3.61 -4.29
N PHE A 1349 29.58 4.28 -3.19
CA PHE A 1349 28.64 3.78 -2.18
C PHE A 1349 27.34 3.31 -2.83
N ARG A 1350 26.71 4.20 -3.63
CA ARG A 1350 25.46 3.94 -4.36
C ARG A 1350 25.68 2.86 -5.40
N GLU A 1351 26.82 2.93 -6.13
CA GLU A 1351 27.23 1.96 -7.15
C GLU A 1351 27.35 0.56 -6.55
N LEU A 1352 27.84 0.45 -5.32
CA LEU A 1352 27.97 -0.83 -4.67
C LEU A 1352 26.66 -1.25 -4.00
N ALA A 1353 25.69 -0.32 -3.86
CA ALA A 1353 24.38 -0.51 -3.21
C ALA A 1353 24.59 -0.98 -1.80
N ALA A 1354 25.50 -0.27 -1.11
CA ALA A 1354 25.91 -0.55 0.25
C ALA A 1354 24.79 -0.31 1.25
N GLY A 1355 24.05 0.78 1.06
CA GLY A 1355 22.94 1.21 1.91
C GLY A 1355 21.91 0.14 2.19
N ASP A 1356 21.44 -0.53 1.12
CA ASP A 1356 20.44 -1.61 1.18
C ASP A 1356 20.87 -2.72 2.13
N ARG A 1357 22.16 -3.06 2.08
CA ARG A 1357 22.77 -4.10 2.89
C ARG A 1357 22.82 -3.69 4.34
N LEU A 1358 23.24 -2.42 4.60
CA LEU A 1358 23.30 -1.85 5.94
C LEU A 1358 21.91 -1.91 6.57
N ARG A 1359 20.89 -1.39 5.84
CA ARG A 1359 19.50 -1.36 6.25
C ARG A 1359 18.92 -2.73 6.57
N GLN A 1360 19.10 -3.75 5.68
CA GLN A 1360 18.53 -5.08 5.96
C GLN A 1360 19.29 -5.81 7.07
N GLN A 1361 20.62 -5.60 7.20
CA GLN A 1361 21.37 -6.21 8.30
C GLN A 1361 20.93 -5.60 9.61
N TYR A 1362 20.80 -4.26 9.67
CA TYR A 1362 20.32 -3.53 10.84
C TYR A 1362 18.94 -4.05 11.27
N HIS A 1363 17.99 -4.15 10.33
CA HIS A 1363 16.61 -4.60 10.59
C HIS A 1363 16.61 -6.01 11.17
N ALA A 1364 17.42 -6.90 10.59
CA ALA A 1364 17.55 -8.28 11.01
C ALA A 1364 18.19 -8.40 12.40
N LEU A 1365 19.28 -7.66 12.65
CA LEU A 1365 20.01 -7.67 13.92
C LEU A 1365 19.20 -7.04 15.06
N SER A 1366 18.45 -5.97 14.73
CA SER A 1366 17.63 -5.16 15.62
C SER A 1366 16.48 -5.89 16.36
N ALA A 1367 16.10 -7.13 15.93
CA ALA A 1367 15.06 -7.92 16.59
C ALA A 1367 15.45 -8.15 18.04
N ASP A 1368 16.76 -8.40 18.28
CA ASP A 1368 17.32 -8.55 19.61
C ASP A 1368 17.60 -7.12 20.11
N PRO A 1369 17.04 -6.70 21.26
CA PRO A 1369 17.26 -5.33 21.73
C PRO A 1369 18.70 -4.95 22.10
N ASN A 1370 19.48 -5.93 22.58
CA ASN A 1370 20.85 -5.72 23.03
C ASN A 1370 21.91 -5.91 21.92
N SER A 1371 21.44 -5.96 20.66
CA SER A 1371 22.23 -6.21 19.45
C SER A 1371 23.34 -5.23 19.11
N LEU A 1372 23.02 -3.91 19.05
CA LEU A 1372 24.03 -2.91 18.69
C LEU A 1372 24.13 -1.89 19.79
N ALA A 1373 25.23 -1.93 20.57
CA ALA A 1373 25.47 -1.02 21.68
C ALA A 1373 25.46 0.42 21.12
N ASN A 1374 26.36 0.67 20.16
CA ASN A 1374 26.49 1.92 19.44
C ASN A 1374 26.39 1.47 18.01
N LEU A 1375 25.21 1.61 17.39
CA LEU A 1375 25.02 1.09 16.04
C LEU A 1375 25.95 1.72 15.03
N ASP A 1376 26.12 3.04 15.07
CA ASP A 1376 26.97 3.77 14.14
C ASP A 1376 28.33 3.13 13.98
N GLN A 1377 28.99 2.77 15.10
CA GLN A 1377 30.29 2.11 15.07
C GLN A 1377 30.17 0.66 14.67
N ASP A 1378 29.22 -0.04 15.30
CA ASP A 1378 29.00 -1.46 15.14
C ASP A 1378 28.54 -1.89 13.77
N LEU A 1379 27.71 -1.11 13.07
CA LEU A 1379 27.25 -1.55 11.77
C LEU A 1379 28.38 -1.58 10.73
N PRO A 1380 29.20 -0.52 10.50
CA PRO A 1380 30.31 -0.66 9.54
C PRO A 1380 31.30 -1.77 9.88
N ASN A 1381 31.54 -2.02 11.20
CA ASN A 1381 32.44 -3.08 11.65
C ASN A 1381 31.90 -4.46 11.36
N HIS A 1382 30.59 -4.67 11.57
CA HIS A 1382 29.90 -5.94 11.30
C HIS A 1382 29.80 -6.18 9.79
N MET A 1383 29.82 -5.12 8.99
CA MET A 1383 29.71 -5.21 7.55
C MET A 1383 31.04 -5.10 6.81
N GLN A 1384 32.21 -5.08 7.52
CA GLN A 1384 33.47 -4.89 6.78
C GLN A 1384 33.92 -6.13 6.01
N PHE A 1385 33.32 -7.28 6.27
CA PHE A 1385 33.62 -8.47 5.51
C PHE A 1385 32.95 -8.37 4.17
N THR A 1386 31.66 -8.04 4.22
CA THR A 1386 30.72 -7.87 3.10
C THR A 1386 30.97 -6.60 2.28
N ILE A 1387 31.15 -5.45 2.97
CA ILE A 1387 31.39 -4.12 2.43
C ILE A 1387 32.77 -3.64 2.85
N PRO A 1388 33.68 -3.40 1.89
CA PRO A 1388 35.03 -2.95 2.24
C PRO A 1388 35.05 -1.64 3.00
N ILE A 1389 35.93 -1.55 4.00
CA ILE A 1389 36.17 -0.32 4.74
C ILE A 1389 37.64 -0.02 4.53
N ALA A 1390 37.92 1.13 3.91
CA ALA A 1390 39.29 1.58 3.73
C ALA A 1390 39.73 2.04 5.12
N THR A 1391 40.91 1.62 5.57
CA THR A 1391 41.38 2.02 6.90
C THR A 1391 42.28 3.21 6.74
N LEU A 1392 42.12 4.14 7.67
CA LEU A 1392 42.83 5.41 7.67
C LEU A 1392 44.07 5.46 8.52
N PRO A 1393 45.06 6.30 8.11
CA PRO A 1393 46.20 6.54 8.98
C PRO A 1393 45.69 7.07 10.33
N GLN A 1394 46.27 6.63 11.43
CA GLN A 1394 45.81 7.08 12.74
C GLN A 1394 46.27 8.48 13.07
N GLU A 1395 46.97 9.12 12.13
CA GLU A 1395 47.35 10.52 12.24
C GLU A 1395 46.00 11.22 12.27
N TRP A 1396 44.95 10.58 11.69
CA TRP A 1396 43.59 11.13 11.55
C TRP A 1396 42.69 11.16 12.76
N LEU A 1397 43.06 10.50 13.87
CA LEU A 1397 42.21 10.60 15.05
C LEU A 1397 42.98 10.52 16.32
N TRP A 1398 42.59 11.37 17.27
CA TRP A 1398 43.19 11.42 18.58
C TRP A 1398 42.14 11.55 19.65
N CYS A 1399 42.29 10.74 20.67
CA CYS A 1399 41.45 10.79 21.84
C CYS A 1399 42.31 10.47 23.02
N GLU A 1400 42.30 11.35 24.03
CA GLU A 1400 43.10 11.17 25.24
C GLU A 1400 42.90 9.79 25.86
N THR A 1401 41.62 9.38 26.05
CA THR A 1401 41.19 8.10 26.62
C THR A 1401 41.95 6.90 26.05
N TRP A 1402 42.16 6.83 24.72
CA TRP A 1402 42.81 5.66 24.13
C TRP A 1402 44.17 5.91 23.41
N CYS A 1403 44.58 7.19 23.17
CA CYS A 1403 45.87 7.55 22.55
C CYS A 1403 46.81 8.22 23.55
N SER A 1404 48.13 7.95 23.46
CA SER A 1404 49.14 8.55 24.32
C SER A 1404 49.32 10.05 24.02
N ASP A 1405 49.83 10.82 25.00
CA ASP A 1405 50.08 12.26 24.85
C ASP A 1405 51.16 12.57 23.82
N GLU A 1406 52.11 11.64 23.63
CA GLU A 1406 53.19 11.73 22.64
C GLU A 1406 52.64 11.75 21.22
N THR A 1407 51.53 11.01 21.01
CA THR A 1407 50.82 10.84 19.74
C THR A 1407 50.30 12.17 19.16
N LEU A 1408 49.68 13.04 19.99
CA LEU A 1408 49.03 14.30 19.57
C LEU A 1408 49.90 15.29 18.74
N LYS A 1409 51.24 15.19 18.76
CA LYS A 1409 52.10 16.08 17.95
C LYS A 1409 51.80 15.92 16.47
N ASP A 1410 51.62 14.65 16.04
CA ASP A 1410 51.31 14.29 14.66
C ASP A 1410 49.80 14.07 14.48
N ALA A 1411 48.97 14.51 15.45
CA ALA A 1411 47.52 14.34 15.33
C ALA A 1411 46.89 15.37 14.41
N ARG A 1412 45.96 14.89 13.57
CA ARG A 1412 45.23 15.66 12.58
C ARG A 1412 43.93 16.22 13.15
N THR A 1413 43.13 15.41 13.87
CA THR A 1413 41.85 15.83 14.48
C THR A 1413 41.66 15.13 15.82
N ILE A 1414 40.86 15.74 16.72
CA ILE A 1414 40.61 15.23 18.08
C ILE A 1414 39.14 14.98 18.42
N ASP A 1415 38.78 13.75 18.78
CA ASP A 1415 37.44 13.47 19.28
C ASP A 1415 37.54 13.55 20.79
N LEU A 1416 36.46 13.94 21.44
CA LEU A 1416 36.39 13.94 22.88
C LEU A 1416 35.59 12.69 23.26
N CYS A 1417 36.19 11.51 23.22
CA CYS A 1417 35.46 10.30 23.57
C CYS A 1417 35.35 10.20 25.09
N ASN A 1418 34.26 9.62 25.59
CA ASN A 1418 33.94 9.44 27.01
C ASN A 1418 35.02 8.70 27.79
N LYS A 1423 35.67 10.99 35.34
CA LYS A 1423 34.37 11.31 34.76
C LYS A 1423 34.21 12.82 34.53
N GLU A 1424 35.35 13.50 34.26
CA GLU A 1424 35.43 14.93 33.94
C GLU A 1424 34.51 15.20 32.73
N PRO A 1425 33.80 16.35 32.70
CA PRO A 1425 32.86 16.58 31.60
C PRO A 1425 33.49 17.11 30.33
N LYS A 1426 32.74 17.02 29.21
CA LYS A 1426 33.15 17.44 27.88
C LYS A 1426 33.63 18.89 27.78
N LEU A 1427 33.00 19.83 28.50
CA LEU A 1427 33.42 21.24 28.49
C LEU A 1427 34.84 21.38 29.04
N ASP A 1428 35.17 20.60 30.09
CA ASP A 1428 36.47 20.58 30.74
C ASP A 1428 37.56 20.02 29.84
N ARG A 1429 37.30 18.88 29.16
CA ARG A 1429 38.25 18.22 28.26
C ARG A 1429 38.67 19.18 27.16
N ALA A 1430 37.73 19.86 26.51
CA ALA A 1430 37.98 20.81 25.44
C ALA A 1430 39.02 21.89 25.78
N ARG A 1431 38.82 22.58 26.92
CA ARG A 1431 39.70 23.66 27.35
C ARG A 1431 41.07 23.15 27.73
N ARG A 1432 41.14 22.01 28.43
CA ARG A 1432 42.39 21.42 28.86
C ARG A 1432 43.12 20.72 27.71
N GLN A 1433 42.40 19.89 26.93
CA GLN A 1433 42.93 19.10 25.80
C GLN A 1433 43.39 19.98 24.65
N VAL A 1434 42.61 21.01 24.27
CA VAL A 1434 42.99 21.91 23.17
C VAL A 1434 43.09 23.36 23.65
N PRO A 1435 44.28 24.01 23.47
CA PRO A 1435 44.42 25.39 23.94
C PRO A 1435 43.72 26.43 23.06
N GLU A 1436 43.60 26.13 21.75
CA GLU A 1436 42.99 27.04 20.77
C GLU A 1436 41.46 26.97 20.75
N TRP A 1437 40.85 26.08 21.57
CA TRP A 1437 39.39 25.91 21.68
C TRP A 1437 38.73 27.21 22.13
N THR A 1438 39.36 27.91 23.10
CA THR A 1438 38.87 29.18 23.64
C THR A 1438 38.89 30.28 22.58
N LYS A 1439 39.98 30.36 21.77
CA LYS A 1439 40.13 31.31 20.67
C LYS A 1439 38.95 31.19 19.71
N TYR A 1440 38.55 29.94 19.37
CA TYR A 1440 37.40 29.66 18.51
C TYR A 1440 36.11 30.06 19.18
N ASP A 1441 35.94 29.70 20.47
CA ASP A 1441 34.77 30.03 21.26
C ASP A 1441 34.54 31.55 21.38
N GLU A 1442 35.63 32.34 21.60
CA GLU A 1442 35.59 33.81 21.70
C GLU A 1442 35.06 34.41 20.40
N GLU A 1443 35.56 33.92 19.24
CA GLU A 1443 35.16 34.34 17.89
C GLU A 1443 33.67 34.20 17.69
N ILE A 1444 33.09 33.01 18.01
CA ILE A 1444 31.67 32.71 17.92
C ILE A 1444 30.90 33.61 18.89
N ALA A 1445 31.35 33.69 20.16
CA ALA A 1445 30.75 34.49 21.22
C ALA A 1445 30.55 35.95 20.83
N GLU A 1446 31.60 36.63 20.30
CA GLU A 1446 31.51 38.04 19.90
C GLU A 1446 30.59 38.21 18.71
N LEU A 1447 30.64 37.29 17.75
CA LEU A 1447 29.78 37.33 16.57
C LEU A 1447 28.32 37.20 16.95
N ALA A 1448 27.99 36.26 17.85
CA ALA A 1448 26.63 36.07 18.35
C ALA A 1448 26.13 37.37 18.95
N ARG A 1449 26.98 38.06 19.75
CA ARG A 1449 26.63 39.33 20.35
C ARG A 1449 26.53 40.43 19.30
N ARG A 1450 27.40 40.39 18.27
CA ARG A 1450 27.43 41.33 17.16
C ARG A 1450 26.13 41.29 16.37
N VAL A 1451 25.59 40.06 16.18
CA VAL A 1451 24.32 39.75 15.52
C VAL A 1451 23.14 40.23 16.37
N ARG A 1452 23.16 39.90 17.68
CA ARG A 1452 22.15 40.28 18.67
C ARG A 1452 22.07 41.80 18.82
N GLU A 1453 23.20 42.51 18.65
CA GLU A 1453 23.29 43.96 18.69
C GLU A 1453 23.18 44.60 17.30
N GLU A 1454 22.90 43.80 16.26
CA GLU A 1454 22.70 44.26 14.88
C GLU A 1454 21.17 44.40 14.64
N LYS A 1455 20.59 45.60 14.79
CA LYS A 1455 19.14 45.70 14.60
C LYS A 1455 18.69 46.68 13.50
N PRO A 1456 18.04 46.13 12.44
CA PRO A 1456 17.57 46.98 11.32
C PRO A 1456 16.18 47.59 11.56
#